data_7ZEF
# 
_entry.id   7ZEF 
# 
_audit_conform.dict_name       mmcif_pdbx.dic 
_audit_conform.dict_version    5.384 
_audit_conform.dict_location   http://mmcif.pdb.org/dictionaries/ascii/mmcif_pdbx.dic 
# 
loop_
_database_2.database_id 
_database_2.database_code 
_database_2.pdbx_database_accession 
_database_2.pdbx_DOI 
PDB   7ZEF         pdb_00007zef 10.2210/pdb7zef/pdb 
WWPDB D_1292122130 ?            ?                   
# 
loop_
_pdbx_audit_revision_history.ordinal 
_pdbx_audit_revision_history.data_content_type 
_pdbx_audit_revision_history.major_revision 
_pdbx_audit_revision_history.minor_revision 
_pdbx_audit_revision_history.revision_date 
1 'Structure model' 1 0 2022-11-23 
2 'Structure model' 1 1 2022-12-07 
3 'Structure model' 1 2 2023-01-11 
4 'Structure model' 1 3 2024-01-31 
# 
_pdbx_audit_revision_details.ordinal             1 
_pdbx_audit_revision_details.revision_ordinal    1 
_pdbx_audit_revision_details.data_content_type   'Structure model' 
_pdbx_audit_revision_details.provider            repository 
_pdbx_audit_revision_details.type                'Initial release' 
_pdbx_audit_revision_details.description         ? 
_pdbx_audit_revision_details.details             ? 
# 
loop_
_pdbx_audit_revision_group.ordinal 
_pdbx_audit_revision_group.revision_ordinal 
_pdbx_audit_revision_group.data_content_type 
_pdbx_audit_revision_group.group 
1 2 'Structure model' 'Database references'    
2 3 'Structure model' 'Database references'    
3 4 'Structure model' 'Data collection'        
4 4 'Structure model' 'Refinement description' 
# 
loop_
_pdbx_audit_revision_category.ordinal 
_pdbx_audit_revision_category.revision_ordinal 
_pdbx_audit_revision_category.data_content_type 
_pdbx_audit_revision_category.category 
1 2 'Structure model' citation                      
2 2 'Structure model' citation_author               
3 3 'Structure model' citation_author               
4 4 'Structure model' chem_comp_atom                
5 4 'Structure model' chem_comp_bond                
6 4 'Structure model' pdbx_initial_refinement_model 
# 
loop_
_pdbx_audit_revision_item.ordinal 
_pdbx_audit_revision_item.revision_ordinal 
_pdbx_audit_revision_item.data_content_type 
_pdbx_audit_revision_item.item 
1 2 'Structure model' '_citation.journal_volume'          
2 2 'Structure model' '_citation.page_first'              
3 2 'Structure model' '_citation.page_last'               
4 2 'Structure model' '_citation_author.identifier_ORCID' 
5 3 'Structure model' '_citation_author.identifier_ORCID' 
# 
_pdbx_database_status.status_code                     REL 
_pdbx_database_status.status_code_sf                  REL 
_pdbx_database_status.status_code_mr                  ? 
_pdbx_database_status.entry_id                        7ZEF 
_pdbx_database_status.recvd_initial_deposition_date   2022-03-31 
_pdbx_database_status.SG_entry                        N 
_pdbx_database_status.deposit_site                    PDBE 
_pdbx_database_status.process_site                    PDBE 
_pdbx_database_status.status_code_cs                  ? 
_pdbx_database_status.status_code_nmr_data            ? 
_pdbx_database_status.methods_development_category    ? 
_pdbx_database_status.pdb_format_compatible           Y 
# 
_pdbx_contact_author.id                 2 
_pdbx_contact_author.email              martin.noble@ncl.ac.uk 
_pdbx_contact_author.name_first         Martin 
_pdbx_contact_author.name_last          Noble 
_pdbx_contact_author.name_mi            E.M. 
_pdbx_contact_author.role               'principal investigator/group leader' 
_pdbx_contact_author.identifier_ORCID   0000-0002-3595-9807 
# 
loop_
_audit_author.name 
_audit_author.pdbx_ordinal 
_audit_author.identifier_ORCID 
'Turberville, S.' 1 0000-0003-2173-9675 
'Martin, M.P.'    2 0000-0003-4810-3351 
'Hope, I.'        3 ?                   
'Noble, M.E.M.'   4 0000-0002-3595-9807 
# 
_citation.abstract                  ? 
_citation.abstract_id_CAS           ? 
_citation.book_id_ISBN              ? 
_citation.book_publisher            ? 
_citation.book_publisher_city       ? 
_citation.book_title                ? 
_citation.coordinate_linkage        ? 
_citation.country                   US 
_citation.database_id_Medline       ? 
_citation.details                   ? 
_citation.id                        primary 
_citation.journal_abbrev            J.Med.Chem. 
_citation.journal_id_ASTM           JMCMAR 
_citation.journal_id_CSD            0151 
_citation.journal_id_ISSN           0022-2623 
_citation.journal_full              ? 
_citation.journal_issue             ? 
_citation.journal_volume            65 
_citation.language                  ? 
_citation.page_first                15416 
_citation.page_last                 15432 
_citation.title                     
;Mapping Ligand Interactions of Bromodomains BRD4 and ATAD2 with FragLites and PepLites&#9472;Halogenated Probes of Druglike and Peptide-like Molecular Interactions.
;
_citation.year                      2022 
_citation.database_id_CSD           ? 
_citation.pdbx_database_id_DOI      10.1021/acs.jmedchem.2c01357 
_citation.pdbx_database_id_PubMed   36367089 
_citation.pdbx_database_id_patent   ? 
_citation.unpublished_flag          ? 
# 
loop_
_citation_author.citation_id 
_citation_author.name 
_citation_author.ordinal 
_citation_author.identifier_ORCID 
primary 'Davison, G.'       1  0000-0001-5466-2702 
primary 'Martin, M.P.'      2  ?                   
primary 'Turberville, S.'   3  ?                   
primary 'Dormen, S.'        4  ?                   
primary 'Heath, R.'         5  ?                   
primary 'Heptinstall, A.B.' 6  ?                   
primary 'Lawson, M.'        7  ?                   
primary 'Miller, D.C.'      8  0000-0001-6846-2007 
primary 'Ng, Y.M.'          9  ?                   
primary 'Sanderson, J.N.'   10 0000-0003-1000-2897 
primary 'Hope, I.'          11 0000-0002-8002-5026 
primary 'Wood, D.J.'        12 ?                   
primary 'Cano, C.'          13 0000-0002-2032-2272 
primary 'Endicott, J.A.'    14 ?                   
primary 'Hardcastle, I.R.'  15 0000-0001-7495-3769 
primary 'Noble, M.E.M.'     16 ?                   
primary 'Waring, M.J.'      17 0000-0002-9110-8783 
# 
loop_
_entity.id 
_entity.type 
_entity.src_method 
_entity.pdbx_description 
_entity.formula_weight 
_entity.pdbx_number_of_molecules 
_entity.pdbx_ec 
_entity.pdbx_mutation 
_entity.pdbx_fragment 
_entity.details 
1 polymer     man 'Bromodomain-containing protein 4'  15294.578 1   ? ? ? ? 
2 non-polymer syn '(4-bromo-2-methoxyphenyl)methanol' 217.060   1   ? ? ? ? 
3 non-polymer syn GLYCEROL                            92.094    1   ? ? ? ? 
4 water       nat water                               18.015    129 ? ? ? ? 
# 
_entity_name_com.entity_id   1 
_entity_name_com.name        'Protein HUNK1' 
# 
_entity_poly.entity_id                      1 
_entity_poly.type                           'polypeptide(L)' 
_entity_poly.nstd_linkage                   no 
_entity_poly.nstd_monomer                   no 
_entity_poly.pdbx_seq_one_letter_code       
;GSHMNPPPPETSNPNKPKRQTNQLQYLLRVVLKTLWKHQFAWPFQQPVDAVKLNLPDYYKIIKTPMDMGTIKKRLENNYY
WNAQECIQDFNTMFTNCYIYNKPGDDIVLMAEALEKLFLQKINELPTEE
;
_entity_poly.pdbx_seq_one_letter_code_can   
;GSHMNPPPPETSNPNKPKRQTNQLQYLLRVVLKTLWKHQFAWPFQQPVDAVKLNLPDYYKIIKTPMDMGTIKKRLENNYY
WNAQECIQDFNTMFTNCYIYNKPGDDIVLMAEALEKLFLQKINELPTEE
;
_entity_poly.pdbx_strand_id                 A 
_entity_poly.pdbx_target_identifier         ? 
# 
loop_
_pdbx_entity_nonpoly.entity_id 
_pdbx_entity_nonpoly.name 
_pdbx_entity_nonpoly.comp_id 
2 '(4-bromo-2-methoxyphenyl)methanol' UUG 
3 GLYCEROL                            GOL 
4 water                               HOH 
# 
loop_
_entity_poly_seq.entity_id 
_entity_poly_seq.num 
_entity_poly_seq.mon_id 
_entity_poly_seq.hetero 
1 1   GLY n 
1 2   SER n 
1 3   HIS n 
1 4   MET n 
1 5   ASN n 
1 6   PRO n 
1 7   PRO n 
1 8   PRO n 
1 9   PRO n 
1 10  GLU n 
1 11  THR n 
1 12  SER n 
1 13  ASN n 
1 14  PRO n 
1 15  ASN n 
1 16  LYS n 
1 17  PRO n 
1 18  LYS n 
1 19  ARG n 
1 20  GLN n 
1 21  THR n 
1 22  ASN n 
1 23  GLN n 
1 24  LEU n 
1 25  GLN n 
1 26  TYR n 
1 27  LEU n 
1 28  LEU n 
1 29  ARG n 
1 30  VAL n 
1 31  VAL n 
1 32  LEU n 
1 33  LYS n 
1 34  THR n 
1 35  LEU n 
1 36  TRP n 
1 37  LYS n 
1 38  HIS n 
1 39  GLN n 
1 40  PHE n 
1 41  ALA n 
1 42  TRP n 
1 43  PRO n 
1 44  PHE n 
1 45  GLN n 
1 46  GLN n 
1 47  PRO n 
1 48  VAL n 
1 49  ASP n 
1 50  ALA n 
1 51  VAL n 
1 52  LYS n 
1 53  LEU n 
1 54  ASN n 
1 55  LEU n 
1 56  PRO n 
1 57  ASP n 
1 58  TYR n 
1 59  TYR n 
1 60  LYS n 
1 61  ILE n 
1 62  ILE n 
1 63  LYS n 
1 64  THR n 
1 65  PRO n 
1 66  MET n 
1 67  ASP n 
1 68  MET n 
1 69  GLY n 
1 70  THR n 
1 71  ILE n 
1 72  LYS n 
1 73  LYS n 
1 74  ARG n 
1 75  LEU n 
1 76  GLU n 
1 77  ASN n 
1 78  ASN n 
1 79  TYR n 
1 80  TYR n 
1 81  TRP n 
1 82  ASN n 
1 83  ALA n 
1 84  GLN n 
1 85  GLU n 
1 86  CYS n 
1 87  ILE n 
1 88  GLN n 
1 89  ASP n 
1 90  PHE n 
1 91  ASN n 
1 92  THR n 
1 93  MET n 
1 94  PHE n 
1 95  THR n 
1 96  ASN n 
1 97  CYS n 
1 98  TYR n 
1 99  ILE n 
1 100 TYR n 
1 101 ASN n 
1 102 LYS n 
1 103 PRO n 
1 104 GLY n 
1 105 ASP n 
1 106 ASP n 
1 107 ILE n 
1 108 VAL n 
1 109 LEU n 
1 110 MET n 
1 111 ALA n 
1 112 GLU n 
1 113 ALA n 
1 114 LEU n 
1 115 GLU n 
1 116 LYS n 
1 117 LEU n 
1 118 PHE n 
1 119 LEU n 
1 120 GLN n 
1 121 LYS n 
1 122 ILE n 
1 123 ASN n 
1 124 GLU n 
1 125 LEU n 
1 126 PRO n 
1 127 THR n 
1 128 GLU n 
1 129 GLU n 
# 
_entity_src_gen.entity_id                          1 
_entity_src_gen.pdbx_src_id                        1 
_entity_src_gen.pdbx_alt_source_flag               sample 
_entity_src_gen.pdbx_seq_type                      'Biological sequence' 
_entity_src_gen.pdbx_beg_seq_num                   1 
_entity_src_gen.pdbx_end_seq_num                   129 
_entity_src_gen.gene_src_common_name               human 
_entity_src_gen.gene_src_genus                     ? 
_entity_src_gen.pdbx_gene_src_gene                 'BRD4, HUNK1' 
_entity_src_gen.gene_src_species                   ? 
_entity_src_gen.gene_src_strain                    ? 
_entity_src_gen.gene_src_tissue                    ? 
_entity_src_gen.gene_src_tissue_fraction           ? 
_entity_src_gen.gene_src_details                   ? 
_entity_src_gen.pdbx_gene_src_fragment             ? 
_entity_src_gen.pdbx_gene_src_scientific_name      'Homo sapiens' 
_entity_src_gen.pdbx_gene_src_ncbi_taxonomy_id     9606 
_entity_src_gen.pdbx_gene_src_variant              ? 
_entity_src_gen.pdbx_gene_src_cell_line            ? 
_entity_src_gen.pdbx_gene_src_atcc                 ? 
_entity_src_gen.pdbx_gene_src_organ                ? 
_entity_src_gen.pdbx_gene_src_organelle            ? 
_entity_src_gen.pdbx_gene_src_cell                 ? 
_entity_src_gen.pdbx_gene_src_cellular_location    ? 
_entity_src_gen.host_org_common_name               ? 
_entity_src_gen.pdbx_host_org_scientific_name      'Escherichia coli BL21(DE3)' 
_entity_src_gen.pdbx_host_org_ncbi_taxonomy_id     469008 
_entity_src_gen.host_org_genus                     ? 
_entity_src_gen.pdbx_host_org_gene                 ? 
_entity_src_gen.pdbx_host_org_organ                ? 
_entity_src_gen.host_org_species                   ? 
_entity_src_gen.pdbx_host_org_tissue               ? 
_entity_src_gen.pdbx_host_org_tissue_fraction      ? 
_entity_src_gen.pdbx_host_org_strain               ? 
_entity_src_gen.pdbx_host_org_variant              ? 
_entity_src_gen.pdbx_host_org_cell_line            ? 
_entity_src_gen.pdbx_host_org_atcc                 ? 
_entity_src_gen.pdbx_host_org_culture_collection   ? 
_entity_src_gen.pdbx_host_org_cell                 ? 
_entity_src_gen.pdbx_host_org_organelle            ? 
_entity_src_gen.pdbx_host_org_cellular_location    ? 
_entity_src_gen.pdbx_host_org_vector_type          ? 
_entity_src_gen.pdbx_host_org_vector               ? 
_entity_src_gen.host_org_details                   ? 
_entity_src_gen.expression_system_id               ? 
_entity_src_gen.plasmid_name                       pET28b 
_entity_src_gen.plasmid_details                    ? 
_entity_src_gen.pdbx_description                   ? 
# 
loop_
_chem_comp.id 
_chem_comp.type 
_chem_comp.mon_nstd_flag 
_chem_comp.name 
_chem_comp.pdbx_synonyms 
_chem_comp.formula 
_chem_comp.formula_weight 
ALA 'L-peptide linking' y ALANINE                             ?                               'C3 H7 N O2'     89.093  
ARG 'L-peptide linking' y ARGININE                            ?                               'C6 H15 N4 O2 1' 175.209 
ASN 'L-peptide linking' y ASPARAGINE                          ?                               'C4 H8 N2 O3'    132.118 
ASP 'L-peptide linking' y 'ASPARTIC ACID'                     ?                               'C4 H7 N O4'     133.103 
CYS 'L-peptide linking' y CYSTEINE                            ?                               'C3 H7 N O2 S'   121.158 
GLN 'L-peptide linking' y GLUTAMINE                           ?                               'C5 H10 N2 O3'   146.144 
GLU 'L-peptide linking' y 'GLUTAMIC ACID'                     ?                               'C5 H9 N O4'     147.129 
GLY 'peptide linking'   y GLYCINE                             ?                               'C2 H5 N O2'     75.067  
GOL non-polymer         . GLYCEROL                            'GLYCERIN; PROPANE-1,2,3-TRIOL' 'C3 H8 O3'       92.094  
HIS 'L-peptide linking' y HISTIDINE                           ?                               'C6 H10 N3 O2 1' 156.162 
HOH non-polymer         . WATER                               ?                               'H2 O'           18.015  
ILE 'L-peptide linking' y ISOLEUCINE                          ?                               'C6 H13 N O2'    131.173 
LEU 'L-peptide linking' y LEUCINE                             ?                               'C6 H13 N O2'    131.173 
LYS 'L-peptide linking' y LYSINE                              ?                               'C6 H15 N2 O2 1' 147.195 
MET 'L-peptide linking' y METHIONINE                          ?                               'C5 H11 N O2 S'  149.211 
PHE 'L-peptide linking' y PHENYLALANINE                       ?                               'C9 H11 N O2'    165.189 
PRO 'L-peptide linking' y PROLINE                             ?                               'C5 H9 N O2'     115.130 
SER 'L-peptide linking' y SERINE                              ?                               'C3 H7 N O3'     105.093 
THR 'L-peptide linking' y THREONINE                           ?                               'C4 H9 N O3'     119.119 
TRP 'L-peptide linking' y TRYPTOPHAN                          ?                               'C11 H12 N2 O2'  204.225 
TYR 'L-peptide linking' y TYROSINE                            ?                               'C9 H11 N O3'    181.189 
UUG non-polymer         . '(4-bromo-2-methoxyphenyl)methanol' ?                               'C8 H9 Br O2'    217.060 
VAL 'L-peptide linking' y VALINE                              ?                               'C5 H11 N O2'    117.146 
# 
loop_
_pdbx_poly_seq_scheme.asym_id 
_pdbx_poly_seq_scheme.entity_id 
_pdbx_poly_seq_scheme.seq_id 
_pdbx_poly_seq_scheme.mon_id 
_pdbx_poly_seq_scheme.ndb_seq_num 
_pdbx_poly_seq_scheme.pdb_seq_num 
_pdbx_poly_seq_scheme.auth_seq_num 
_pdbx_poly_seq_scheme.pdb_mon_id 
_pdbx_poly_seq_scheme.auth_mon_id 
_pdbx_poly_seq_scheme.pdb_strand_id 
_pdbx_poly_seq_scheme.pdb_ins_code 
_pdbx_poly_seq_scheme.hetero 
A 1 1   GLY 1   40  40  GLY GLY A . n 
A 1 2   SER 2   41  41  SER SER A . n 
A 1 3   HIS 3   42  42  HIS HIS A . n 
A 1 4   MET 4   43  43  MET MET A . n 
A 1 5   ASN 5   44  44  ASN ASN A . n 
A 1 6   PRO 6   45  45  PRO PRO A . n 
A 1 7   PRO 7   46  46  PRO PRO A . n 
A 1 8   PRO 8   47  47  PRO PRO A . n 
A 1 9   PRO 9   48  48  PRO PRO A . n 
A 1 10  GLU 10  49  49  GLU GLU A . n 
A 1 11  THR 11  50  50  THR THR A . n 
A 1 12  SER 12  51  51  SER SER A . n 
A 1 13  ASN 13  52  52  ASN ASN A . n 
A 1 14  PRO 14  53  53  PRO PRO A . n 
A 1 15  ASN 15  54  54  ASN ASN A . n 
A 1 16  LYS 16  55  55  LYS LYS A . n 
A 1 17  PRO 17  56  56  PRO PRO A . n 
A 1 18  LYS 18  57  57  LYS LYS A . n 
A 1 19  ARG 19  58  58  ARG ARG A . n 
A 1 20  GLN 20  59  59  GLN GLN A . n 
A 1 21  THR 21  60  60  THR THR A . n 
A 1 22  ASN 22  61  61  ASN ASN A . n 
A 1 23  GLN 23  62  62  GLN GLN A . n 
A 1 24  LEU 24  63  63  LEU LEU A . n 
A 1 25  GLN 25  64  64  GLN GLN A . n 
A 1 26  TYR 26  65  65  TYR TYR A . n 
A 1 27  LEU 27  66  66  LEU LEU A . n 
A 1 28  LEU 28  67  67  LEU LEU A . n 
A 1 29  ARG 29  68  68  ARG ARG A . n 
A 1 30  VAL 30  69  69  VAL VAL A . n 
A 1 31  VAL 31  70  70  VAL VAL A . n 
A 1 32  LEU 32  71  71  LEU LEU A . n 
A 1 33  LYS 33  72  72  LYS LYS A . n 
A 1 34  THR 34  73  73  THR THR A . n 
A 1 35  LEU 35  74  74  LEU LEU A . n 
A 1 36  TRP 36  75  75  TRP TRP A . n 
A 1 37  LYS 37  76  76  LYS LYS A . n 
A 1 38  HIS 38  77  77  HIS HIS A . n 
A 1 39  GLN 39  78  78  GLN GLN A . n 
A 1 40  PHE 40  79  79  PHE PHE A . n 
A 1 41  ALA 41  80  80  ALA ALA A . n 
A 1 42  TRP 42  81  81  TRP TRP A . n 
A 1 43  PRO 43  82  82  PRO PRO A . n 
A 1 44  PHE 44  83  83  PHE PHE A . n 
A 1 45  GLN 45  84  84  GLN GLN A . n 
A 1 46  GLN 46  85  85  GLN GLN A . n 
A 1 47  PRO 47  86  86  PRO PRO A . n 
A 1 48  VAL 48  87  87  VAL VAL A . n 
A 1 49  ASP 49  88  88  ASP ASP A . n 
A 1 50  ALA 50  89  89  ALA ALA A . n 
A 1 51  VAL 51  90  90  VAL VAL A . n 
A 1 52  LYS 52  91  91  LYS LYS A . n 
A 1 53  LEU 53  92  92  LEU LEU A . n 
A 1 54  ASN 54  93  93  ASN ASN A . n 
A 1 55  LEU 55  94  94  LEU LEU A . n 
A 1 56  PRO 56  95  95  PRO PRO A . n 
A 1 57  ASP 57  96  96  ASP ASP A . n 
A 1 58  TYR 58  97  97  TYR TYR A . n 
A 1 59  TYR 59  98  98  TYR TYR A . n 
A 1 60  LYS 60  99  99  LYS LYS A . n 
A 1 61  ILE 61  100 100 ILE ILE A . n 
A 1 62  ILE 62  101 101 ILE ILE A . n 
A 1 63  LYS 63  102 102 LYS LYS A . n 
A 1 64  THR 64  103 103 THR THR A . n 
A 1 65  PRO 65  104 104 PRO PRO A . n 
A 1 66  MET 66  105 105 MET MET A . n 
A 1 67  ASP 67  106 106 ASP ASP A . n 
A 1 68  MET 68  107 107 MET MET A . n 
A 1 69  GLY 69  108 108 GLY GLY A . n 
A 1 70  THR 70  109 109 THR THR A . n 
A 1 71  ILE 71  110 110 ILE ILE A . n 
A 1 72  LYS 72  111 111 LYS LYS A . n 
A 1 73  LYS 73  112 112 LYS LYS A . n 
A 1 74  ARG 74  113 113 ARG ARG A . n 
A 1 75  LEU 75  114 114 LEU LEU A . n 
A 1 76  GLU 76  115 115 GLU GLU A . n 
A 1 77  ASN 77  116 116 ASN ASN A . n 
A 1 78  ASN 78  117 117 ASN ASN A . n 
A 1 79  TYR 79  118 118 TYR TYR A . n 
A 1 80  TYR 80  119 119 TYR TYR A . n 
A 1 81  TRP 81  120 120 TRP TRP A . n 
A 1 82  ASN 82  121 121 ASN ASN A . n 
A 1 83  ALA 83  122 122 ALA ALA A . n 
A 1 84  GLN 84  123 123 GLN GLN A . n 
A 1 85  GLU 85  124 124 GLU GLU A . n 
A 1 86  CYS 86  125 125 CYS CYS A . n 
A 1 87  ILE 87  126 126 ILE ILE A . n 
A 1 88  GLN 88  127 127 GLN GLN A . n 
A 1 89  ASP 89  128 128 ASP ASP A . n 
A 1 90  PHE 90  129 129 PHE PHE A . n 
A 1 91  ASN 91  130 130 ASN ASN A . n 
A 1 92  THR 92  131 131 THR THR A . n 
A 1 93  MET 93  132 132 MET MET A . n 
A 1 94  PHE 94  133 133 PHE PHE A . n 
A 1 95  THR 95  134 134 THR THR A . n 
A 1 96  ASN 96  135 135 ASN ASN A . n 
A 1 97  CYS 97  136 136 CYS CYS A . n 
A 1 98  TYR 98  137 137 TYR TYR A . n 
A 1 99  ILE 99  138 138 ILE ILE A . n 
A 1 100 TYR 100 139 139 TYR TYR A . n 
A 1 101 ASN 101 140 140 ASN ASN A . n 
A 1 102 LYS 102 141 141 LYS LYS A . n 
A 1 103 PRO 103 142 142 PRO PRO A . n 
A 1 104 GLY 104 143 143 GLY GLY A . n 
A 1 105 ASP 105 144 144 ASP ASP A . n 
A 1 106 ASP 106 145 145 ASP ASP A . n 
A 1 107 ILE 107 146 146 ILE ILE A . n 
A 1 108 VAL 108 147 147 VAL VAL A . n 
A 1 109 LEU 109 148 148 LEU LEU A . n 
A 1 110 MET 110 149 149 MET MET A . n 
A 1 111 ALA 111 150 150 ALA ALA A . n 
A 1 112 GLU 112 151 151 GLU GLU A . n 
A 1 113 ALA 113 152 152 ALA ALA A . n 
A 1 114 LEU 114 153 153 LEU LEU A . n 
A 1 115 GLU 115 154 154 GLU GLU A . n 
A 1 116 LYS 116 155 155 LYS LYS A . n 
A 1 117 LEU 117 156 156 LEU LEU A . n 
A 1 118 PHE 118 157 157 PHE PHE A . n 
A 1 119 LEU 119 158 158 LEU LEU A . n 
A 1 120 GLN 120 159 159 GLN GLN A . n 
A 1 121 LYS 121 160 160 LYS LYS A . n 
A 1 122 ILE 122 161 161 ILE ILE A . n 
A 1 123 ASN 123 162 162 ASN ASN A . n 
A 1 124 GLU 124 163 163 GLU GLU A . n 
A 1 125 LEU 125 164 164 LEU LEU A . n 
A 1 126 PRO 126 165 165 PRO PRO A . n 
A 1 127 THR 127 166 166 THR THR A . n 
A 1 128 GLU 128 167 167 GLU GLU A . n 
A 1 129 GLU 129 168 168 GLU GLU A . n 
# 
loop_
_pdbx_nonpoly_scheme.asym_id 
_pdbx_nonpoly_scheme.entity_id 
_pdbx_nonpoly_scheme.mon_id 
_pdbx_nonpoly_scheme.ndb_seq_num 
_pdbx_nonpoly_scheme.pdb_seq_num 
_pdbx_nonpoly_scheme.auth_seq_num 
_pdbx_nonpoly_scheme.pdb_mon_id 
_pdbx_nonpoly_scheme.auth_mon_id 
_pdbx_nonpoly_scheme.pdb_strand_id 
_pdbx_nonpoly_scheme.pdb_ins_code 
B 2 UUG 1   201 201 UUG DRG A . 
C 3 GOL 1   202 301 GOL GOL A . 
D 4 HOH 1   301 75  HOH HOH A . 
D 4 HOH 2   302 80  HOH HOH A . 
D 4 HOH 3   303 100 HOH HOH A . 
D 4 HOH 4   304 24  HOH HOH A . 
D 4 HOH 5   305 125 HOH HOH A . 
D 4 HOH 6   306 68  HOH HOH A . 
D 4 HOH 7   307 63  HOH HOH A . 
D 4 HOH 8   308 97  HOH HOH A . 
D 4 HOH 9   309 83  HOH HOH A . 
D 4 HOH 10  310 85  HOH HOH A . 
D 4 HOH 11  311 79  HOH HOH A . 
D 4 HOH 12  312 43  HOH HOH A . 
D 4 HOH 13  313 110 HOH HOH A . 
D 4 HOH 14  314 53  HOH HOH A . 
D 4 HOH 15  315 96  HOH HOH A . 
D 4 HOH 16  316 76  HOH HOH A . 
D 4 HOH 17  317 132 HOH HOH A . 
D 4 HOH 18  318 29  HOH HOH A . 
D 4 HOH 19  319 46  HOH HOH A . 
D 4 HOH 20  320 20  HOH HOH A . 
D 4 HOH 21  321 106 HOH HOH A . 
D 4 HOH 22  322 65  HOH HOH A . 
D 4 HOH 23  323 114 HOH HOH A . 
D 4 HOH 24  324 23  HOH HOH A . 
D 4 HOH 25  325 22  HOH HOH A . 
D 4 HOH 26  326 10  HOH HOH A . 
D 4 HOH 27  327 11  HOH HOH A . 
D 4 HOH 28  328 121 HOH HOH A . 
D 4 HOH 29  329 37  HOH HOH A . 
D 4 HOH 30  330 42  HOH HOH A . 
D 4 HOH 31  331 9   HOH HOH A . 
D 4 HOH 32  332 4   HOH HOH A . 
D 4 HOH 33  333 38  HOH HOH A . 
D 4 HOH 34  334 8   HOH HOH A . 
D 4 HOH 35  335 104 HOH HOH A . 
D 4 HOH 36  336 50  HOH HOH A . 
D 4 HOH 37  337 99  HOH HOH A . 
D 4 HOH 38  338 40  HOH HOH A . 
D 4 HOH 39  339 69  HOH HOH A . 
D 4 HOH 40  340 64  HOH HOH A . 
D 4 HOH 41  341 47  HOH HOH A . 
D 4 HOH 42  342 44  HOH HOH A . 
D 4 HOH 43  343 60  HOH HOH A . 
D 4 HOH 44  344 77  HOH HOH A . 
D 4 HOH 45  345 45  HOH HOH A . 
D 4 HOH 46  346 17  HOH HOH A . 
D 4 HOH 47  347 13  HOH HOH A . 
D 4 HOH 48  348 25  HOH HOH A . 
D 4 HOH 49  349 126 HOH HOH A . 
D 4 HOH 50  350 113 HOH HOH A . 
D 4 HOH 51  351 34  HOH HOH A . 
D 4 HOH 52  352 89  HOH HOH A . 
D 4 HOH 53  353 15  HOH HOH A . 
D 4 HOH 54  354 12  HOH HOH A . 
D 4 HOH 55  355 51  HOH HOH A . 
D 4 HOH 56  356 70  HOH HOH A . 
D 4 HOH 57  357 62  HOH HOH A . 
D 4 HOH 58  358 2   HOH HOH A . 
D 4 HOH 59  359 52  HOH HOH A . 
D 4 HOH 60  360 120 HOH HOH A . 
D 4 HOH 61  361 81  HOH HOH A . 
D 4 HOH 62  362 74  HOH HOH A . 
D 4 HOH 63  363 73  HOH HOH A . 
D 4 HOH 64  364 30  HOH HOH A . 
D 4 HOH 65  365 6   HOH HOH A . 
D 4 HOH 66  366 1   HOH HOH A . 
D 4 HOH 67  367 28  HOH HOH A . 
D 4 HOH 68  368 72  HOH HOH A . 
D 4 HOH 69  369 129 HOH HOH A . 
D 4 HOH 70  370 107 HOH HOH A . 
D 4 HOH 71  371 103 HOH HOH A . 
D 4 HOH 72  372 94  HOH HOH A . 
D 4 HOH 73  373 18  HOH HOH A . 
D 4 HOH 74  374 7   HOH HOH A . 
D 4 HOH 75  375 21  HOH HOH A . 
D 4 HOH 76  376 92  HOH HOH A . 
D 4 HOH 77  377 90  HOH HOH A . 
D 4 HOH 78  378 54  HOH HOH A . 
D 4 HOH 79  379 5   HOH HOH A . 
D 4 HOH 80  380 93  HOH HOH A . 
D 4 HOH 81  381 122 HOH HOH A . 
D 4 HOH 82  382 61  HOH HOH A . 
D 4 HOH 83  383 35  HOH HOH A . 
D 4 HOH 84  384 39  HOH HOH A . 
D 4 HOH 85  385 115 HOH HOH A . 
D 4 HOH 86  386 16  HOH HOH A . 
D 4 HOH 87  387 123 HOH HOH A . 
D 4 HOH 88  388 112 HOH HOH A . 
D 4 HOH 89  389 31  HOH HOH A . 
D 4 HOH 90  390 32  HOH HOH A . 
D 4 HOH 91  391 124 HOH HOH A . 
D 4 HOH 92  392 19  HOH HOH A . 
D 4 HOH 93  393 36  HOH HOH A . 
D 4 HOH 94  394 86  HOH HOH A . 
D 4 HOH 95  395 3   HOH HOH A . 
D 4 HOH 96  396 131 HOH HOH A . 
D 4 HOH 97  397 78  HOH HOH A . 
D 4 HOH 98  398 33  HOH HOH A . 
D 4 HOH 99  399 41  HOH HOH A . 
D 4 HOH 100 400 57  HOH HOH A . 
D 4 HOH 101 401 71  HOH HOH A . 
D 4 HOH 102 402 111 HOH HOH A . 
D 4 HOH 103 403 102 HOH HOH A . 
D 4 HOH 104 404 87  HOH HOH A . 
D 4 HOH 105 405 14  HOH HOH A . 
D 4 HOH 106 406 128 HOH HOH A . 
D 4 HOH 107 407 119 HOH HOH A . 
D 4 HOH 108 408 118 HOH HOH A . 
D 4 HOH 109 409 59  HOH HOH A . 
D 4 HOH 110 410 109 HOH HOH A . 
D 4 HOH 111 411 49  HOH HOH A . 
D 4 HOH 112 412 56  HOH HOH A . 
D 4 HOH 113 413 108 HOH HOH A . 
D 4 HOH 114 414 58  HOH HOH A . 
D 4 HOH 115 415 55  HOH HOH A . 
D 4 HOH 116 416 117 HOH HOH A . 
D 4 HOH 117 417 91  HOH HOH A . 
D 4 HOH 118 418 101 HOH HOH A . 
D 4 HOH 119 419 27  HOH HOH A . 
D 4 HOH 120 420 127 HOH HOH A . 
D 4 HOH 121 421 48  HOH HOH A . 
D 4 HOH 122 422 84  HOH HOH A . 
D 4 HOH 123 423 26  HOH HOH A . 
D 4 HOH 124 424 82  HOH HOH A . 
D 4 HOH 125 425 130 HOH HOH A . 
D 4 HOH 126 426 105 HOH HOH A . 
D 4 HOH 127 427 66  HOH HOH A . 
D 4 HOH 128 428 88  HOH HOH A . 
D 4 HOH 129 429 67  HOH HOH A . 
# 
loop_
_software.citation_id 
_software.classification 
_software.compiler_name 
_software.compiler_version 
_software.contact_author 
_software.contact_author_email 
_software.date 
_software.description 
_software.dependencies 
_software.hardware 
_software.language 
_software.location 
_software.mods 
_software.name 
_software.os 
_software.os_version 
_software.type 
_software.version 
_software.pdbx_ordinal 
? refinement       ? ? ? ? ? ? ? ? ? ? ? REFMAC  ? ? ? 5.8.0314 1 
? refinement       ? ? ? ? ? ? ? ? ? ? ? REFMAC  ? ? ? 5.8.0314 2 
? 'data scaling'   ? ? ? ? ? ? ? ? ? ? ? Aimless ? ? ? 0.7.4    3 
? 'data reduction' ? ? ? ? ? ? ? ? ? ? ? xia2    ? ? ? .        4 
? phasing          ? ? ? ? ? ? ? ? ? ? ? PHASER  ? ? ? .        5 
# 
_cell.angle_alpha                  90.000 
_cell.angle_alpha_esd              ? 
_cell.angle_beta                   90.000 
_cell.angle_beta_esd               ? 
_cell.angle_gamma                  90.000 
_cell.angle_gamma_esd              ? 
_cell.entry_id                     7ZEF 
_cell.details                      ? 
_cell.formula_units_Z              ? 
_cell.length_a                     37.776 
_cell.length_a_esd                 ? 
_cell.length_b                     43.131 
_cell.length_b_esd                 ? 
_cell.length_c                     78.976 
_cell.length_c_esd                 ? 
_cell.volume                       ? 
_cell.volume_esd                   ? 
_cell.Z_PDB                        4 
_cell.reciprocal_angle_alpha       ? 
_cell.reciprocal_angle_beta        ? 
_cell.reciprocal_angle_gamma       ? 
_cell.reciprocal_angle_alpha_esd   ? 
_cell.reciprocal_angle_beta_esd    ? 
_cell.reciprocal_angle_gamma_esd   ? 
_cell.reciprocal_length_a          ? 
_cell.reciprocal_length_b          ? 
_cell.reciprocal_length_c          ? 
_cell.reciprocal_length_a_esd      ? 
_cell.reciprocal_length_b_esd      ? 
_cell.reciprocal_length_c_esd      ? 
_cell.pdbx_unique_axis             ? 
# 
_symmetry.entry_id                         7ZEF 
_symmetry.cell_setting                     ? 
_symmetry.Int_Tables_number                19 
_symmetry.space_group_name_Hall            ? 
_symmetry.space_group_name_H-M             'P 21 21 21' 
_symmetry.pdbx_full_space_group_name_H-M   ? 
# 
_exptl.absorpt_coefficient_mu     ? 
_exptl.absorpt_correction_T_max   ? 
_exptl.absorpt_correction_T_min   ? 
_exptl.absorpt_correction_type    ? 
_exptl.absorpt_process_details    ? 
_exptl.entry_id                   7ZEF 
_exptl.crystals_number            1 
_exptl.details                    ? 
_exptl.method                     'X-RAY DIFFRACTION' 
_exptl.method_details             ? 
# 
_exptl_crystal.colour                      ? 
_exptl_crystal.density_diffrn              ? 
_exptl_crystal.density_Matthews            2.10 
_exptl_crystal.density_method              ? 
_exptl_crystal.density_percent_sol         41.52 
_exptl_crystal.description                 ? 
_exptl_crystal.F_000                       ? 
_exptl_crystal.id                          1 
_exptl_crystal.preparation                 ? 
_exptl_crystal.size_max                    ? 
_exptl_crystal.size_mid                    ? 
_exptl_crystal.size_min                    ? 
_exptl_crystal.size_rad                    ? 
_exptl_crystal.colour_lustre               ? 
_exptl_crystal.colour_modifier             ? 
_exptl_crystal.colour_primary              ? 
_exptl_crystal.density_meas                ? 
_exptl_crystal.density_meas_esd            ? 
_exptl_crystal.density_meas_gt             ? 
_exptl_crystal.density_meas_lt             ? 
_exptl_crystal.density_meas_temp           ? 
_exptl_crystal.density_meas_temp_esd       ? 
_exptl_crystal.density_meas_temp_gt        ? 
_exptl_crystal.density_meas_temp_lt        ? 
_exptl_crystal.pdbx_crystal_image_url      ? 
_exptl_crystal.pdbx_crystal_image_format   ? 
_exptl_crystal.pdbx_mosaicity              ? 
_exptl_crystal.pdbx_mosaicity_esd          ? 
# 
_exptl_crystal_grow.apparatus       ? 
_exptl_crystal_grow.atmosphere      ? 
_exptl_crystal_grow.crystal_id      1 
_exptl_crystal_grow.details         ? 
_exptl_crystal_grow.method          'VAPOR DIFFUSION, SITTING DROP' 
_exptl_crystal_grow.method_ref      ? 
_exptl_crystal_grow.pH              8.5 
_exptl_crystal_grow.pressure        ? 
_exptl_crystal_grow.pressure_esd    ? 
_exptl_crystal_grow.seeding         ? 
_exptl_crystal_grow.seeding_ref     ? 
_exptl_crystal_grow.temp            293 
_exptl_crystal_grow.temp_details    ? 
_exptl_crystal_grow.temp_esd        ? 
_exptl_crystal_grow.time            ? 
_exptl_crystal_grow.pdbx_details    
;0.1 M Buffer system 3 (1 M Tris, 1 M BICINE, pH 8.5), 34-44% Precipitant Solution 3 (20% PEG 4000, 40%) and 60-80 mM Halogens Mix (NaF, NaBr and NaI) solution
;
_exptl_crystal_grow.pdbx_pH_range   ? 
# 
_diffrn.ambient_environment              ? 
_diffrn.ambient_temp                     100 
_diffrn.ambient_temp_details             ? 
_diffrn.ambient_temp_esd                 ? 
_diffrn.crystal_id                       1 
_diffrn.crystal_support                  ? 
_diffrn.crystal_treatment                ? 
_diffrn.details                          ? 
_diffrn.id                               1 
_diffrn.ambient_pressure                 ? 
_diffrn.ambient_pressure_esd             ? 
_diffrn.ambient_pressure_gt              ? 
_diffrn.ambient_pressure_lt              ? 
_diffrn.ambient_temp_gt                  ? 
_diffrn.ambient_temp_lt                  ? 
_diffrn.pdbx_serial_crystal_experiment   N 
# 
_diffrn_detector.details                      ? 
_diffrn_detector.detector                     PIXEL 
_diffrn_detector.diffrn_id                    1 
_diffrn_detector.type                         'DECTRIS PILATUS 6M' 
_diffrn_detector.area_resol_mean              ? 
_diffrn_detector.dtime                        ? 
_diffrn_detector.pdbx_frames_total            ? 
_diffrn_detector.pdbx_collection_time_total   ? 
_diffrn_detector.pdbx_collection_date         2019-09-25 
_diffrn_detector.pdbx_frequency               ? 
# 
_diffrn_radiation.collimation                      ? 
_diffrn_radiation.diffrn_id                        1 
_diffrn_radiation.filter_edge                      ? 
_diffrn_radiation.inhomogeneity                    ? 
_diffrn_radiation.monochromator                    ? 
_diffrn_radiation.polarisn_norm                    ? 
_diffrn_radiation.polarisn_ratio                   ? 
_diffrn_radiation.probe                            ? 
_diffrn_radiation.type                             ? 
_diffrn_radiation.xray_symbol                      ? 
_diffrn_radiation.wavelength_id                    1 
_diffrn_radiation.pdbx_monochromatic_or_laue_m_l   M 
_diffrn_radiation.pdbx_wavelength_list             ? 
_diffrn_radiation.pdbx_wavelength                  ? 
_diffrn_radiation.pdbx_diffrn_protocol             'SINGLE WAVELENGTH' 
_diffrn_radiation.pdbx_analyzer                    ? 
_diffrn_radiation.pdbx_scattering_type             x-ray 
# 
_diffrn_radiation_wavelength.id           1 
_diffrn_radiation_wavelength.wavelength   0.911628 
_diffrn_radiation_wavelength.wt           1.0 
# 
_diffrn_source.current                     ? 
_diffrn_source.details                     ? 
_diffrn_source.diffrn_id                   1 
_diffrn_source.power                       ? 
_diffrn_source.size                        ? 
_diffrn_source.source                      SYNCHROTRON 
_diffrn_source.target                      ? 
_diffrn_source.type                        'DIAMOND BEAMLINE I04-1' 
_diffrn_source.voltage                     ? 
_diffrn_source.take-off_angle              ? 
_diffrn_source.pdbx_wavelength_list        0.911628 
_diffrn_source.pdbx_wavelength             ? 
_diffrn_source.pdbx_synchrotron_beamline   I04-1 
_diffrn_source.pdbx_synchrotron_site       Diamond 
# 
_reflns.B_iso_Wilson_estimate                          ? 
_reflns.entry_id                                       7ZEF 
_reflns.data_reduction_details                         ? 
_reflns.data_reduction_method                          ? 
_reflns.d_resolution_high                              1.12 
_reflns.d_resolution_low                               39.49 
_reflns.details                                        ? 
_reflns.limit_h_max                                    ? 
_reflns.limit_h_min                                    ? 
_reflns.limit_k_max                                    ? 
_reflns.limit_k_min                                    ? 
_reflns.limit_l_max                                    ? 
_reflns.limit_l_min                                    ? 
_reflns.number_all                                     ? 
_reflns.number_obs                                     49836 
_reflns.observed_criterion                             ? 
_reflns.observed_criterion_F_max                       ? 
_reflns.observed_criterion_F_min                       ? 
_reflns.observed_criterion_I_max                       ? 
_reflns.observed_criterion_I_min                       ? 
_reflns.observed_criterion_sigma_F                     ? 
_reflns.observed_criterion_sigma_I                     ? 
_reflns.percent_possible_obs                           98.9 
_reflns.R_free_details                                 ? 
_reflns.Rmerge_F_all                                   ? 
_reflns.Rmerge_F_obs                                   ? 
_reflns.Friedel_coverage                               ? 
_reflns.number_gt                                      ? 
_reflns.threshold_expression                           ? 
_reflns.pdbx_redundancy                                12.7 
_reflns.pdbx_Rmerge_I_obs                              0.074 
_reflns.pdbx_Rmerge_I_all                              ? 
_reflns.pdbx_Rsym_value                                ? 
_reflns.pdbx_netI_over_av_sigmaI                       ? 
_reflns.pdbx_netI_over_sigmaI                          12.6 
_reflns.pdbx_res_netI_over_av_sigmaI_2                 ? 
_reflns.pdbx_res_netI_over_sigmaI_2                    ? 
_reflns.pdbx_chi_squared                               ? 
_reflns.pdbx_scaling_rejects                           ? 
_reflns.pdbx_d_res_high_opt                            ? 
_reflns.pdbx_d_res_low_opt                             ? 
_reflns.pdbx_d_res_opt_method                          ? 
_reflns.phase_calculation_details                      ? 
_reflns.pdbx_Rrim_I_all                                0.080 
_reflns.pdbx_Rpim_I_all                                0.031 
_reflns.pdbx_d_opt                                     ? 
_reflns.pdbx_number_measured_all                       ? 
_reflns.pdbx_diffrn_id                                 1 
_reflns.pdbx_ordinal                                   1 
_reflns.pdbx_CC_half                                   1.000 
_reflns.pdbx_CC_star                                   ? 
_reflns.pdbx_R_split                                   ? 
_reflns.pdbx_aniso_diffraction_limit_axis_1_ortho[1]   ? 
_reflns.pdbx_aniso_diffraction_limit_axis_1_ortho[2]   ? 
_reflns.pdbx_aniso_diffraction_limit_axis_1_ortho[3]   ? 
_reflns.pdbx_aniso_diffraction_limit_axis_2_ortho[1]   ? 
_reflns.pdbx_aniso_diffraction_limit_axis_2_ortho[2]   ? 
_reflns.pdbx_aniso_diffraction_limit_axis_2_ortho[3]   ? 
_reflns.pdbx_aniso_diffraction_limit_axis_3_ortho[1]   ? 
_reflns.pdbx_aniso_diffraction_limit_axis_3_ortho[2]   ? 
_reflns.pdbx_aniso_diffraction_limit_axis_3_ortho[3]   ? 
_reflns.pdbx_aniso_diffraction_limit_1                 ? 
_reflns.pdbx_aniso_diffraction_limit_2                 ? 
_reflns.pdbx_aniso_diffraction_limit_3                 ? 
_reflns.pdbx_aniso_B_tensor_eigenvector_1_ortho[1]     ? 
_reflns.pdbx_aniso_B_tensor_eigenvector_1_ortho[2]     ? 
_reflns.pdbx_aniso_B_tensor_eigenvector_1_ortho[3]     ? 
_reflns.pdbx_aniso_B_tensor_eigenvector_2_ortho[1]     ? 
_reflns.pdbx_aniso_B_tensor_eigenvector_2_ortho[2]     ? 
_reflns.pdbx_aniso_B_tensor_eigenvector_2_ortho[3]     ? 
_reflns.pdbx_aniso_B_tensor_eigenvector_3_ortho[1]     ? 
_reflns.pdbx_aniso_B_tensor_eigenvector_3_ortho[2]     ? 
_reflns.pdbx_aniso_B_tensor_eigenvector_3_ortho[3]     ? 
_reflns.pdbx_aniso_B_tensor_eigenvalue_1               ? 
_reflns.pdbx_aniso_B_tensor_eigenvalue_2               ? 
_reflns.pdbx_aniso_B_tensor_eigenvalue_3               ? 
_reflns.pdbx_orthogonalization_convention              ? 
_reflns.pdbx_percent_possible_ellipsoidal              ? 
_reflns.pdbx_percent_possible_spherical                ? 
_reflns.pdbx_percent_possible_ellipsoidal_anomalous    ? 
_reflns.pdbx_percent_possible_spherical_anomalous      ? 
_reflns.pdbx_redundancy_anomalous                      ? 
_reflns.pdbx_CC_half_anomalous                         ? 
_reflns.pdbx_absDiff_over_sigma_anomalous              ? 
_reflns.pdbx_percent_possible_anomalous                ? 
_reflns.pdbx_observed_signal_threshold                 ? 
_reflns.pdbx_signal_type                               ? 
_reflns.pdbx_signal_details                            ? 
_reflns.pdbx_signal_software_id                        ? 
# 
loop_
_reflns_shell.d_res_high 
_reflns_shell.d_res_low 
_reflns_shell.meanI_over_sigI_all 
_reflns_shell.meanI_over_sigI_obs 
_reflns_shell.number_measured_all 
_reflns_shell.number_measured_obs 
_reflns_shell.number_possible 
_reflns_shell.number_unique_all 
_reflns_shell.number_unique_obs 
_reflns_shell.percent_possible_all 
_reflns_shell.percent_possible_obs 
_reflns_shell.Rmerge_F_all 
_reflns_shell.Rmerge_F_obs 
_reflns_shell.Rmerge_I_all 
_reflns_shell.Rmerge_I_obs 
_reflns_shell.meanI_over_sigI_gt 
_reflns_shell.meanI_over_uI_all 
_reflns_shell.meanI_over_uI_gt 
_reflns_shell.number_measured_gt 
_reflns_shell.number_unique_gt 
_reflns_shell.percent_possible_gt 
_reflns_shell.Rmerge_F_gt 
_reflns_shell.Rmerge_I_gt 
_reflns_shell.pdbx_redundancy 
_reflns_shell.pdbx_Rsym_value 
_reflns_shell.pdbx_chi_squared 
_reflns_shell.pdbx_netI_over_sigmaI_all 
_reflns_shell.pdbx_netI_over_sigmaI_obs 
_reflns_shell.pdbx_Rrim_I_all 
_reflns_shell.pdbx_Rpim_I_all 
_reflns_shell.pdbx_rejects 
_reflns_shell.pdbx_ordinal 
_reflns_shell.pdbx_diffrn_id 
_reflns_shell.pdbx_CC_half 
_reflns_shell.pdbx_CC_star 
_reflns_shell.pdbx_R_split 
_reflns_shell.pdbx_percent_possible_ellipsoidal 
_reflns_shell.pdbx_percent_possible_spherical 
_reflns_shell.pdbx_percent_possible_ellipsoidal_anomalous 
_reflns_shell.pdbx_percent_possible_spherical_anomalous 
_reflns_shell.pdbx_redundancy_anomalous 
_reflns_shell.pdbx_CC_half_anomalous 
_reflns_shell.pdbx_absDiff_over_sigma_anomalous 
_reflns_shell.pdbx_percent_possible_anomalous 
6.13 39.49 ? ? ? ? ? ? 381  ? ? ? ? ? 0.026 ? ? ? ? ? ? ? ? 10.7 ? ? ? ? 0.028 0.011 ? 1 1 0.999 ? ? ? ? ? ? ? ? ? ? 
1.12 1.14  ? ? ? ? ? ? 2350 ? ? ? ? ? 2.475 ? ? ? ? ? ? ? ? 11.1 ? ? ? ? 2.725 1.125 ? 2 1 0.459 ? ? ? ? ? ? ? ? ? ? 
# 
_refine.aniso_B[1][1]                            0.901 
_refine.aniso_B[1][2]                            0.000 
_refine.aniso_B[1][3]                            -0.000 
_refine.aniso_B[2][2]                            -0.691 
_refine.aniso_B[2][3]                            0.000 
_refine.aniso_B[3][3]                            -0.210 
_refine.B_iso_max                                ? 
_refine.B_iso_mean                               17.459 
_refine.B_iso_min                                ? 
_refine.correlation_coeff_Fo_to_Fc               0.965 
_refine.correlation_coeff_Fo_to_Fc_free          0.954 
_refine.details                                  'Hydrogens have not been used' 
_refine.diff_density_max                         ? 
_refine.diff_density_max_esd                     ? 
_refine.diff_density_min                         ? 
_refine.diff_density_min_esd                     ? 
_refine.diff_density_rms                         ? 
_refine.diff_density_rms_esd                     ? 
_refine.entry_id                                 7ZEF 
_refine.pdbx_refine_id                           'X-RAY DIFFRACTION' 
_refine.ls_abs_structure_details                 ? 
_refine.ls_abs_structure_Flack                   ? 
_refine.ls_abs_structure_Flack_esd               ? 
_refine.ls_abs_structure_Rogers                  ? 
_refine.ls_abs_structure_Rogers_esd              ? 
_refine.ls_d_res_high                            1.120 
_refine.ls_d_res_low                             39.49 
_refine.ls_extinction_coef                       ? 
_refine.ls_extinction_coef_esd                   ? 
_refine.ls_extinction_expression                 ? 
_refine.ls_extinction_method                     ? 
_refine.ls_goodness_of_fit_all                   ? 
_refine.ls_goodness_of_fit_all_esd               ? 
_refine.ls_goodness_of_fit_obs                   ? 
_refine.ls_goodness_of_fit_obs_esd               ? 
_refine.ls_hydrogen_treatment                    ? 
_refine.ls_matrix_type                           ? 
_refine.ls_number_constraints                    ? 
_refine.ls_number_parameters                     ? 
_refine.ls_number_reflns_all                     ? 
_refine.ls_number_reflns_obs                     49766 
_refine.ls_number_reflns_R_free                  2486 
_refine.ls_number_reflns_R_work                  47280 
_refine.ls_number_restraints                     ? 
_refine.ls_percent_reflns_obs                    98.627 
_refine.ls_percent_reflns_R_free                 4.995 
_refine.ls_R_factor_all                          0.210 
_refine.ls_R_factor_obs                          ? 
_refine.ls_R_factor_R_free                       0.2334 
_refine.ls_R_factor_R_free_error                 ? 
_refine.ls_R_factor_R_free_error_details         ? 
_refine.ls_R_factor_R_work                       0.2084 
_refine.ls_R_Fsqd_factor_obs                     ? 
_refine.ls_R_I_factor_obs                        ? 
_refine.ls_redundancy_reflns_all                 ? 
_refine.ls_redundancy_reflns_obs                 ? 
_refine.ls_restrained_S_all                      ? 
_refine.ls_restrained_S_obs                      ? 
_refine.ls_shift_over_esd_max                    ? 
_refine.ls_shift_over_esd_mean                   ? 
_refine.ls_structure_factor_coef                 ? 
_refine.ls_weighting_details                     ? 
_refine.ls_weighting_scheme                      ? 
_refine.ls_wR_factor_all                         ? 
_refine.ls_wR_factor_obs                         ? 
_refine.ls_wR_factor_R_free                      ? 
_refine.ls_wR_factor_R_work                      ? 
_refine.occupancy_max                            ? 
_refine.occupancy_min                            ? 
_refine.solvent_model_details                    'MASK BULK SOLVENT' 
_refine.solvent_model_param_bsol                 ? 
_refine.solvent_model_param_ksol                 ? 
_refine.pdbx_R_complete                          ? 
_refine.ls_R_factor_gt                           ? 
_refine.ls_goodness_of_fit_gt                    ? 
_refine.ls_goodness_of_fit_ref                   ? 
_refine.ls_shift_over_su_max                     ? 
_refine.ls_shift_over_su_max_lt                  ? 
_refine.ls_shift_over_su_mean                    ? 
_refine.ls_shift_over_su_mean_lt                 ? 
_refine.pdbx_ls_sigma_I                          ? 
_refine.pdbx_ls_sigma_F                          ? 
_refine.pdbx_ls_sigma_Fsqd                       ? 
_refine.pdbx_data_cutoff_high_absF               ? 
_refine.pdbx_data_cutoff_high_rms_absF           ? 
_refine.pdbx_data_cutoff_low_absF                ? 
_refine.pdbx_isotropic_thermal_model             ? 
_refine.pdbx_ls_cross_valid_method               'FREE R-VALUE' 
_refine.pdbx_method_to_determine_struct          'MOLECULAR REPLACEMENT' 
_refine.pdbx_starting_model                      5LRQ 
_refine.pdbx_stereochemistry_target_values       ? 
_refine.pdbx_R_Free_selection_details            ? 
_refine.pdbx_stereochem_target_val_spec_case     ? 
_refine.pdbx_overall_ESU_R                       0.041 
_refine.pdbx_overall_ESU_R_Free                  0.043 
_refine.pdbx_solvent_vdw_probe_radii             1.200 
_refine.pdbx_solvent_ion_probe_radii             0.800 
_refine.pdbx_solvent_shrinkage_radii             0.800 
_refine.pdbx_real_space_R                        ? 
_refine.pdbx_density_correlation                 ? 
_refine.pdbx_pd_number_of_powder_patterns        ? 
_refine.pdbx_pd_number_of_points                 ? 
_refine.pdbx_pd_meas_number_of_points            ? 
_refine.pdbx_pd_proc_ls_prof_R_factor            ? 
_refine.pdbx_pd_proc_ls_prof_wR_factor           ? 
_refine.pdbx_pd_Marquardt_correlation_coeff      ? 
_refine.pdbx_pd_Fsqrd_R_factor                   ? 
_refine.pdbx_pd_ls_matrix_band_width             ? 
_refine.pdbx_overall_phase_error                 ? 
_refine.pdbx_overall_SU_R_free_Cruickshank_DPI   ? 
_refine.pdbx_overall_SU_R_free_Blow_DPI          ? 
_refine.pdbx_overall_SU_R_Blow_DPI               ? 
_refine.pdbx_TLS_residual_ADP_flag               ? 
_refine.pdbx_diffrn_id                           1 
_refine.overall_SU_B                             0.867 
_refine.overall_SU_ML                            0.039 
_refine.overall_SU_R_Cruickshank_DPI             ? 
_refine.overall_SU_R_free                        ? 
_refine.overall_FOM_free_R_set                   ? 
_refine.overall_FOM_work_R_set                   ? 
_refine.pdbx_average_fsc_overall                 ? 
_refine.pdbx_average_fsc_work                    ? 
_refine.pdbx_average_fsc_free                    ? 
# 
_refine_hist.pdbx_refine_id                   'X-RAY DIFFRACTION' 
_refine_hist.cycle_id                         LAST 
_refine_hist.details                          ? 
_refine_hist.d_res_high                       1.120 
_refine_hist.d_res_low                        39.49 
_refine_hist.number_atoms_solvent             129 
_refine_hist.number_atoms_total               1222 
_refine_hist.number_reflns_all                ? 
_refine_hist.number_reflns_obs                ? 
_refine_hist.number_reflns_R_free             ? 
_refine_hist.number_reflns_R_work             ? 
_refine_hist.R_factor_all                     ? 
_refine_hist.R_factor_obs                     ? 
_refine_hist.R_factor_R_free                  ? 
_refine_hist.R_factor_R_work                  ? 
_refine_hist.pdbx_number_residues_total       ? 
_refine_hist.pdbx_B_iso_mean_ligand           ? 
_refine_hist.pdbx_B_iso_mean_solvent          ? 
_refine_hist.pdbx_number_atoms_protein        1076 
_refine_hist.pdbx_number_atoms_nucleic_acid   0 
_refine_hist.pdbx_number_atoms_ligand         17 
_refine_hist.pdbx_number_atoms_lipid          ? 
_refine_hist.pdbx_number_atoms_carb           ? 
_refine_hist.pdbx_pseudo_atom_details         ? 
# 
loop_
_refine_ls_restr.pdbx_refine_id 
_refine_ls_restr.criterion 
_refine_ls_restr.dev_ideal 
_refine_ls_restr.dev_ideal_target 
_refine_ls_restr.number 
_refine_ls_restr.rejects 
_refine_ls_restr.type 
_refine_ls_restr.weight 
_refine_ls_restr.pdbx_restraint_function 
'X-RAY DIFFRACTION' ? 0.011 0.012  1154 ? r_bond_refined_d               ? ? 
'X-RAY DIFFRACTION' ? 1.920 1.655  1576 ? r_angle_refined_deg            ? ? 
'X-RAY DIFFRACTION' ? 5.692 5.000  136  ? r_dihedral_angle_1_deg         ? ? 
'X-RAY DIFFRACTION' ? 5.831 10.000 3    ? r_dihedral_angle_2_deg         ? ? 
'X-RAY DIFFRACTION' ? 0.109 0.200  148  ? r_chiral_restr                 ? ? 
'X-RAY DIFFRACTION' ? 0.013 0.020  897  ? r_gen_planes_refined           ? ? 
'X-RAY DIFFRACTION' ? 0.223 0.200  493  ? r_nbd_refined                  ? ? 
'X-RAY DIFFRACTION' ? 0.324 0.200  793  ? r_nbtor_refined                ? ? 
'X-RAY DIFFRACTION' ? 0.120 0.200  85   ? r_xyhbond_nbd_refined          ? ? 
'X-RAY DIFFRACTION' ? 0.243 0.200  29   ? r_symmetry_nbd_refined         ? ? 
'X-RAY DIFFRACTION' ? 0.187 0.200  19   ? r_symmetry_xyhbond_nbd_refined ? ? 
'X-RAY DIFFRACTION' ? 1.466 1.449  532  ? r_mcbond_it                    ? ? 
'X-RAY DIFFRACTION' ? 2.007 2.176  669  ? r_mcangle_it                   ? ? 
'X-RAY DIFFRACTION' ? 2.719 1.707  622  ? r_scbond_it                    ? ? 
'X-RAY DIFFRACTION' ? 3.744 2.471  906  ? r_scangle_it                   ? ? 
'X-RAY DIFFRACTION' ? 4.550 34.362 1682 ? r_lrange_it                    ? ? 
# 
loop_
_refine_ls_shell.pdbx_refine_id 
_refine_ls_shell.d_res_high 
_refine_ls_shell.d_res_low 
_refine_ls_shell.number_reflns_all 
_refine_ls_shell.number_reflns_obs 
_refine_ls_shell.number_reflns_R_free 
_refine_ls_shell.number_reflns_R_work 
_refine_ls_shell.percent_reflns_obs 
_refine_ls_shell.percent_reflns_R_free 
_refine_ls_shell.R_factor_all 
_refine_ls_shell.R_factor_obs 
_refine_ls_shell.R_factor_R_free 
_refine_ls_shell.R_factor_R_free_error 
_refine_ls_shell.R_factor_R_work 
_refine_ls_shell.redundancy_reflns_all 
_refine_ls_shell.redundancy_reflns_obs 
_refine_ls_shell.wR_factor_all 
_refine_ls_shell.wR_factor_obs 
_refine_ls_shell.wR_factor_R_free 
_refine_ls_shell.wR_factor_R_work 
_refine_ls_shell.pdbx_R_complete 
_refine_ls_shell.pdbx_total_number_of_bins_used 
_refine_ls_shell.pdbx_phase_error 
_refine_ls_shell.pdbx_fsc_work 
_refine_ls_shell.pdbx_fsc_free 
'X-RAY DIFFRACTION' 1.120 1.149 . . 163 3369 95.4853  . . . 0.338 . 0.341 . . . . . . . . . . . 
'X-RAY DIFFRACTION' 1.149 1.181 . . 168 3324 97.5419  . . . 0.338 . 0.319 . . . . . . . . . . . 
'X-RAY DIFFRACTION' 1.181 1.215 . . 193 3215 97.8467  . . . 0.270 . 0.295 . . . . . . . . . . . 
'X-RAY DIFFRACTION' 1.215 1.252 . . 162 3156 98.0207  . . . 0.294 . 0.274 . . . . . . . . . . . 
'X-RAY DIFFRACTION' 1.252 1.293 . . 167 3050 98.1391  . . . 0.271 . 0.267 . . . . . . . . . . . 
'X-RAY DIFFRACTION' 1.293 1.338 . . 151 2995 98.3432  . . . 0.273 . 0.248 . . . . . . . . . . . 
'X-RAY DIFFRACTION' 1.338 1.389 . . 151 2869 98.3073  . . . 0.277 . 0.241 . . . . . . . . . . . 
'X-RAY DIFFRACTION' 1.389 1.445 . . 149 2787 98.8552  . . . 0.240 . 0.215 . . . . . . . . . . . 
'X-RAY DIFFRACTION' 1.445 1.510 . . 142 2682 99.2619  . . . 0.258 . 0.205 . . . . . . . . . . . 
'X-RAY DIFFRACTION' 1.510 1.583 . . 142 2573 99.3777  . . . 0.224 . 0.193 . . . . . . . . . . . 
'X-RAY DIFFRACTION' 1.583 1.669 . . 134 2421 99.1078  . . . 0.223 . 0.188 . . . . . . . . . . . 
'X-RAY DIFFRACTION' 1.669 1.770 . . 129 2350 99.7184  . . . 0.242 . 0.193 . . . . . . . . . . . 
'X-RAY DIFFRACTION' 1.770 1.892 . . 126 2201 99.5295  . . . 0.225 . 0.196 . . . . . . . . . . . 
'X-RAY DIFFRACTION' 1.892 2.043 . . 103 2060 99.8615  . . . 0.229 . 0.201 . . . . . . . . . . . 
'X-RAY DIFFRACTION' 2.043 2.237 . . 97  1912 99.9006  . . . 0.201 . 0.201 . . . . . . . . . . . 
'X-RAY DIFFRACTION' 2.237 2.500 . . 77  1764 100.0000 . . . 0.223 . 0.197 . . . . . . . . . . . 
'X-RAY DIFFRACTION' 2.500 2.885 . . 80  1540 100.0000 . . . 0.205 . 0.198 . . . . . . . . . . . 
'X-RAY DIFFRACTION' 2.885 3.529 . . 65  1323 100.0000 . . . 0.212 . 0.199 . . . . . . . . . . . 
'X-RAY DIFFRACTION' 3.529 4.971 . . 46  1063 100.0000 . . . 0.211 . 0.166 . . . . . . . . . . . 
'X-RAY DIFFRACTION' 4.971 39.49 . . 41  626  100.0000 . . . 0.279 . 0.245 . . . . . . . . . . . 
# 
_struct.entry_id                     7ZEF 
_struct.title                        'BRD4 in complex with FragLite22' 
_struct.pdbx_model_details           ? 
_struct.pdbx_formula_weight          ? 
_struct.pdbx_formula_weight_method   ? 
_struct.pdbx_model_type_details      ? 
_struct.pdbx_CASP_flag               N 
# 
_struct_keywords.entry_id        7ZEF 
_struct_keywords.text            'FragLites, anomalous, BRD4, Fragment screening, TRANSCRIPTION' 
_struct_keywords.pdbx_keywords   TRANSCRIPTION 
# 
loop_
_struct_asym.id 
_struct_asym.pdbx_blank_PDB_chainid_flag 
_struct_asym.pdbx_modified 
_struct_asym.entity_id 
_struct_asym.details 
A N N 1 ? 
B N N 2 ? 
C N N 3 ? 
D N N 4 ? 
# 
_struct_ref.id                         1 
_struct_ref.db_name                    UNP 
_struct_ref.db_code                    BRD4_HUMAN 
_struct_ref.pdbx_db_accession          O60885 
_struct_ref.pdbx_db_isoform            ? 
_struct_ref.entity_id                  1 
_struct_ref.pdbx_seq_one_letter_code   
;NPPPPETSNPNKPKRQTNQLQYLLRVVLKTLWKHQFAWPFQQPVDAVKLNLPDYYKIIKTPMDMGTIKKRLENNYYWNAQ
ECIQDFNTMFTNCYIYNKPGDDIVLMAEALEKLFLQKINELPTEE
;
_struct_ref.pdbx_align_begin           44 
# 
_struct_ref_seq.align_id                      1 
_struct_ref_seq.ref_id                        1 
_struct_ref_seq.pdbx_PDB_id_code              7ZEF 
_struct_ref_seq.pdbx_strand_id                A 
_struct_ref_seq.seq_align_beg                 5 
_struct_ref_seq.pdbx_seq_align_beg_ins_code   ? 
_struct_ref_seq.seq_align_end                 129 
_struct_ref_seq.pdbx_seq_align_end_ins_code   ? 
_struct_ref_seq.pdbx_db_accession             O60885 
_struct_ref_seq.db_align_beg                  44 
_struct_ref_seq.pdbx_db_align_beg_ins_code    ? 
_struct_ref_seq.db_align_end                  168 
_struct_ref_seq.pdbx_db_align_end_ins_code    ? 
_struct_ref_seq.pdbx_auth_seq_align_beg       44 
_struct_ref_seq.pdbx_auth_seq_align_end       168 
# 
loop_
_struct_ref_seq_dif.align_id 
_struct_ref_seq_dif.pdbx_pdb_id_code 
_struct_ref_seq_dif.mon_id 
_struct_ref_seq_dif.pdbx_pdb_strand_id 
_struct_ref_seq_dif.seq_num 
_struct_ref_seq_dif.pdbx_pdb_ins_code 
_struct_ref_seq_dif.pdbx_seq_db_name 
_struct_ref_seq_dif.pdbx_seq_db_accession_code 
_struct_ref_seq_dif.db_mon_id 
_struct_ref_seq_dif.pdbx_seq_db_seq_num 
_struct_ref_seq_dif.details 
_struct_ref_seq_dif.pdbx_auth_seq_num 
_struct_ref_seq_dif.pdbx_ordinal 
1 7ZEF GLY A 1 ? UNP O60885 ? ? 'expression tag' 40 1 
1 7ZEF SER A 2 ? UNP O60885 ? ? 'expression tag' 41 2 
1 7ZEF HIS A 3 ? UNP O60885 ? ? 'expression tag' 42 3 
1 7ZEF MET A 4 ? UNP O60885 ? ? 'expression tag' 43 4 
# 
_pdbx_struct_assembly.id                   1 
_pdbx_struct_assembly.details              author_and_software_defined_assembly 
_pdbx_struct_assembly.method_details       PISA 
_pdbx_struct_assembly.oligomeric_details   monomeric 
_pdbx_struct_assembly.oligomeric_count     1 
# 
loop_
_pdbx_struct_assembly_prop.biol_id 
_pdbx_struct_assembly_prop.type 
_pdbx_struct_assembly_prop.value 
_pdbx_struct_assembly_prop.details 
1 'ABSA (A^2)' 240  ? 
1 MORE         0    ? 
1 'SSA (A^2)'  7800 ? 
# 
_pdbx_struct_assembly_gen.assembly_id       1 
_pdbx_struct_assembly_gen.oper_expression   1 
_pdbx_struct_assembly_gen.asym_id_list      A,B,C,D 
# 
_pdbx_struct_assembly_auth_evidence.id                     1 
_pdbx_struct_assembly_auth_evidence.assembly_id            1 
_pdbx_struct_assembly_auth_evidence.experimental_support   'gel filtration' 
_pdbx_struct_assembly_auth_evidence.details                ? 
# 
_pdbx_struct_oper_list.id                   1 
_pdbx_struct_oper_list.type                 'identity operation' 
_pdbx_struct_oper_list.name                 1_555 
_pdbx_struct_oper_list.symmetry_operation   x,y,z 
_pdbx_struct_oper_list.matrix[1][1]         1.0000000000 
_pdbx_struct_oper_list.matrix[1][2]         0.0000000000 
_pdbx_struct_oper_list.matrix[1][3]         0.0000000000 
_pdbx_struct_oper_list.vector[1]            0.0000000000 
_pdbx_struct_oper_list.matrix[2][1]         0.0000000000 
_pdbx_struct_oper_list.matrix[2][2]         1.0000000000 
_pdbx_struct_oper_list.matrix[2][3]         0.0000000000 
_pdbx_struct_oper_list.vector[2]            0.0000000000 
_pdbx_struct_oper_list.matrix[3][1]         0.0000000000 
_pdbx_struct_oper_list.matrix[3][2]         0.0000000000 
_pdbx_struct_oper_list.matrix[3][3]         1.0000000000 
_pdbx_struct_oper_list.vector[3]            0.0000000000 
# 
loop_
_struct_conf.conf_type_id 
_struct_conf.id 
_struct_conf.pdbx_PDB_helix_id 
_struct_conf.beg_label_comp_id 
_struct_conf.beg_label_asym_id 
_struct_conf.beg_label_seq_id 
_struct_conf.pdbx_beg_PDB_ins_code 
_struct_conf.end_label_comp_id 
_struct_conf.end_label_asym_id 
_struct_conf.end_label_seq_id 
_struct_conf.pdbx_end_PDB_ins_code 
_struct_conf.beg_auth_comp_id 
_struct_conf.beg_auth_asym_id 
_struct_conf.beg_auth_seq_id 
_struct_conf.end_auth_comp_id 
_struct_conf.end_auth_asym_id 
_struct_conf.end_auth_seq_id 
_struct_conf.pdbx_PDB_helix_class 
_struct_conf.details 
_struct_conf.pdbx_PDB_helix_length 
HELX_P HELX_P1 AA1 THR A 21  ? VAL A 30  ? THR A 60  VAL A 69  1 ? 10 
HELX_P HELX_P2 AA2 VAL A 30  ? LYS A 37  ? VAL A 69  LYS A 76  1 ? 8  
HELX_P HELX_P3 AA3 ALA A 41  ? GLN A 45  ? ALA A 80  GLN A 84  5 ? 5  
HELX_P HELX_P4 AA4 ASP A 57  ? ILE A 62  ? ASP A 96  ILE A 101 1 ? 6  
HELX_P HELX_P5 AA5 ASP A 67  ? ASN A 77  ? ASP A 106 ASN A 116 1 ? 11 
HELX_P HELX_P6 AA6 ASN A 82  ? ASN A 101 ? ASN A 121 ASN A 140 1 ? 20 
HELX_P HELX_P7 AA7 ASP A 105 ? GLU A 124 ? ASP A 144 GLU A 163 1 ? 20 
# 
_struct_conf_type.id          HELX_P 
_struct_conf_type.criteria    ? 
_struct_conf_type.reference   ? 
# 
_pdbx_validate_rmsd_bond.id                        1 
_pdbx_validate_rmsd_bond.PDB_model_num             1 
_pdbx_validate_rmsd_bond.auth_atom_id_1            CD 
_pdbx_validate_rmsd_bond.auth_asym_id_1            A 
_pdbx_validate_rmsd_bond.auth_comp_id_1            GLU 
_pdbx_validate_rmsd_bond.auth_seq_id_1             124 
_pdbx_validate_rmsd_bond.PDB_ins_code_1            ? 
_pdbx_validate_rmsd_bond.label_alt_id_1            ? 
_pdbx_validate_rmsd_bond.auth_atom_id_2            OE2 
_pdbx_validate_rmsd_bond.auth_asym_id_2            A 
_pdbx_validate_rmsd_bond.auth_comp_id_2            GLU 
_pdbx_validate_rmsd_bond.auth_seq_id_2             124 
_pdbx_validate_rmsd_bond.PDB_ins_code_2            ? 
_pdbx_validate_rmsd_bond.label_alt_id_2            ? 
_pdbx_validate_rmsd_bond.bond_value                1.182 
_pdbx_validate_rmsd_bond.bond_target_value         1.252 
_pdbx_validate_rmsd_bond.bond_deviation            -0.070 
_pdbx_validate_rmsd_bond.bond_standard_deviation   0.011 
_pdbx_validate_rmsd_bond.linker_flag               N 
# 
loop_
_pdbx_validate_torsion.id 
_pdbx_validate_torsion.PDB_model_num 
_pdbx_validate_torsion.auth_comp_id 
_pdbx_validate_torsion.auth_asym_id 
_pdbx_validate_torsion.auth_seq_id 
_pdbx_validate_torsion.PDB_ins_code 
_pdbx_validate_torsion.label_alt_id 
_pdbx_validate_torsion.phi 
_pdbx_validate_torsion.psi 
1 1 ASN A 52  ? ? -162.33 104.95 
2 1 ASN A 117 ? ? -0.80   92.30  
# 
_pdbx_entry_details.entry_id                 7ZEF 
_pdbx_entry_details.has_ligand_of_interest   Y 
_pdbx_entry_details.compound_details         ? 
_pdbx_entry_details.source_details           ? 
_pdbx_entry_details.nonpolymer_details       ? 
_pdbx_entry_details.sequence_details         ? 
# 
loop_
_chem_comp_atom.comp_id 
_chem_comp_atom.atom_id 
_chem_comp_atom.type_symbol 
_chem_comp_atom.pdbx_aromatic_flag 
_chem_comp_atom.pdbx_stereo_config 
_chem_comp_atom.pdbx_ordinal 
ALA N    N  N N 1   
ALA CA   C  N S 2   
ALA C    C  N N 3   
ALA O    O  N N 4   
ALA CB   C  N N 5   
ALA OXT  O  N N 6   
ALA H    H  N N 7   
ALA H2   H  N N 8   
ALA HA   H  N N 9   
ALA HB1  H  N N 10  
ALA HB2  H  N N 11  
ALA HB3  H  N N 12  
ALA HXT  H  N N 13  
ARG N    N  N N 14  
ARG CA   C  N S 15  
ARG C    C  N N 16  
ARG O    O  N N 17  
ARG CB   C  N N 18  
ARG CG   C  N N 19  
ARG CD   C  N N 20  
ARG NE   N  N N 21  
ARG CZ   C  N N 22  
ARG NH1  N  N N 23  
ARG NH2  N  N N 24  
ARG OXT  O  N N 25  
ARG H    H  N N 26  
ARG H2   H  N N 27  
ARG HA   H  N N 28  
ARG HB2  H  N N 29  
ARG HB3  H  N N 30  
ARG HG2  H  N N 31  
ARG HG3  H  N N 32  
ARG HD2  H  N N 33  
ARG HD3  H  N N 34  
ARG HE   H  N N 35  
ARG HH11 H  N N 36  
ARG HH12 H  N N 37  
ARG HH21 H  N N 38  
ARG HH22 H  N N 39  
ARG HXT  H  N N 40  
ASN N    N  N N 41  
ASN CA   C  N S 42  
ASN C    C  N N 43  
ASN O    O  N N 44  
ASN CB   C  N N 45  
ASN CG   C  N N 46  
ASN OD1  O  N N 47  
ASN ND2  N  N N 48  
ASN OXT  O  N N 49  
ASN H    H  N N 50  
ASN H2   H  N N 51  
ASN HA   H  N N 52  
ASN HB2  H  N N 53  
ASN HB3  H  N N 54  
ASN HD21 H  N N 55  
ASN HD22 H  N N 56  
ASN HXT  H  N N 57  
ASP N    N  N N 58  
ASP CA   C  N S 59  
ASP C    C  N N 60  
ASP O    O  N N 61  
ASP CB   C  N N 62  
ASP CG   C  N N 63  
ASP OD1  O  N N 64  
ASP OD2  O  N N 65  
ASP OXT  O  N N 66  
ASP H    H  N N 67  
ASP H2   H  N N 68  
ASP HA   H  N N 69  
ASP HB2  H  N N 70  
ASP HB3  H  N N 71  
ASP HD2  H  N N 72  
ASP HXT  H  N N 73  
CYS N    N  N N 74  
CYS CA   C  N R 75  
CYS C    C  N N 76  
CYS O    O  N N 77  
CYS CB   C  N N 78  
CYS SG   S  N N 79  
CYS OXT  O  N N 80  
CYS H    H  N N 81  
CYS H2   H  N N 82  
CYS HA   H  N N 83  
CYS HB2  H  N N 84  
CYS HB3  H  N N 85  
CYS HG   H  N N 86  
CYS HXT  H  N N 87  
GLN N    N  N N 88  
GLN CA   C  N S 89  
GLN C    C  N N 90  
GLN O    O  N N 91  
GLN CB   C  N N 92  
GLN CG   C  N N 93  
GLN CD   C  N N 94  
GLN OE1  O  N N 95  
GLN NE2  N  N N 96  
GLN OXT  O  N N 97  
GLN H    H  N N 98  
GLN H2   H  N N 99  
GLN HA   H  N N 100 
GLN HB2  H  N N 101 
GLN HB3  H  N N 102 
GLN HG2  H  N N 103 
GLN HG3  H  N N 104 
GLN HE21 H  N N 105 
GLN HE22 H  N N 106 
GLN HXT  H  N N 107 
GLU N    N  N N 108 
GLU CA   C  N S 109 
GLU C    C  N N 110 
GLU O    O  N N 111 
GLU CB   C  N N 112 
GLU CG   C  N N 113 
GLU CD   C  N N 114 
GLU OE1  O  N N 115 
GLU OE2  O  N N 116 
GLU OXT  O  N N 117 
GLU H    H  N N 118 
GLU H2   H  N N 119 
GLU HA   H  N N 120 
GLU HB2  H  N N 121 
GLU HB3  H  N N 122 
GLU HG2  H  N N 123 
GLU HG3  H  N N 124 
GLU HE2  H  N N 125 
GLU HXT  H  N N 126 
GLY N    N  N N 127 
GLY CA   C  N N 128 
GLY C    C  N N 129 
GLY O    O  N N 130 
GLY OXT  O  N N 131 
GLY H    H  N N 132 
GLY H2   H  N N 133 
GLY HA2  H  N N 134 
GLY HA3  H  N N 135 
GLY HXT  H  N N 136 
GOL C1   C  N N 137 
GOL O1   O  N N 138 
GOL C2   C  N N 139 
GOL O2   O  N N 140 
GOL C3   C  N N 141 
GOL O3   O  N N 142 
GOL H11  H  N N 143 
GOL H12  H  N N 144 
GOL HO1  H  N N 145 
GOL H2   H  N N 146 
GOL HO2  H  N N 147 
GOL H31  H  N N 148 
GOL H32  H  N N 149 
GOL HO3  H  N N 150 
HIS N    N  N N 151 
HIS CA   C  N S 152 
HIS C    C  N N 153 
HIS O    O  N N 154 
HIS CB   C  N N 155 
HIS CG   C  Y N 156 
HIS ND1  N  Y N 157 
HIS CD2  C  Y N 158 
HIS CE1  C  Y N 159 
HIS NE2  N  Y N 160 
HIS OXT  O  N N 161 
HIS H    H  N N 162 
HIS H2   H  N N 163 
HIS HA   H  N N 164 
HIS HB2  H  N N 165 
HIS HB3  H  N N 166 
HIS HD1  H  N N 167 
HIS HD2  H  N N 168 
HIS HE1  H  N N 169 
HIS HE2  H  N N 170 
HIS HXT  H  N N 171 
HOH O    O  N N 172 
HOH H1   H  N N 173 
HOH H2   H  N N 174 
ILE N    N  N N 175 
ILE CA   C  N S 176 
ILE C    C  N N 177 
ILE O    O  N N 178 
ILE CB   C  N S 179 
ILE CG1  C  N N 180 
ILE CG2  C  N N 181 
ILE CD1  C  N N 182 
ILE OXT  O  N N 183 
ILE H    H  N N 184 
ILE H2   H  N N 185 
ILE HA   H  N N 186 
ILE HB   H  N N 187 
ILE HG12 H  N N 188 
ILE HG13 H  N N 189 
ILE HG21 H  N N 190 
ILE HG22 H  N N 191 
ILE HG23 H  N N 192 
ILE HD11 H  N N 193 
ILE HD12 H  N N 194 
ILE HD13 H  N N 195 
ILE HXT  H  N N 196 
LEU N    N  N N 197 
LEU CA   C  N S 198 
LEU C    C  N N 199 
LEU O    O  N N 200 
LEU CB   C  N N 201 
LEU CG   C  N N 202 
LEU CD1  C  N N 203 
LEU CD2  C  N N 204 
LEU OXT  O  N N 205 
LEU H    H  N N 206 
LEU H2   H  N N 207 
LEU HA   H  N N 208 
LEU HB2  H  N N 209 
LEU HB3  H  N N 210 
LEU HG   H  N N 211 
LEU HD11 H  N N 212 
LEU HD12 H  N N 213 
LEU HD13 H  N N 214 
LEU HD21 H  N N 215 
LEU HD22 H  N N 216 
LEU HD23 H  N N 217 
LEU HXT  H  N N 218 
LYS N    N  N N 219 
LYS CA   C  N S 220 
LYS C    C  N N 221 
LYS O    O  N N 222 
LYS CB   C  N N 223 
LYS CG   C  N N 224 
LYS CD   C  N N 225 
LYS CE   C  N N 226 
LYS NZ   N  N N 227 
LYS OXT  O  N N 228 
LYS H    H  N N 229 
LYS H2   H  N N 230 
LYS HA   H  N N 231 
LYS HB2  H  N N 232 
LYS HB3  H  N N 233 
LYS HG2  H  N N 234 
LYS HG3  H  N N 235 
LYS HD2  H  N N 236 
LYS HD3  H  N N 237 
LYS HE2  H  N N 238 
LYS HE3  H  N N 239 
LYS HZ1  H  N N 240 
LYS HZ2  H  N N 241 
LYS HZ3  H  N N 242 
LYS HXT  H  N N 243 
MET N    N  N N 244 
MET CA   C  N S 245 
MET C    C  N N 246 
MET O    O  N N 247 
MET CB   C  N N 248 
MET CG   C  N N 249 
MET SD   S  N N 250 
MET CE   C  N N 251 
MET OXT  O  N N 252 
MET H    H  N N 253 
MET H2   H  N N 254 
MET HA   H  N N 255 
MET HB2  H  N N 256 
MET HB3  H  N N 257 
MET HG2  H  N N 258 
MET HG3  H  N N 259 
MET HE1  H  N N 260 
MET HE2  H  N N 261 
MET HE3  H  N N 262 
MET HXT  H  N N 263 
PHE N    N  N N 264 
PHE CA   C  N S 265 
PHE C    C  N N 266 
PHE O    O  N N 267 
PHE CB   C  N N 268 
PHE CG   C  Y N 269 
PHE CD1  C  Y N 270 
PHE CD2  C  Y N 271 
PHE CE1  C  Y N 272 
PHE CE2  C  Y N 273 
PHE CZ   C  Y N 274 
PHE OXT  O  N N 275 
PHE H    H  N N 276 
PHE H2   H  N N 277 
PHE HA   H  N N 278 
PHE HB2  H  N N 279 
PHE HB3  H  N N 280 
PHE HD1  H  N N 281 
PHE HD2  H  N N 282 
PHE HE1  H  N N 283 
PHE HE2  H  N N 284 
PHE HZ   H  N N 285 
PHE HXT  H  N N 286 
PRO N    N  N N 287 
PRO CA   C  N S 288 
PRO C    C  N N 289 
PRO O    O  N N 290 
PRO CB   C  N N 291 
PRO CG   C  N N 292 
PRO CD   C  N N 293 
PRO OXT  O  N N 294 
PRO H    H  N N 295 
PRO HA   H  N N 296 
PRO HB2  H  N N 297 
PRO HB3  H  N N 298 
PRO HG2  H  N N 299 
PRO HG3  H  N N 300 
PRO HD2  H  N N 301 
PRO HD3  H  N N 302 
PRO HXT  H  N N 303 
SER N    N  N N 304 
SER CA   C  N S 305 
SER C    C  N N 306 
SER O    O  N N 307 
SER CB   C  N N 308 
SER OG   O  N N 309 
SER OXT  O  N N 310 
SER H    H  N N 311 
SER H2   H  N N 312 
SER HA   H  N N 313 
SER HB2  H  N N 314 
SER HB3  H  N N 315 
SER HG   H  N N 316 
SER HXT  H  N N 317 
THR N    N  N N 318 
THR CA   C  N S 319 
THR C    C  N N 320 
THR O    O  N N 321 
THR CB   C  N R 322 
THR OG1  O  N N 323 
THR CG2  C  N N 324 
THR OXT  O  N N 325 
THR H    H  N N 326 
THR H2   H  N N 327 
THR HA   H  N N 328 
THR HB   H  N N 329 
THR HG1  H  N N 330 
THR HG21 H  N N 331 
THR HG22 H  N N 332 
THR HG23 H  N N 333 
THR HXT  H  N N 334 
TRP N    N  N N 335 
TRP CA   C  N S 336 
TRP C    C  N N 337 
TRP O    O  N N 338 
TRP CB   C  N N 339 
TRP CG   C  Y N 340 
TRP CD1  C  Y N 341 
TRP CD2  C  Y N 342 
TRP NE1  N  Y N 343 
TRP CE2  C  Y N 344 
TRP CE3  C  Y N 345 
TRP CZ2  C  Y N 346 
TRP CZ3  C  Y N 347 
TRP CH2  C  Y N 348 
TRP OXT  O  N N 349 
TRP H    H  N N 350 
TRP H2   H  N N 351 
TRP HA   H  N N 352 
TRP HB2  H  N N 353 
TRP HB3  H  N N 354 
TRP HD1  H  N N 355 
TRP HE1  H  N N 356 
TRP HE3  H  N N 357 
TRP HZ2  H  N N 358 
TRP HZ3  H  N N 359 
TRP HH2  H  N N 360 
TRP HXT  H  N N 361 
TYR N    N  N N 362 
TYR CA   C  N S 363 
TYR C    C  N N 364 
TYR O    O  N N 365 
TYR CB   C  N N 366 
TYR CG   C  Y N 367 
TYR CD1  C  Y N 368 
TYR CD2  C  Y N 369 
TYR CE1  C  Y N 370 
TYR CE2  C  Y N 371 
TYR CZ   C  Y N 372 
TYR OH   O  N N 373 
TYR OXT  O  N N 374 
TYR H    H  N N 375 
TYR H2   H  N N 376 
TYR HA   H  N N 377 
TYR HB2  H  N N 378 
TYR HB3  H  N N 379 
TYR HD1  H  N N 380 
TYR HD2  H  N N 381 
TYR HE1  H  N N 382 
TYR HE2  H  N N 383 
TYR HH   H  N N 384 
TYR HXT  H  N N 385 
UUG C4   C  Y N 386 
UUG C5   C  N N 387 
UUG C6   C  Y N 388 
UUG C7   C  Y N 389 
UUG C    C  Y N 390 
UUG O    O  N N 391 
UUG C1   C  Y N 392 
UUG C2   C  Y N 393 
UUG C3   C  N N 394 
UUG O1   O  N N 395 
UUG BR   BR N N 396 
UUG H1   H  N N 397 
UUG H2   H  N N 398 
UUG H3   H  N N 399 
UUG H4   H  N N 400 
UUG H5   H  N N 401 
UUG H6   H  N N 402 
UUG H7   H  N N 403 
UUG H8   H  N N 404 
UUG H9   H  N N 405 
VAL N    N  N N 406 
VAL CA   C  N S 407 
VAL C    C  N N 408 
VAL O    O  N N 409 
VAL CB   C  N N 410 
VAL CG1  C  N N 411 
VAL CG2  C  N N 412 
VAL OXT  O  N N 413 
VAL H    H  N N 414 
VAL H2   H  N N 415 
VAL HA   H  N N 416 
VAL HB   H  N N 417 
VAL HG11 H  N N 418 
VAL HG12 H  N N 419 
VAL HG13 H  N N 420 
VAL HG21 H  N N 421 
VAL HG22 H  N N 422 
VAL HG23 H  N N 423 
VAL HXT  H  N N 424 
# 
loop_
_chem_comp_bond.comp_id 
_chem_comp_bond.atom_id_1 
_chem_comp_bond.atom_id_2 
_chem_comp_bond.value_order 
_chem_comp_bond.pdbx_aromatic_flag 
_chem_comp_bond.pdbx_stereo_config 
_chem_comp_bond.pdbx_ordinal 
ALA N   CA   sing N N 1   
ALA N   H    sing N N 2   
ALA N   H2   sing N N 3   
ALA CA  C    sing N N 4   
ALA CA  CB   sing N N 5   
ALA CA  HA   sing N N 6   
ALA C   O    doub N N 7   
ALA C   OXT  sing N N 8   
ALA CB  HB1  sing N N 9   
ALA CB  HB2  sing N N 10  
ALA CB  HB3  sing N N 11  
ALA OXT HXT  sing N N 12  
ARG N   CA   sing N N 13  
ARG N   H    sing N N 14  
ARG N   H2   sing N N 15  
ARG CA  C    sing N N 16  
ARG CA  CB   sing N N 17  
ARG CA  HA   sing N N 18  
ARG C   O    doub N N 19  
ARG C   OXT  sing N N 20  
ARG CB  CG   sing N N 21  
ARG CB  HB2  sing N N 22  
ARG CB  HB3  sing N N 23  
ARG CG  CD   sing N N 24  
ARG CG  HG2  sing N N 25  
ARG CG  HG3  sing N N 26  
ARG CD  NE   sing N N 27  
ARG CD  HD2  sing N N 28  
ARG CD  HD3  sing N N 29  
ARG NE  CZ   sing N N 30  
ARG NE  HE   sing N N 31  
ARG CZ  NH1  sing N N 32  
ARG CZ  NH2  doub N N 33  
ARG NH1 HH11 sing N N 34  
ARG NH1 HH12 sing N N 35  
ARG NH2 HH21 sing N N 36  
ARG NH2 HH22 sing N N 37  
ARG OXT HXT  sing N N 38  
ASN N   CA   sing N N 39  
ASN N   H    sing N N 40  
ASN N   H2   sing N N 41  
ASN CA  C    sing N N 42  
ASN CA  CB   sing N N 43  
ASN CA  HA   sing N N 44  
ASN C   O    doub N N 45  
ASN C   OXT  sing N N 46  
ASN CB  CG   sing N N 47  
ASN CB  HB2  sing N N 48  
ASN CB  HB3  sing N N 49  
ASN CG  OD1  doub N N 50  
ASN CG  ND2  sing N N 51  
ASN ND2 HD21 sing N N 52  
ASN ND2 HD22 sing N N 53  
ASN OXT HXT  sing N N 54  
ASP N   CA   sing N N 55  
ASP N   H    sing N N 56  
ASP N   H2   sing N N 57  
ASP CA  C    sing N N 58  
ASP CA  CB   sing N N 59  
ASP CA  HA   sing N N 60  
ASP C   O    doub N N 61  
ASP C   OXT  sing N N 62  
ASP CB  CG   sing N N 63  
ASP CB  HB2  sing N N 64  
ASP CB  HB3  sing N N 65  
ASP CG  OD1  doub N N 66  
ASP CG  OD2  sing N N 67  
ASP OD2 HD2  sing N N 68  
ASP OXT HXT  sing N N 69  
CYS N   CA   sing N N 70  
CYS N   H    sing N N 71  
CYS N   H2   sing N N 72  
CYS CA  C    sing N N 73  
CYS CA  CB   sing N N 74  
CYS CA  HA   sing N N 75  
CYS C   O    doub N N 76  
CYS C   OXT  sing N N 77  
CYS CB  SG   sing N N 78  
CYS CB  HB2  sing N N 79  
CYS CB  HB3  sing N N 80  
CYS SG  HG   sing N N 81  
CYS OXT HXT  sing N N 82  
GLN N   CA   sing N N 83  
GLN N   H    sing N N 84  
GLN N   H2   sing N N 85  
GLN CA  C    sing N N 86  
GLN CA  CB   sing N N 87  
GLN CA  HA   sing N N 88  
GLN C   O    doub N N 89  
GLN C   OXT  sing N N 90  
GLN CB  CG   sing N N 91  
GLN CB  HB2  sing N N 92  
GLN CB  HB3  sing N N 93  
GLN CG  CD   sing N N 94  
GLN CG  HG2  sing N N 95  
GLN CG  HG3  sing N N 96  
GLN CD  OE1  doub N N 97  
GLN CD  NE2  sing N N 98  
GLN NE2 HE21 sing N N 99  
GLN NE2 HE22 sing N N 100 
GLN OXT HXT  sing N N 101 
GLU N   CA   sing N N 102 
GLU N   H    sing N N 103 
GLU N   H2   sing N N 104 
GLU CA  C    sing N N 105 
GLU CA  CB   sing N N 106 
GLU CA  HA   sing N N 107 
GLU C   O    doub N N 108 
GLU C   OXT  sing N N 109 
GLU CB  CG   sing N N 110 
GLU CB  HB2  sing N N 111 
GLU CB  HB3  sing N N 112 
GLU CG  CD   sing N N 113 
GLU CG  HG2  sing N N 114 
GLU CG  HG3  sing N N 115 
GLU CD  OE1  doub N N 116 
GLU CD  OE2  sing N N 117 
GLU OE2 HE2  sing N N 118 
GLU OXT HXT  sing N N 119 
GLY N   CA   sing N N 120 
GLY N   H    sing N N 121 
GLY N   H2   sing N N 122 
GLY CA  C    sing N N 123 
GLY CA  HA2  sing N N 124 
GLY CA  HA3  sing N N 125 
GLY C   O    doub N N 126 
GLY C   OXT  sing N N 127 
GLY OXT HXT  sing N N 128 
GOL C1  O1   sing N N 129 
GOL C1  C2   sing N N 130 
GOL C1  H11  sing N N 131 
GOL C1  H12  sing N N 132 
GOL O1  HO1  sing N N 133 
GOL C2  O2   sing N N 134 
GOL C2  C3   sing N N 135 
GOL C2  H2   sing N N 136 
GOL O2  HO2  sing N N 137 
GOL C3  O3   sing N N 138 
GOL C3  H31  sing N N 139 
GOL C3  H32  sing N N 140 
GOL O3  HO3  sing N N 141 
HIS N   CA   sing N N 142 
HIS N   H    sing N N 143 
HIS N   H2   sing N N 144 
HIS CA  C    sing N N 145 
HIS CA  CB   sing N N 146 
HIS CA  HA   sing N N 147 
HIS C   O    doub N N 148 
HIS C   OXT  sing N N 149 
HIS CB  CG   sing N N 150 
HIS CB  HB2  sing N N 151 
HIS CB  HB3  sing N N 152 
HIS CG  ND1  sing Y N 153 
HIS CG  CD2  doub Y N 154 
HIS ND1 CE1  doub Y N 155 
HIS ND1 HD1  sing N N 156 
HIS CD2 NE2  sing Y N 157 
HIS CD2 HD2  sing N N 158 
HIS CE1 NE2  sing Y N 159 
HIS CE1 HE1  sing N N 160 
HIS NE2 HE2  sing N N 161 
HIS OXT HXT  sing N N 162 
HOH O   H1   sing N N 163 
HOH O   H2   sing N N 164 
ILE N   CA   sing N N 165 
ILE N   H    sing N N 166 
ILE N   H2   sing N N 167 
ILE CA  C    sing N N 168 
ILE CA  CB   sing N N 169 
ILE CA  HA   sing N N 170 
ILE C   O    doub N N 171 
ILE C   OXT  sing N N 172 
ILE CB  CG1  sing N N 173 
ILE CB  CG2  sing N N 174 
ILE CB  HB   sing N N 175 
ILE CG1 CD1  sing N N 176 
ILE CG1 HG12 sing N N 177 
ILE CG1 HG13 sing N N 178 
ILE CG2 HG21 sing N N 179 
ILE CG2 HG22 sing N N 180 
ILE CG2 HG23 sing N N 181 
ILE CD1 HD11 sing N N 182 
ILE CD1 HD12 sing N N 183 
ILE CD1 HD13 sing N N 184 
ILE OXT HXT  sing N N 185 
LEU N   CA   sing N N 186 
LEU N   H    sing N N 187 
LEU N   H2   sing N N 188 
LEU CA  C    sing N N 189 
LEU CA  CB   sing N N 190 
LEU CA  HA   sing N N 191 
LEU C   O    doub N N 192 
LEU C   OXT  sing N N 193 
LEU CB  CG   sing N N 194 
LEU CB  HB2  sing N N 195 
LEU CB  HB3  sing N N 196 
LEU CG  CD1  sing N N 197 
LEU CG  CD2  sing N N 198 
LEU CG  HG   sing N N 199 
LEU CD1 HD11 sing N N 200 
LEU CD1 HD12 sing N N 201 
LEU CD1 HD13 sing N N 202 
LEU CD2 HD21 sing N N 203 
LEU CD2 HD22 sing N N 204 
LEU CD2 HD23 sing N N 205 
LEU OXT HXT  sing N N 206 
LYS N   CA   sing N N 207 
LYS N   H    sing N N 208 
LYS N   H2   sing N N 209 
LYS CA  C    sing N N 210 
LYS CA  CB   sing N N 211 
LYS CA  HA   sing N N 212 
LYS C   O    doub N N 213 
LYS C   OXT  sing N N 214 
LYS CB  CG   sing N N 215 
LYS CB  HB2  sing N N 216 
LYS CB  HB3  sing N N 217 
LYS CG  CD   sing N N 218 
LYS CG  HG2  sing N N 219 
LYS CG  HG3  sing N N 220 
LYS CD  CE   sing N N 221 
LYS CD  HD2  sing N N 222 
LYS CD  HD3  sing N N 223 
LYS CE  NZ   sing N N 224 
LYS CE  HE2  sing N N 225 
LYS CE  HE3  sing N N 226 
LYS NZ  HZ1  sing N N 227 
LYS NZ  HZ2  sing N N 228 
LYS NZ  HZ3  sing N N 229 
LYS OXT HXT  sing N N 230 
MET N   CA   sing N N 231 
MET N   H    sing N N 232 
MET N   H2   sing N N 233 
MET CA  C    sing N N 234 
MET CA  CB   sing N N 235 
MET CA  HA   sing N N 236 
MET C   O    doub N N 237 
MET C   OXT  sing N N 238 
MET CB  CG   sing N N 239 
MET CB  HB2  sing N N 240 
MET CB  HB3  sing N N 241 
MET CG  SD   sing N N 242 
MET CG  HG2  sing N N 243 
MET CG  HG3  sing N N 244 
MET SD  CE   sing N N 245 
MET CE  HE1  sing N N 246 
MET CE  HE2  sing N N 247 
MET CE  HE3  sing N N 248 
MET OXT HXT  sing N N 249 
PHE N   CA   sing N N 250 
PHE N   H    sing N N 251 
PHE N   H2   sing N N 252 
PHE CA  C    sing N N 253 
PHE CA  CB   sing N N 254 
PHE CA  HA   sing N N 255 
PHE C   O    doub N N 256 
PHE C   OXT  sing N N 257 
PHE CB  CG   sing N N 258 
PHE CB  HB2  sing N N 259 
PHE CB  HB3  sing N N 260 
PHE CG  CD1  doub Y N 261 
PHE CG  CD2  sing Y N 262 
PHE CD1 CE1  sing Y N 263 
PHE CD1 HD1  sing N N 264 
PHE CD2 CE2  doub Y N 265 
PHE CD2 HD2  sing N N 266 
PHE CE1 CZ   doub Y N 267 
PHE CE1 HE1  sing N N 268 
PHE CE2 CZ   sing Y N 269 
PHE CE2 HE2  sing N N 270 
PHE CZ  HZ   sing N N 271 
PHE OXT HXT  sing N N 272 
PRO N   CA   sing N N 273 
PRO N   CD   sing N N 274 
PRO N   H    sing N N 275 
PRO CA  C    sing N N 276 
PRO CA  CB   sing N N 277 
PRO CA  HA   sing N N 278 
PRO C   O    doub N N 279 
PRO C   OXT  sing N N 280 
PRO CB  CG   sing N N 281 
PRO CB  HB2  sing N N 282 
PRO CB  HB3  sing N N 283 
PRO CG  CD   sing N N 284 
PRO CG  HG2  sing N N 285 
PRO CG  HG3  sing N N 286 
PRO CD  HD2  sing N N 287 
PRO CD  HD3  sing N N 288 
PRO OXT HXT  sing N N 289 
SER N   CA   sing N N 290 
SER N   H    sing N N 291 
SER N   H2   sing N N 292 
SER CA  C    sing N N 293 
SER CA  CB   sing N N 294 
SER CA  HA   sing N N 295 
SER C   O    doub N N 296 
SER C   OXT  sing N N 297 
SER CB  OG   sing N N 298 
SER CB  HB2  sing N N 299 
SER CB  HB3  sing N N 300 
SER OG  HG   sing N N 301 
SER OXT HXT  sing N N 302 
THR N   CA   sing N N 303 
THR N   H    sing N N 304 
THR N   H2   sing N N 305 
THR CA  C    sing N N 306 
THR CA  CB   sing N N 307 
THR CA  HA   sing N N 308 
THR C   O    doub N N 309 
THR C   OXT  sing N N 310 
THR CB  OG1  sing N N 311 
THR CB  CG2  sing N N 312 
THR CB  HB   sing N N 313 
THR OG1 HG1  sing N N 314 
THR CG2 HG21 sing N N 315 
THR CG2 HG22 sing N N 316 
THR CG2 HG23 sing N N 317 
THR OXT HXT  sing N N 318 
TRP N   CA   sing N N 319 
TRP N   H    sing N N 320 
TRP N   H2   sing N N 321 
TRP CA  C    sing N N 322 
TRP CA  CB   sing N N 323 
TRP CA  HA   sing N N 324 
TRP C   O    doub N N 325 
TRP C   OXT  sing N N 326 
TRP CB  CG   sing N N 327 
TRP CB  HB2  sing N N 328 
TRP CB  HB3  sing N N 329 
TRP CG  CD1  doub Y N 330 
TRP CG  CD2  sing Y N 331 
TRP CD1 NE1  sing Y N 332 
TRP CD1 HD1  sing N N 333 
TRP CD2 CE2  doub Y N 334 
TRP CD2 CE3  sing Y N 335 
TRP NE1 CE2  sing Y N 336 
TRP NE1 HE1  sing N N 337 
TRP CE2 CZ2  sing Y N 338 
TRP CE3 CZ3  doub Y N 339 
TRP CE3 HE3  sing N N 340 
TRP CZ2 CH2  doub Y N 341 
TRP CZ2 HZ2  sing N N 342 
TRP CZ3 CH2  sing Y N 343 
TRP CZ3 HZ3  sing N N 344 
TRP CH2 HH2  sing N N 345 
TRP OXT HXT  sing N N 346 
TYR N   CA   sing N N 347 
TYR N   H    sing N N 348 
TYR N   H2   sing N N 349 
TYR CA  C    sing N N 350 
TYR CA  CB   sing N N 351 
TYR CA  HA   sing N N 352 
TYR C   O    doub N N 353 
TYR C   OXT  sing N N 354 
TYR CB  CG   sing N N 355 
TYR CB  HB2  sing N N 356 
TYR CB  HB3  sing N N 357 
TYR CG  CD1  doub Y N 358 
TYR CG  CD2  sing Y N 359 
TYR CD1 CE1  sing Y N 360 
TYR CD1 HD1  sing N N 361 
TYR CD2 CE2  doub Y N 362 
TYR CD2 HD2  sing N N 363 
TYR CE1 CZ   doub Y N 364 
TYR CE1 HE1  sing N N 365 
TYR CE2 CZ   sing Y N 366 
TYR CE2 HE2  sing N N 367 
TYR CZ  OH   sing N N 368 
TYR OH  HH   sing N N 369 
TYR OXT HXT  sing N N 370 
UUG C3  O    sing N N 371 
UUG C5  O1   sing N N 372 
UUG C5  C4   sing N N 373 
UUG O   C2   sing N N 374 
UUG C4  C2   doub Y N 375 
UUG C4  C6   sing Y N 376 
UUG C2  C1   sing Y N 377 
UUG C6  C7   doub Y N 378 
UUG C1  C    doub Y N 379 
UUG C7  C    sing Y N 380 
UUG C   BR   sing N N 381 
UUG C5  H1   sing N N 382 
UUG C5  H2   sing N N 383 
UUG C6  H3   sing N N 384 
UUG C7  H4   sing N N 385 
UUG C1  H5   sing N N 386 
UUG C3  H6   sing N N 387 
UUG C3  H7   sing N N 388 
UUG C3  H8   sing N N 389 
UUG O1  H9   sing N N 390 
VAL N   CA   sing N N 391 
VAL N   H    sing N N 392 
VAL N   H2   sing N N 393 
VAL CA  C    sing N N 394 
VAL CA  CB   sing N N 395 
VAL CA  HA   sing N N 396 
VAL C   O    doub N N 397 
VAL C   OXT  sing N N 398 
VAL CB  CG1  sing N N 399 
VAL CB  CG2  sing N N 400 
VAL CB  HB   sing N N 401 
VAL CG1 HG11 sing N N 402 
VAL CG1 HG12 sing N N 403 
VAL CG1 HG13 sing N N 404 
VAL CG2 HG21 sing N N 405 
VAL CG2 HG22 sing N N 406 
VAL CG2 HG23 sing N N 407 
VAL OXT HXT  sing N N 408 
# 
loop_
_pdbx_audit_support.funding_organization 
_pdbx_audit_support.country 
_pdbx_audit_support.grant_number 
_pdbx_audit_support.ordinal 
'Cancer Research UK' 'United Kingdom' C57659/A27310 1 
'Cancer Research UK' 'United Kingdom' C1362/A20263  2 
'Cancer Research UK' 'United Kingdom' C2215/A21421  3 
# 
_pdbx_entity_instance_feature.ordinal        1 
_pdbx_entity_instance_feature.comp_id        UUG 
_pdbx_entity_instance_feature.asym_id        ? 
_pdbx_entity_instance_feature.seq_num        ? 
_pdbx_entity_instance_feature.auth_comp_id   UUG 
_pdbx_entity_instance_feature.auth_asym_id   ? 
_pdbx_entity_instance_feature.auth_seq_num   ? 
_pdbx_entity_instance_feature.feature_type   'SUBJECT OF INVESTIGATION' 
_pdbx_entity_instance_feature.details        ? 
# 
_pdbx_initial_refinement_model.id               1 
_pdbx_initial_refinement_model.entity_id_list   ? 
_pdbx_initial_refinement_model.type             'experimental model' 
_pdbx_initial_refinement_model.source_name      PDB 
_pdbx_initial_refinement_model.accession_code   5LRQ 
_pdbx_initial_refinement_model.details          ? 
# 
_atom_sites.entry_id                    7ZEF 
_atom_sites.Cartn_transf_matrix[1][1]   ? 
_atom_sites.Cartn_transf_matrix[1][2]   ? 
_atom_sites.Cartn_transf_matrix[1][3]   ? 
_atom_sites.Cartn_transf_matrix[2][1]   ? 
_atom_sites.Cartn_transf_matrix[2][2]   ? 
_atom_sites.Cartn_transf_matrix[2][3]   ? 
_atom_sites.Cartn_transf_matrix[3][1]   ? 
_atom_sites.Cartn_transf_matrix[3][2]   ? 
_atom_sites.Cartn_transf_matrix[3][3]   ? 
_atom_sites.Cartn_transf_vector[1]      ? 
_atom_sites.Cartn_transf_vector[2]      ? 
_atom_sites.Cartn_transf_vector[3]      ? 
_atom_sites.fract_transf_matrix[1][1]   -0.02080031 
_atom_sites.fract_transf_matrix[1][2]   0.01572289 
_atom_sites.fract_transf_matrix[1][3]   -0.00457218 
_atom_sites.fract_transf_matrix[2][1]   0.01280882 
_atom_sites.fract_transf_matrix[2][2]   0.01853558 
_atom_sites.fract_transf_matrix[2][3]   0.00546907 
_atom_sites.fract_transf_matrix[3][1]   0.00352239 
_atom_sites.fract_transf_matrix[3][2]   0.00113868 
_atom_sites.fract_transf_matrix[3][3]   -0.01210877 
_atom_sites.fract_transf_vector[1]      -0.315876 
_atom_sites.fract_transf_vector[2]      0.068298 
_atom_sites.fract_transf_vector[3]      -0.117860 
_atom_sites.solution_primary            ? 
_atom_sites.solution_secondary          ? 
_atom_sites.solution_hydrogens          ? 
_atom_sites.special_details             ? 
# 
loop_
_atom_type.symbol 
_atom_type.pdbx_scat_Z 
_atom_type.pdbx_N_electrons 
_atom_type.scat_Cromer_Mann_a1 
_atom_type.scat_Cromer_Mann_b1 
_atom_type.scat_Cromer_Mann_a2 
_atom_type.scat_Cromer_Mann_b2 
_atom_type.scat_Cromer_Mann_a3 
_atom_type.scat_Cromer_Mann_b3 
_atom_type.scat_Cromer_Mann_a4 
_atom_type.scat_Cromer_Mann_b4 
_atom_type.scat_Cromer_Mann_c 
BR 35 35 17.182 2.172  5.237 16.580 5.639 0.261  3.986 41.433 -1.142  
C  6  6  2.310  20.844 1.020 10.208 1.589 0.569  0.865 51.651 0.216   
N  7  7  12.222 0.006  3.135 9.893  2.014 28.997 1.167 0.583  -11.538 
O  8  8  3.049  13.277 2.287 5.701  1.546 0.324  0.867 32.909 0.251   
S  16 16 6.905  1.468  5.203 22.215 1.438 0.254  1.586 56.172 1.030   
# 
loop_
_atom_site.group_PDB 
_atom_site.id 
_atom_site.type_symbol 
_atom_site.label_atom_id 
_atom_site.label_alt_id 
_atom_site.label_comp_id 
_atom_site.label_asym_id 
_atom_site.label_entity_id 
_atom_site.label_seq_id 
_atom_site.pdbx_PDB_ins_code 
_atom_site.Cartn_x 
_atom_site.Cartn_y 
_atom_site.Cartn_z 
_atom_site.occupancy 
_atom_site.B_iso_or_equiv 
_atom_site.pdbx_formal_charge 
_atom_site.auth_seq_id 
_atom_site.auth_comp_id 
_atom_site.auth_asym_id 
_atom_site.auth_atom_id 
_atom_site.pdbx_PDB_model_num 
_atom_site.calc_flag 
ATOM   1    N  N   . GLY A 1 1   ? -14.518 -12.821 -0.175  1.000 35.323 0 40  GLY A N   1 ? 
ATOM   2    C  CA  . GLY A 1 1   ? -14.367 -13.107 -1.624  1.000 24.966 0 40  GLY A CA  1 ? 
ATOM   3    C  C   . GLY A 1 1   ? -14.014 -14.575 -1.851  1.000 23.057 0 40  GLY A C   1 ? 
ATOM   4    O  O   . GLY A 1 1   ? -14.321 -15.414 -1.006  1.000 23.487 0 40  GLY A O   1 ? 
ATOM   5    N  N   . SER A 1 2   ? -13.293 -14.850 -2.934  1.000 20.912 0 41  SER A N   1 ? 
ATOM   6    C  CA  . SER A 1 2   ? -12.930 -16.213 -3.305  1.000 18.732 0 41  SER A CA  1 ? 
ATOM   7    C  C   . SER A 1 2   ? -11.962 -16.831 -2.311  1.000 17.584 0 41  SER A C   1 ? 
ATOM   8    O  O   . SER A 1 2   ? -10.977 -16.203 -1.904  1.000 16.450 0 41  SER A O   1 ? 
ATOM   9    C  CB  . SER A 1 2   ? -12.314 -16.220 -4.662  1.000 19.535 0 41  SER A CB  1 ? 
ATOM   10   O  OG  . SER A 1 2   ? -11.763 -17.511 -4.916  1.000 17.890 0 41  SER A OG  1 ? 
ATOM   11   N  N   . HIS A 1 3   ? -12.146 -18.140 -2.011  1.000 16.058 0 42  HIS A N   1 ? 
ATOM   12   C  CA  . HIS A 1 3   ? -11.196 -18.916 -1.241  1.000 15.536 0 42  HIS A CA  1 ? 
ATOM   13   C  C   . HIS A 1 3   ? -9.820  -19.077 -1.916  1.000 16.458 0 42  HIS A C   1 ? 
ATOM   14   O  O   . HIS A 1 3   ? -8.810  -19.468 -1.313  1.000 18.560 0 42  HIS A O   1 ? 
ATOM   15   C  CB  . HIS A 1 3   ? -11.765 -20.306 -0.885  1.000 18.013 0 42  HIS A CB  1 ? 
ATOM   16   C  CG  . HIS A 1 3   ? -11.651 -21.248 -2.048  1.000 17.256 0 42  HIS A CG  1 ? 
ATOM   17   N  ND1 . HIS A 1 3   ? -12.415 -21.115 -3.164  1.000 17.203 0 42  HIS A ND1 1 ? 
ATOM   18   C  CD2 . HIS A 1 3   ? -10.894 -22.349 -2.257  1.000 22.114 0 42  HIS A CD2 1 ? 
ATOM   19   C  CE1 . HIS A 1 3   ? -12.141 -22.094 -4.023  1.000 20.696 0 42  HIS A CE1 1 ? 
ATOM   20   N  NE2 . HIS A 1 3   ? -11.211 -22.825 -3.496  1.000 20.086 0 42  HIS A NE2 1 ? 
ATOM   21   N  N   . MET A 1 4   ? -9.753  -18.736 -3.209  1.000 14.529 0 43  MET A N   1 ? 
ATOM   22   C  CA  . MET A 1 4   ? -8.457  -18.831 -3.850  1.000 14.668 0 43  MET A CA  1 ? 
ATOM   23   C  C   . MET A 1 4   ? -7.588  -17.568 -3.742  1.000 14.485 0 43  MET A C   1 ? 
ATOM   24   O  O   . MET A 1 4   ? -6.437  -17.573 -4.185  1.000 17.112 0 43  MET A O   1 ? 
ATOM   25   C  CB  . MET A 1 4   ? -8.614  -19.209 -5.320  1.000 16.626 0 43  MET A CB  1 ? 
ATOM   26   C  CG  . MET A 1 4   ? -9.369  -20.534 -5.485  1.000 16.128 0 43  MET A CG  1 ? 
ATOM   27   S  SD  . MET A 1 4   ? -9.328  -21.220 -7.090  1.000 20.992 0 43  MET A SD  1 ? 
ATOM   28   C  CE  . MET A 1 4   ? -9.444  -19.787 -8.129  1.000 23.888 0 43  MET A CE  1 ? 
ATOM   29   N  N   . ASN A 1 5   ? -8.137  -16.511 -3.164  1.000 13.413 0 44  ASN A N   1 ? 
ATOM   30   C  CA  . ASN A 1 5   ? -7.308  -15.358 -2.811  1.000 13.880 0 44  ASN A CA  1 ? 
ATOM   31   C  C   . ASN A 1 5   ? -6.952  -15.486 -1.340  1.000 14.415 0 44  ASN A C   1 ? 
ATOM   32   O  O   . ASN A 1 5   ? -7.743  -16.037 -0.561  1.000 15.376 0 44  ASN A O   1 ? 
ATOM   33   C  CB  . ASN A 1 5   ? -8.091  -14.073 -3.032  1.000 13.988 0 44  ASN A CB  1 ? 
ATOM   34   C  CG  . ASN A 1 5   ? -8.219  -13.685 -4.487  1.000 14.301 0 44  ASN A CG  1 ? 
ATOM   35   O  OD1 . ASN A 1 5   ? -7.240  -13.743 -5.230  1.000 14.910 0 44  ASN A OD1 1 ? 
ATOM   36   N  ND2 . ASN A 1 5   ? -9.393  -13.250 -4.907  1.000 14.012 0 44  ASN A ND2 1 ? 
ATOM   37   N  N   . PRO A 1 6   ? -5.791  -15.029 -0.893  1.000 13.869 0 45  PRO A N   1 ? 
ATOM   38   C  CA  . PRO A 1 6   ? -5.455  -15.105 0.525   1.000 14.083 0 45  PRO A CA  1 ? 
ATOM   39   C  C   . PRO A 1 6   ? -6.326  -14.166 1.338   1.000 14.406 0 45  PRO A C   1 ? 
ATOM   40   O  O   . PRO A 1 6   ? -6.856  -13.209 0.818   1.000 14.121 0 45  PRO A O   1 ? 
ATOM   41   C  CB  . PRO A 1 6   ? -4.007  -14.640 0.547   1.000 13.690 0 45  PRO A CB  1 ? 
ATOM   42   C  CG  . PRO A 1 6   ? -3.924  -13.669 -0.600  1.000 14.604 0 45  PRO A CG  1 ? 
ATOM   43   C  CD  . PRO A 1 6   ? -4.793  -14.293 -1.679  1.000 13.800 0 45  PRO A CD  1 ? 
ATOM   44   N  N   . PRO A 1 7   ? -6.412  -14.354 2.665   1.000 14.566 0 46  PRO A N   1 ? 
ATOM   45   C  CA  . PRO A 1 7   ? -6.996  -13.314 3.486   1.000 14.836 0 46  PRO A CA  1 ? 
ATOM   46   C  C   . PRO A 1 7   ? -6.166  -12.047 3.282   1.000 14.040 0 46  PRO A C   1 ? 
ATOM   47   O  O   . PRO A 1 7   ? -4.961  -12.110 3.023   1.000 15.033 0 46  PRO A O   1 ? 
ATOM   48   C  CB  . PRO A 1 7   ? -6.795  -13.829 4.930   1.000 17.475 0 46  PRO A CB  1 ? 
ATOM   49   C  CG  . PRO A 1 7   ? -5.902  -15.020 4.840   1.000 22.681 0 46  PRO A CG  1 ? 
ATOM   50   C  CD  . PRO A 1 7   ? -5.846  -15.482 3.403   1.000 18.313 0 46  PRO A CD  1 ? 
ATOM   51   N  N   . PRO A 1 8   ? -6.773  -10.865 3.458   1.000 14.880 0 47  PRO A N   1 ? 
ATOM   52   C  CA  . PRO A 1 8   ? -6.033  -9.613  3.301   1.000 15.592 0 47  PRO A CA  1 ? 
ATOM   53   C  C   . PRO A 1 8   ? -5.077  -9.404  4.459   1.000 14.539 0 47  PRO A C   1 ? 
ATOM   54   O  O   . PRO A 1 8   ? -5.126  -10.112 5.480   1.000 16.612 0 47  PRO A O   1 ? 
ATOM   55   C  CB  . PRO A 1 8   ? -7.118  -8.565  3.487   1.000 19.038 0 47  PRO A CB  1 ? 
ATOM   56   C  CG  . PRO A 1 8   ? -8.177  -9.281  4.305   1.000 19.004 0 47  PRO A CG  1 ? 
ATOM   57   C  CD  . PRO A 1 8   ? -8.209  -10.678 3.733   1.000 17.723 0 47  PRO A CD  1 ? 
ATOM   58   N  N   . PRO A 1 9   ? -4.121  -8.461  4.361   1.000 12.806 0 48  PRO A N   1 ? 
ATOM   59   C  CA  . PRO A 1 9   ? -3.256  -8.179  5.506   1.000 13.721 0 48  PRO A CA  1 ? 
ATOM   60   C  C   . PRO A 1 9   ? -4.114  -7.747  6.695   1.000 14.549 0 48  PRO A C   1 ? 
ATOM   61   O  O   . PRO A 1 9   ? -5.133  -7.126  6.511   1.000 13.941 0 48  PRO A O   1 ? 
ATOM   62   C  CB  . PRO A 1 9   ? -2.335  -7.038  4.988   1.000 13.239 0 48  PRO A CB  1 ? 
ATOM   63   C  CG  . PRO A 1 9   ? -2.391  -7.233  3.457   1.000 13.844 0 48  PRO A CG  1 ? 
ATOM   64   C  CD  . PRO A 1 9   ? -3.819  -7.590  3.199   1.000 13.270 0 48  PRO A CD  1 ? 
ATOM   65   N  N   . GLU A 1 10  ? -3.556  -7.983  7.887   1.000 16.053 0 49  GLU A N   1 ? 
ATOM   66   C  CA  . GLU A 1 10  ? -4.178  -7.609  9.155   1.000 17.166 0 49  GLU A CA  1 ? 
ATOM   67   C  C   . GLU A 1 10  ? -4.415  -6.105  9.211   1.000 16.633 0 49  GLU A C   1 ? 
ATOM   68   O  O   . GLU A 1 10  ? -3.514  -5.320  8.884   1.000 13.805 0 49  GLU A O   1 ? 
ATOM   69   C  CB  . GLU A 1 10  ? -3.215  -7.924  10.296  1.000 17.175 0 49  GLU A CB  1 ? 
ATOM   70   C  CG  . GLU A 1 10  ? -3.912  -7.842  11.652  1.000 18.366 0 49  GLU A CG  1 ? 
ATOM   71   C  CD  . GLU A 1 10  ? -2.967  -8.273  12.741  1.000 20.382 0 49  GLU A CD  1 ? 
ATOM   72   O  OE1 . GLU A 1 10  ? -3.206  -9.332  13.404  1.000 22.072 0 49  GLU A OE1 1 ? 
ATOM   73   O  OE2 . GLU A 1 10  ? -1.999  -7.580  12.933  1.000 20.181 0 49  GLU A OE2 1 ? 
ATOM   74   N  N   . THR A 1 11  ? -5.625  -5.694  9.585   1.000 15.229 0 50  THR A N   1 ? 
ATOM   75   C  CA  . THR A 1 11  ? -5.952  -4.289  9.768   1.000 17.444 0 50  THR A CA  1 ? 
ATOM   76   C  C   . THR A 1 11  ? -6.446  -3.946  11.185  1.000 13.998 0 50  THR A C   1 ? 
ATOM   77   O  O   . THR A 1 11  ? -6.653  -2.784  11.457  1.000 16.000 0 50  THR A O   1 ? 
ATOM   78   C  CB  . THR A 1 11  ? -6.935  -3.799  8.714   1.000 17.515 0 50  THR A CB  1 ? 
ATOM   79   O  OG1 . THR A 1 11  ? -8.045  -4.711  8.748   1.000 18.011 0 50  THR A OG1 1 ? 
ATOM   80   C  CG2 . THR A 1 11  ? -6.302  -3.811  7.332   1.000 17.931 0 50  THR A CG2 1 ? 
ATOM   81   N  N   . SER A 1 12  ? -6.764  -4.990  11.973  1.000 15.672 0 51  SER A N   1 ? 
ATOM   82   C  CA  . SER A 1 12  ? -7.260  -4.768  13.323  1.000 16.212 0 51  SER A CA  1 ? 
ATOM   83   C  C   . SER A 1 12  ? -6.640  -5.870  14.164  1.000 17.344 0 51  SER A C   1 ? 
ATOM   84   O  O   . SER A 1 12  ? -6.687  -7.059  13.840  1.000 20.754 0 51  SER A O   1 ? 
ATOM   85   C  CB  . SER A 1 12  ? -8.764  -4.877  13.290  1.000 20.301 0 51  SER A CB  1 ? 
ATOM   86   O  OG  . SER A 1 12  ? -9.271  -4.912  14.601  1.000 23.126 0 51  SER A OG  1 ? 
ATOM   87   N  N   . ASN A 1 13  ? -6.050  -5.489  15.307  1.000 14.108 0 52  ASN A N   1 ? 
ATOM   88   C  CA  . ASN A 1 13  ? -5.534  -6.426  16.276  1.000 13.849 0 52  ASN A CA  1 ? 
ATOM   89   C  C   . ASN A 1 13  ? -5.361  -5.673  17.585  1.000 13.227 0 52  ASN A C   1 ? 
ATOM   90   O  O   . ASN A 1 13  ? -4.399  -4.931  17.737  1.000 13.235 0 52  ASN A O   1 ? 
ATOM   91   C  CB  . ASN A 1 13  ? -4.180  -7.060  15.917  1.000 17.716 0 52  ASN A CB  1 ? 
ATOM   92   C  CG  . ASN A 1 13  ? -3.838  -8.165  16.892  1.000 17.367 0 52  ASN A CG  1 ? 
ATOM   93   O  OD1 . ASN A 1 13  ? -4.251  -8.179  18.035  1.000 19.742 0 52  ASN A OD1 1 ? 
ATOM   94   N  ND2 . ASN A 1 13  ? -3.134  -9.180  16.417  1.000 25.060 0 52  ASN A ND2 1 ? 
ATOM   95   N  N   . PRO A 1 14  ? -6.249  -5.882  18.575  1.000 12.749 0 53  PRO A N   1 ? 
ATOM   96   C  CA  . PRO A 1 14  ? -6.116  -5.210  19.854  1.000 13.036 0 53  PRO A CA  1 ? 
ATOM   97   C  C   . PRO A 1 14  ? -4.842  -5.482  20.644  1.000 13.575 0 53  PRO A C   1 ? 
ATOM   98   O  O   . PRO A 1 14  ? -4.540  -4.696  21.537  1.000 16.682 0 53  PRO A O   1 ? 
ATOM   99   C  CB  . PRO A 1 14  ? -7.333  -5.685  20.672  1.000 13.591 0 53  PRO A CB  1 ? 
ATOM   100  C  CG  . PRO A 1 14  ? -8.337  -5.945  19.597  1.000 14.431 0 53  PRO A CG  1 ? 
ATOM   101  C  CD  . PRO A 1 14  ? -7.542  -6.606  18.479  1.000 13.798 0 53  PRO A CD  1 ? 
ATOM   102  N  N   . ASN A 1 15  ? -4.114  -6.525  20.330  1.000 13.982 0 54  ASN A N   1 ? 
ATOM   103  C  CA  . ASN A 1 15  ? -2.914  -6.778  21.105  1.000 15.544 0 54  ASN A CA  1 ? 
ATOM   104  C  C   . ASN A 1 15  ? -1.718  -5.997  20.565  1.000 13.990 0 54  ASN A C   1 ? 
ATOM   105  O  O   . ASN A 1 15  ? -0.686  -5.995  21.239  1.000 16.118 0 54  ASN A O   1 ? 
ATOM   106  C  CB  . ASN A 1 15  ? -2.541  -8.239  21.026  1.000 15.751 0 54  ASN A CB  1 ? 
ATOM   107  C  CG  . ASN A 1 15  ? -3.518  -9.117  21.784  1.000 17.589 0 54  ASN A CG  1 ? 
ATOM   108  O  OD1 . ASN A 1 15  ? -3.991  -8.758  22.863  1.000 20.985 0 54  ASN A OD1 1 ? 
ATOM   109  N  ND2 . ASN A 1 15  ? -3.867  -10.230 21.174  1.000 21.436 0 54  ASN A ND2 1 ? 
ATOM   110  N  N   . LYS A 1 16  ? -1.821  -5.362  19.388  1.000 13.730 0 55  LYS A N   1 ? 
ATOM   111  C  CA  . LYS A 1 16  ? -0.700  -4.582  18.859  1.000 13.103 0 55  LYS A CA  1 ? 
ATOM   112  C  C   . LYS A 1 16  ? -0.800  -3.154  19.394  1.000 14.710 0 55  LYS A C   1 ? 
ATOM   113  O  O   . LYS A 1 16  ? -1.810  -2.502  19.240  1.000 14.067 0 55  LYS A O   1 ? 
ATOM   114  C  CB  . LYS A 1 16  ? -0.852  -4.548  17.345  1.000 12.482 0 55  LYS A CB  1 ? 
ATOM   115  C  CG  . LYS A 1 16  ? 0.268   -3.738  16.651  1.000 13.932 0 55  LYS A CG  1 ? 
ATOM   116  C  CD  . LYS A 1 16  ? 0.096   -3.727  15.116  1.000 13.172 0 55  LYS A CD  1 ? 
ATOM   117  C  CE  . LYS A 1 16  ? 1.308   -3.158  14.370  1.000 14.705 0 55  LYS A CE  1 ? 
ATOM   118  N  NZ  . LYS A 1 16  ? 1.538   -1.712  14.683  1.000 11.934 0 55  LYS A NZ  1 ? 
ATOM   119  N  N   . PRO A 1 17  ? 0.216   -2.614  20.117  1.000 15.814 0 56  PRO A N   1 ? 
ATOM   120  C  CA  . PRO A 1 17  ? 0.091   -1.249  20.624  1.000 14.624 0 56  PRO A CA  1 ? 
ATOM   121  C  C   . PRO A 1 17  ? 0.036   -0.193  19.519  1.000 15.346 0 56  PRO A C   1 ? 
ATOM   122  O  O   . PRO A 1 17  ? 0.611   -0.434  18.467  1.000 13.735 0 56  PRO A O   1 ? 
ATOM   123  C  CB  . PRO A 1 17  ? 1.370   -1.021  21.444  1.000 16.205 0 56  PRO A CB  1 ? 
ATOM   124  C  CG  . PRO A 1 17  ? 1.908   -2.399  21.720  1.000 21.041 0 56  PRO A CG  1 ? 
ATOM   125  C  CD  . PRO A 1 17  ? 1.425   -3.287  20.581  1.000 16.559 0 56  PRO A CD  1 ? 
ATOM   126  N  N   . LYS A 1 18  ? -0.738  0.855   19.745  1.000 14.328 0 57  LYS A N   1 ? 
ATOM   127  C  CA  . LYS A 1 18  ? -1.073  1.799   18.686  1.000 16.515 0 57  LYS A CA  1 ? 
ATOM   128  C  C   . LYS A 1 18  ? -0.704  3.172   19.171  1.000 16.145 0 57  LYS A C   1 ? 
ATOM   129  O  O   . LYS A 1 18  ? -0.815  3.448   20.361  1.000 16.854 0 57  LYS A O   1 ? 
ATOM   130  C  CB  . LYS A 1 18  ? -2.597  1.867   18.426  1.000 16.503 0 57  LYS A CB  1 ? 
ATOM   131  C  CG  . LYS A 1 18  ? -3.206  0.501   18.281  1.000 14.458 0 57  LYS A CG  1 ? 
ATOM   132  C  CD  . LYS A 1 18  ? -2.620  -0.231  17.070  1.000 15.063 0 57  LYS A CD  1 ? 
ATOM   133  C  CE  . LYS A 1 18  ? -3.526  -1.304  16.529  1.000 16.181 0 57  LYS A CE  1 ? 
ATOM   134  N  NZ  . LYS A 1 18  ? -3.966  -2.210  17.623  1.000 13.029 0 57  LYS A NZ  1 ? 
ATOM   135  N  N   . ARG A 1 19  ? -0.340  4.035   18.231  1.000 15.617 0 58  ARG A N   1 ? 
ATOM   136  C  CA  . ARG A 1 19  ? -0.086  5.402   18.623  1.000 17.658 0 58  ARG A CA  1 ? 
ATOM   137  C  C   . ARG A 1 19  ? -0.382  6.297   17.445  1.000 19.287 0 58  ARG A C   1 ? 
ATOM   138  O  O   . ARG A 1 19  ? 0.081   5.979   16.361  1.000 21.977 0 58  ARG A O   1 ? 
ATOM   139  C  CB  . ARG A 1 19  ? 1.409   5.483   18.979  1.000 19.074 0 58  ARG A CB  1 ? 
ATOM   140  C  CG  . ARG A 1 19  ? 1.967   6.846   19.336  1.000 21.564 0 58  ARG A CG  1 ? 
ATOM   141  C  CD  . ARG A 1 19  ? 3.370   6.415   19.708  1.000 16.789 0 58  ARG A CD  1 ? 
ATOM   142  N  NE  . ARG A 1 19  ? 4.266   6.173   18.613  1.000 15.464 0 58  ARG A NE  1 ? 
ATOM   143  C  CZ  . ARG A 1 19  ? 5.488   6.620   18.555  1.000 15.428 0 58  ARG A CZ  1 ? 
ATOM   144  N  NH1 . ARG A 1 19  ? 6.046   7.240   19.587  1.000 19.755 0 58  ARG A NH1 1 ? 
ATOM   145  N  NH2 . ARG A 1 19  ? 6.187   6.355   17.465  1.000 16.997 0 58  ARG A NH2 1 ? 
ATOM   146  N  N   . GLN A 1 20  ? -0.979  7.451   17.750  1.000 17.928 0 59  GLN A N   1 ? 
ATOM   147  C  CA  . GLN A 1 20  ? -1.041  8.508   16.764  1.000 21.443 0 59  GLN A CA  1 ? 
ATOM   148  C  C   . GLN A 1 20  ? 0.280   9.271   16.816  1.000 18.648 0 59  GLN A C   1 ? 
ATOM   149  O  O   . GLN A 1 20  ? 0.755   9.560   17.923  1.000 21.328 0 59  GLN A O   1 ? 
ATOM   150  C  CB  . GLN A 1 20  ? -2.125  9.506   17.151  1.000 24.146 0 59  GLN A CB  1 ? 
ATOM   151  C  CG  . GLN A 1 20  ? -2.788  10.200  15.968  1.000 32.757 0 59  GLN A CG  1 ? 
ATOM   152  C  CD  . GLN A 1 20  ? -2.827  9.333   14.731  1.000 30.654 0 59  GLN A CD  1 ? 
ATOM   153  O  OE1 . GLN A 1 20  ? -1.982  9.441   13.835  1.000 30.690 0 59  GLN A OE1 1 ? 
ATOM   154  N  NE2 . GLN A 1 20  ? -3.804  8.439   14.682  1.000 34.112 0 59  GLN A NE2 1 ? 
ATOM   155  N  N   . THR A 1 21  ? 0.868   9.609   15.658  1.000 17.775 0 60  THR A N   1 ? 
ATOM   156  C  CA  . THR A 1 21  ? 1.938   10.601  15.633  1.000 15.499 0 60  THR A CA  1 ? 
ATOM   157  C  C   . THR A 1 21  ? 1.595   11.664  14.592  1.000 14.543 0 60  THR A C   1 ? 
ATOM   158  O  O   . THR A 1 21  ? 0.773   11.436  13.682  1.000 14.791 0 60  THR A O   1 ? 
ATOM   159  C  CB  . THR A 1 21  ? 3.334   10.000  15.403  1.000 15.100 0 60  THR A CB  1 ? 
ATOM   160  O  OG1 . THR A 1 21  ? 3.390   9.611   14.009  1.000 15.090 0 60  THR A OG1 1 ? 
ATOM   161  C  CG2 . THR A 1 21  ? 3.598   8.777   16.271  1.000 15.299 0 60  THR A CG2 1 ? 
ATOM   162  N  N   . ASN A 1 22  ? 2.286   12.798  14.684  1.000 14.481 0 61  ASN A N   1 ? 
ATOM   163  C  CA  . ASN A 1 22  ? 2.102   13.825  13.670  1.000 14.604 0 61  ASN A CA  1 ? 
ATOM   164  C  C   . ASN A 1 22  ? 2.493   13.313  12.268  1.000 14.343 0 61  ASN A C   1 ? 
ATOM   165  O  O   . ASN A 1 22  ? 1.921   13.734  11.258  1.000 14.484 0 61  ASN A O   1 ? 
ATOM   166  C  CB  . ASN A 1 22  ? 2.825   15.156  13.991  1.000 15.315 0 61  ASN A CB  1 ? 
ATOM   167  C  CG  . ASN A 1 22  ? 4.333   14.975  14.037  1.000 14.479 0 61  ASN A CG  1 ? 
ATOM   168  O  OD1 . ASN A 1 22  ? 4.841   14.031  14.618  1.000 16.766 0 61  ASN A OD1 1 ? 
ATOM   169  N  ND2 . ASN A 1 22  ? 5.034   15.861  13.320  1.000 17.759 0 61  ASN A ND2 1 ? 
ATOM   170  N  N   . GLN A 1 23  ? 3.506   12.435  12.220  1.000 13.844 0 62  GLN A N   1 ? 
ATOM   171  C  CA  . GLN A 1 23  ? 3.915   11.834  10.955  1.000 13.109 0 62  GLN A CA  1 ? 
ATOM   172  C  C   . GLN A 1 23  ? 2.827   10.918  10.406  1.000 12.558 0 62  GLN A C   1 ? 
ATOM   173  O  O   . GLN A 1 23  ? 2.565   10.987  9.201   1.000 13.035 0 62  GLN A O   1 ? 
ATOM   174  C  CB  . GLN A 1 23  ? 5.226   11.052  11.110  1.000 13.780 0 62  GLN A CB  1 ? 
ATOM   175  C  CG  . GLN A 1 23  ? 6.380   11.957  11.581  1.000 15.852 0 62  GLN A CG  1 ? 
ATOM   176  C  CD  . GLN A 1 23  ? 7.666   11.185  11.598  1.000 16.187 0 62  GLN A CD  1 ? 
ATOM   177  O  OE1 . GLN A 1 23  ? 7.700   10.008  11.946  1.000 16.534 0 62  GLN A OE1 1 ? 
ATOM   178  N  NE2 . GLN A 1 23  ? 8.756   11.889  11.259  1.000 18.187 0 62  GLN A NE2 1 ? 
ATOM   179  N  N   . LEU A 1 24  ? 2.225   10.079  11.241  1.000 12.113 0 63  LEU A N   1 ? 
ATOM   180  C  CA  . LEU A 1 24  ? 1.100   9.241   10.767  1.000 11.656 0 63  LEU A CA  1 ? 
ATOM   181  C  C   . LEU A 1 24  ? -0.070  10.088  10.284  1.000 11.771 0 63  LEU A C   1 ? 
ATOM   182  O  O   . LEU A 1 24  ? -0.714  9.755   9.280   1.000 13.416 0 63  LEU A O   1 ? 
ATOM   183  C  CB  . LEU A 1 24  ? 0.659   8.246   11.831  1.000 12.685 0 63  LEU A CB  1 ? 
ATOM   184  C  CG  . LEU A 1 24  ? 1.659   7.107   11.983  1.000 13.148 0 63  LEU A CG  1 ? 
ATOM   185  C  CD1 . LEU A 1 24  ? 1.477   6.393   13.329  1.000 14.925 0 63  LEU A CD1 1 ? 
ATOM   186  C  CD2 . LEU A 1 24  ? 1.539   6.152   10.772  1.000 14.109 0 63  LEU A CD2 1 ? 
ATOM   187  N  N   . GLN A 1 25  ? -0.355  11.207  10.963  1.000 12.903 0 64  GLN A N   1 ? 
ATOM   188  C  CA  . GLN A 1 25  ? -1.418  12.118  10.543  1.000 14.867 0 64  GLN A CA  1 ? 
ATOM   189  C  C   . GLN A 1 25  ? -1.135  12.694  9.159   1.000 13.662 0 64  GLN A C   1 ? 
ATOM   190  O  O   . GLN A 1 25  ? -2.026  12.715  8.300   1.000 15.118 0 64  GLN A O   1 ? 
ATOM   191  C  CB  . GLN A 1 25  ? -1.612  13.190  11.619  1.000 14.994 0 64  GLN A CB  1 ? 
ATOM   192  C  CG  . GLN A 1 25  ? -2.330  12.702  12.877  1.000 21.171 0 64  GLN A CG  1 ? 
ATOM   193  C  CD  . GLN A 1 25  ? -2.205  13.620  14.079  0.500 20.065 0 64  GLN A CD  1 ? 
ATOM   194  O  OE1 . GLN A 1 25  ? -1.427  14.573  14.101  0.500 20.865 0 64  GLN A OE1 1 ? 
ATOM   195  N  NE2 . GLN A 1 25  ? -2.967  13.319  15.119  0.500 22.520 0 64  GLN A NE2 1 ? 
ATOM   196  N  N   . TYR A 1 26  ? 0.140   13.019  8.892   1.000 13.762 0 65  TYR A N   1 ? 
ATOM   197  C  CA  . TYR A 1 26  ? 0.542   13.536  7.589   1.000 14.970 0 65  TYR A CA  1 ? 
ATOM   198  C  C   . TYR A 1 26  ? 0.421   12.417  6.542   1.000 14.294 0 65  TYR A C   1 ? 
ATOM   199  O  O   . TYR A 1 26  ? -0.022  12.657  5.406   1.000 14.894 0 65  TYR A O   1 ? 
ATOM   200  C  CB  . TYR A 1 26  ? 1.982   14.029  7.681   1.000 15.604 0 65  TYR A CB  1 ? 
ATOM   201  C  CG  . TYR A 1 26  ? 2.622   14.466  6.386   1.000 16.109 0 65  TYR A CG  1 ? 
ATOM   202  C  CD1 . TYR A 1 26  ? 3.325   13.552  5.613   1.000 16.090 0 65  TYR A CD1 1 ? 
ATOM   203  C  CD2 . TYR A 1 26  ? 2.604   15.783  5.955   1.000 16.309 0 65  TYR A CD2 1 ? 
ATOM   204  C  CE1 . TYR A 1 26  ? 3.998   13.948  4.459   1.000 16.847 0 65  TYR A CE1 1 ? 
ATOM   205  C  CE2 . TYR A 1 26  ? 3.254   16.190  4.793   1.000 16.377 0 65  TYR A CE2 1 ? 
ATOM   206  C  CZ  . TYR A 1 26  ? 3.942   15.264  4.024   1.000 16.207 0 65  TYR A CZ  1 ? 
ATOM   207  O  OH  . TYR A 1 26  ? 4.613   15.652  2.888   1.000 17.940 0 65  TYR A OH  1 ? 
ATOM   208  N  N   . LEU A 1 27  ? 0.785   11.171  6.898   1.000 12.975 0 66  LEU A N   1 ? 
ATOM   209  C  CA  . LEU A 1 27  ? 0.615   10.085  5.939   1.000 12.920 0 66  LEU A CA  1 ? 
ATOM   210  C  C   . LEU A 1 27  ? -0.841  9.910   5.521   1.000 13.203 0 66  LEU A C   1 ? 
ATOM   211  O  O   . LEU A 1 27  ? -1.084  9.541   4.363   1.000 14.748 0 66  LEU A O   1 ? 
ATOM   212  C  CB  . LEU A 1 27  ? 1.203   8.817   6.552   1.000 14.093 0 66  LEU A CB  1 ? 
ATOM   213  C  CG  . LEU A 1 27  ? 2.710   8.744   6.411   1.000 13.802 0 66  LEU A CG  1 ? 
ATOM   214  C  CD1 . LEU A 1 27  ? 3.304   7.763   7.393   1.000 15.872 0 66  LEU A CD1 1 ? 
ATOM   215  C  CD2 . LEU A 1 27  ? 3.037   8.320   4.978   1.000 18.757 0 66  LEU A CD2 1 ? 
ATOM   216  N  N   . LEU A 1 28  ? -1.801  10.089  6.419   1.000 12.484 0 67  LEU A N   1 ? 
ATOM   217  C  CA  . LEU A 1 28  ? -3.206  9.995   6.044   1.000 13.985 0 67  LEU A CA  1 ? 
ATOM   218  C  C   . LEU A 1 28  ? -3.667  11.241  5.291   1.000 14.382 0 67  LEU A C   1 ? 
ATOM   219  O  O   . LEU A 1 28  ? -4.273  11.126  4.224   1.000 15.536 0 67  LEU A O   1 ? 
ATOM   220  C  CB  . LEU A 1 28  ? -4.058  9.773   7.292   1.000 14.824 0 67  LEU A CB  1 ? 
ATOM   221  C  CG  . LEU A 1 28  ? -5.576  9.689   7.036   1.000 16.063 0 67  LEU A CG  1 ? 
ATOM   222  C  CD1 . LEU A 1 28  ? -5.896  8.638   5.972   1.000 17.887 0 67  LEU A CD1 1 ? 
ATOM   223  C  CD2 . LEU A 1 28  ? -6.280  9.372   8.340   1.000 19.223 0 67  LEU A CD2 1 ? 
ATOM   224  N  N   . ARG A 1 29  ? -3.477  12.430  5.878   1.000 16.028 0 68  ARG A N   1 ? 
ATOM   225  C  CA  . ARG A 1 29  ? -4.109  13.651  5.382   1.000 16.604 0 68  ARG A CA  1 ? 
ATOM   226  C  C   . ARG A 1 29  ? -3.438  14.153  4.111   1.000 17.345 0 68  ARG A C   1 ? 
ATOM   227  O  O   . ARG A 1 29  ? -4.128  14.823  3.332   1.000 19.578 0 68  ARG A O   1 ? 
ATOM   228  C  CB  . ARG A 1 29  ? -4.046  14.724  6.484   1.000 17.968 0 68  ARG A CB  1 ? 
ATOM   229  C  CG  . ARG A 1 29  ? -4.887  14.390  7.708   1.000 20.341 0 68  ARG A CG  1 ? 
ATOM   230  C  CD  . ARG A 1 29  ? -4.652  15.477  8.751   1.000 24.767 0 68  ARG A CD  1 ? 
ATOM   231  N  NE  . ARG A 1 29  ? -5.170  15.108  10.062  0.500 23.495 0 68  ARG A NE  1 ? 
ATOM   232  C  CZ  . ARG A 1 29  ? -6.445  15.200  10.408  0.500 28.370 0 68  ARG A CZ  1 ? 
ATOM   233  N  NH1 . ARG A 1 29  ? -7.337  15.659  9.543   0.500 30.821 0 68  ARG A NH1 1 ? 
ATOM   234  N  NH2 . ARG A 1 29  ? -6.831  14.836  11.619  0.500 29.653 0 68  ARG A NH2 1 ? 
ATOM   235  N  N   . VAL A 1 30  ? -2.146  13.899  3.927   1.000 15.123 0 69  VAL A N   1 ? 
ATOM   236  C  CA  . VAL A 1 30  ? -1.414  14.387  2.758   1.000 16.736 0 69  VAL A CA  1 ? 
ATOM   237  C  C   . VAL A 1 30  ? -1.089  13.237  1.815   1.000 16.211 0 69  VAL A C   1 ? 
ATOM   238  O  O   . VAL A 1 30  ? -1.391  13.295  0.607   1.000 17.775 0 69  VAL A O   1 ? 
ATOM   239  C  CB  . VAL A 1 30  ? -0.145  15.169  3.142   1.000 15.242 0 69  VAL A CB  1 ? 
ATOM   240  C  CG1 . VAL A 1 30  ? 0.675   15.627  1.924   1.000 16.416 0 69  VAL A CG1 1 ? 
ATOM   241  C  CG2 . VAL A 1 30  ? -0.497  16.363  4.035   1.000 16.199 0 69  VAL A CG2 1 ? 
ATOM   242  N  N   . VAL A 1 31  ? -0.392  12.209  2.305   1.000 15.169 0 70  VAL A N   1 ? 
ATOM   243  C  CA  . VAL A 1 31  ? 0.194   11.227  1.403   1.000 14.700 0 70  VAL A CA  1 ? 
ATOM   244  C  C   . VAL A 1 31  ? -0.890  10.331  0.799   1.000 14.267 0 70  VAL A C   1 ? 
ATOM   245  O  O   . VAL A 1 31  ? -1.045  10.257  -0.422  1.000 15.772 0 70  VAL A O   1 ? 
ATOM   246  C  CB  . VAL A 1 31  ? 1.327   10.415  2.041   1.000 14.513 0 70  VAL A CB  1 ? 
ATOM   247  C  CG1 . VAL A 1 31  ? 1.916   9.341   1.102   1.000 17.134 0 70  VAL A CG1 1 ? 
ATOM   248  C  CG2 . VAL A 1 31  ? 2.385   11.316  2.656   1.000 15.539 0 70  VAL A CG2 1 ? 
ATOM   249  N  N   A LEU A 1 32  ? -1.681  9.641   1.647   0.500 14.056 0 71  LEU A N   1 ? 
ATOM   250  N  N   B LEU A 1 32  ? -1.662  9.636   1.654   0.500 14.456 0 71  LEU A N   1 ? 
ATOM   251  C  CA  A LEU A 1 32  ? -2.710  8.739   1.139   0.500 14.953 0 71  LEU A CA  1 ? 
ATOM   252  C  CA  B LEU A 1 32  ? -2.706  8.741   1.173   0.500 15.613 0 71  LEU A CA  1 ? 
ATOM   253  C  C   A LEU A 1 32  ? -3.732  9.539   0.332   0.500 15.755 0 71  LEU A C   1 ? 
ATOM   254  C  C   B LEU A 1 32  ? -3.694  9.544   0.328   0.500 16.248 0 71  LEU A C   1 ? 
ATOM   255  O  O   A LEU A 1 32  ? -4.163  9.114   -0.739  0.500 15.577 0 71  LEU A O   1 ? 
ATOM   256  O  O   B LEU A 1 32  ? -4.025  9.135   -0.789  0.500 16.542 0 71  LEU A O   1 ? 
ATOM   257  C  CB  A LEU A 1 32  ? -3.406  7.961   2.258   0.500 14.656 0 71  LEU A CB  1 ? 
ATOM   258  C  CB  B LEU A 1 32  ? -3.402  8.040   2.343   0.500 15.897 0 71  LEU A CB  1 ? 
ATOM   259  C  CG  A LEU A 1 32  ? -4.555  7.067   1.767   0.500 14.201 0 71  LEU A CG  1 ? 
ATOM   260  C  CG  B LEU A 1 32  ? -4.276  6.835   1.967   0.500 16.507 0 71  LEU A CG  1 ? 
ATOM   261  C  CD1 A LEU A 1 32  ? -4.035  5.751   1.212   0.500 14.727 0 71  LEU A CD1 1 ? 
ATOM   262  C  CD1 B LEU A 1 32  ? -5.720  7.243   1.800   0.500 15.810 0 71  LEU A CD1 1 ? 
ATOM   263  C  CD2 A LEU A 1 32  ? -5.518  6.769   2.894   0.500 14.586 0 71  LEU A CD2 1 ? 
ATOM   264  C  CD2 B LEU A 1 32  ? -3.759  6.055   0.762   0.500 18.231 0 71  LEU A CD2 1 ? 
ATOM   265  N  N   . LYS A 1 33  ? -4.115  10.709  0.822   1.000 16.947 0 72  LYS A N   1 ? 
ATOM   266  C  CA  . LYS A 1 33  ? -5.106  11.533  0.132   1.000 18.950 0 72  LYS A CA  1 ? 
ATOM   267  C  C   . LYS A 1 33  ? -4.657  11.898  -1.286  1.000 17.824 0 72  LYS A C   1 ? 
ATOM   268  O  O   . LYS A 1 33  ? -5.471  11.822  -2.214  1.000 20.871 0 72  LYS A O   1 ? 
ATOM   269  C  CB  . LYS A 1 33  ? -5.291  12.852  0.887   1.000 21.644 0 72  LYS A CB  1 ? 
ATOM   270  C  CG  . LYS A 1 33  ? -6.415  13.746  0.368   0.500 20.953 0 72  LYS A CG  1 ? 
ATOM   271  C  CD  . LYS A 1 33  ? -6.039  15.207  0.191   0.500 23.842 0 72  LYS A CD  1 ? 
ATOM   272  C  CE  . LYS A 1 33  ? -7.274  16.051  -0.031  0.500 24.843 0 72  LYS A CE  1 ? 
ATOM   273  N  NZ  . LYS A 1 33  ? -8.190  15.857  1.112   0.500 24.942 0 72  LYS A NZ  1 ? 
ATOM   274  N  N   . THR A 1 34  ? -3.375  12.231  -1.447  1.000 17.614 0 73  THR A N   1 ? 
ATOM   275  C  CA  . THR A 1 34  ? -2.806  12.651  -2.727  1.000 19.676 0 73  THR A CA  1 ? 
ATOM   276  C  C   . THR A 1 34  ? -2.787  11.448  -3.671  1.000 17.321 0 73  THR A C   1 ? 
ATOM   277  O  O   . THR A 1 34  ? -3.229  11.497  -4.821  1.000 18.554 0 73  THR A O   1 ? 
ATOM   278  C  CB  . THR A 1 34  ? -1.359  13.168  -2.588  1.000 21.453 0 73  THR A CB  1 ? 
ATOM   279  O  OG1 . THR A 1 34  ? -1.371  14.422  -1.904  1.000 26.111 0 73  THR A OG1 1 ? 
ATOM   280  C  CG2 . THR A 1 34  ? -0.635  13.323  -3.917  1.000 27.006 0 73  THR A CG2 1 ? 
ATOM   281  N  N   . LEU A 1 35  ? -2.283  10.303  -3.181  1.000 15.422 0 74  LEU A N   1 ? 
ATOM   282  C  CA  . LEU A 1 35  ? -2.117  9.152   -4.052  1.000 15.681 0 74  LEU A CA  1 ? 
ATOM   283  C  C   . LEU A 1 35  ? -3.487  8.555   -4.384  1.000 14.385 0 74  LEU A C   1 ? 
ATOM   284  O  O   . LEU A 1 35  ? -3.686  8.062   -5.497  1.000 15.802 0 74  LEU A O   1 ? 
ATOM   285  C  CB  . LEU A 1 35  ? -1.227  8.112   -3.353  1.000 13.657 0 74  LEU A CB  1 ? 
ATOM   286  C  CG  . LEU A 1 35  ? 0.270   8.183   -3.702  1.000 16.442 0 74  LEU A CG  1 ? 
ATOM   287  C  CD1 . LEU A 1 35  ? 0.954   9.468   -3.211  1.000 17.872 0 74  LEU A CD1 1 ? 
ATOM   288  C  CD2 . LEU A 1 35  ? 1.041   6.972   -3.183  1.000 16.764 0 74  LEU A CD2 1 ? 
ATOM   289  N  N   . TRP A 1 36  ? -4.449  8.555   -3.477  1.000 13.937 0 75  TRP A N   1 ? 
ATOM   290  C  CA  . TRP A 1 36  ? -5.737  7.897   -3.676  1.000 15.840 0 75  TRP A CA  1 ? 
ATOM   291  C  C   . TRP A 1 36  ? -6.479  8.490   -4.868  1.000 17.007 0 75  TRP A C   1 ? 
ATOM   292  O  O   . TRP A 1 36  ? -7.153  7.746   -5.588  1.000 18.218 0 75  TRP A O   1 ? 
ATOM   293  C  CB  . TRP A 1 36  ? -6.605  8.011   -2.423  1.000 17.260 0 75  TRP A CB  1 ? 
ATOM   294  C  CG  . TRP A 1 36  ? -7.835  7.158   -2.421  1.000 17.036 0 75  TRP A CG  1 ? 
ATOM   295  C  CD1 . TRP A 1 36  ? -9.076  7.507   -2.885  1.000 19.498 0 75  TRP A CD1 1 ? 
ATOM   296  C  CD2 . TRP A 1 36  ? -7.956  5.779   -2.013  1.000 14.760 0 75  TRP A CD2 1 ? 
ATOM   297  N  NE1 . TRP A 1 36  ? -9.952  6.470   -2.745  1.000 18.413 0 75  TRP A NE1 1 ? 
ATOM   298  C  CE2 . TRP A 1 36  ? -9.293  5.390   -2.190  1.000 16.294 0 75  TRP A CE2 1 ? 
ATOM   299  C  CE3 . TRP A 1 36  ? -7.053  4.845   -1.494  1.000 13.726 0 75  TRP A CE3 1 ? 
ATOM   300  C  CZ2 . TRP A 1 36  ? -9.738  4.116   -1.878  1.000 16.922 0 75  TRP A CZ2 1 ? 
ATOM   301  C  CZ3 . TRP A 1 36  ? -7.478  3.580   -1.185  1.000 15.478 0 75  TRP A CZ3 1 ? 
ATOM   302  C  CH2 . TRP A 1 36  ? -8.809  3.226   -1.359  1.000 16.331 0 75  TRP A CH2 1 ? 
ATOM   303  N  N   . LYS A 1 37  ? -6.347  9.810   -5.064  1.000 16.176 0 76  LYS A N   1 ? 
ATOM   304  C  CA  . LYS A 1 37  ? -7.129  10.499  -6.082  1.000 16.723 0 76  LYS A CA  1 ? 
ATOM   305  C  C   . LYS A 1 37  ? -6.367  10.541  -7.398  1.000 18.261 0 76  LYS A C   1 ? 
ATOM   306  O  O   . LYS A 1 37  ? -6.897  11.090  -8.384  1.000 20.936 0 76  LYS A O   1 ? 
ATOM   307  C  CB  . LYS A 1 37  ? -7.515  11.911  -5.621  1.000 19.881 0 76  LYS A CB  1 ? 
ATOM   308  C  CG  . LYS A 1 37  ? -6.343  12.856  -5.471  1.000 22.082 0 76  LYS A CG  1 ? 
ATOM   309  C  CD  . LYS A 1 37  ? -6.824  14.248  -4.996  1.000 25.072 0 76  LYS A CD  1 ? 
ATOM   310  C  CE  . LYS A 1 37  ? -5.672  15.107  -4.515  1.000 31.264 0 76  LYS A CE  1 ? 
ATOM   311  N  NZ  . LYS A 1 37  ? -5.272  16.122  -5.514  1.000 34.548 0 76  LYS A NZ  1 ? 
ATOM   312  N  N   . HIS A 1 38  ? -5.151  10.015  -7.479  1.000 17.447 0 77  HIS A N   1 ? 
ATOM   313  C  CA  . HIS A 1 38  ? -4.395  9.991   -8.733  1.000 17.563 0 77  HIS A CA  1 ? 
ATOM   314  C  C   . HIS A 1 38  ? -5.115  9.159   -9.805  1.000 16.229 0 77  HIS A C   1 ? 
ATOM   315  O  O   . HIS A 1 38  ? -5.793  8.199   -9.497  1.000 16.093 0 77  HIS A O   1 ? 
ATOM   316  C  CB  . HIS A 1 38  ? -2.980  9.452   -8.460  1.000 16.916 0 77  HIS A CB  1 ? 
ATOM   317  C  CG  . HIS A 1 38  ? -2.038  9.707   -9.574  1.000 16.872 0 77  HIS A CG  1 ? 
ATOM   318  N  ND1 . HIS A 1 38  ? -2.021  8.935   -10.743 1.000 15.387 0 77  HIS A ND1 1 ? 
ATOM   319  C  CD2 . HIS A 1 38  ? -1.120  10.674  -9.759  1.000 21.775 0 77  HIS A CD2 1 ? 
ATOM   320  C  CE1 . HIS A 1 38  ? -1.122  9.414   -11.576 1.000 18.697 0 77  HIS A CE1 1 ? 
ATOM   321  N  NE2 . HIS A 1 38  ? -0.551  10.472  -10.972 1.000 21.689 0 77  HIS A NE2 1 ? 
ATOM   322  N  N   . GLN A 1 39  ? -5.027  9.635   -11.058 1.000 16.320 0 78  GLN A N   1 ? 
ATOM   323  C  CA  . GLN A 1 39  ? -5.644  8.948   -12.183 1.000 16.002 0 78  GLN A CA  1 ? 
ATOM   324  C  C   . GLN A 1 39  ? -5.282  7.462   -12.224 1.000 14.822 0 78  GLN A C   1 ? 
ATOM   325  O  O   . GLN A 1 39  ? -6.093  6.665   -12.612 1.000 15.044 0 78  GLN A O   1 ? 
ATOM   326  C  CB  . GLN A 1 39  ? -5.231  9.633   -13.493 1.000 17.684 0 78  GLN A CB  1 ? 
ATOM   327  C  CG  . GLN A 1 39  ? -5.845  9.025   -14.747 1.000 22.973 0 78  GLN A CG  1 ? 
ATOM   328  C  CD  . GLN A 1 39  ? -5.491  9.770   -16.010 1.000 26.344 0 78  GLN A CD  1 ? 
ATOM   329  O  OE1 . GLN A 1 39  ? -6.375  10.247  -16.733 1.000 29.241 0 78  GLN A OE1 1 ? 
ATOM   330  N  NE2 . GLN A 1 39  ? -4.204  9.872   -16.293 1.000 18.508 0 78  GLN A NE2 1 ? 
ATOM   331  N  N   . PHE A 1 40  ? -4.072  7.114   -11.761 1.000 14.409 0 79  PHE A N   1 ? 
ATOM   332  C  CA  . PHE A 1 40  ? -3.614  5.743   -11.847 1.000 13.423 0 79  PHE A CA  1 ? 
ATOM   333  C  C   . PHE A 1 40  ? -3.716  4.993   -10.516 1.000 13.320 0 79  PHE A C   1 ? 
ATOM   334  O  O   . PHE A 1 40  ? -3.134  3.904   -10.410 1.000 13.717 0 79  PHE A O   1 ? 
ATOM   335  C  CB  . PHE A 1 40  ? -2.145  5.775   -12.241 1.000 14.425 0 79  PHE A CB  1 ? 
ATOM   336  C  CG  . PHE A 1 40  ? -1.823  6.244   -13.635 1.000 13.806 0 79  PHE A CG  1 ? 
ATOM   337  C  CD1 . PHE A 1 40  ? -2.773  6.250   -14.650 1.000 14.321 0 79  PHE A CD1 1 ? 
ATOM   338  C  CD2 . PHE A 1 40  ? -0.532  6.639   -13.962 1.000 15.700 0 79  PHE A CD2 1 ? 
ATOM   339  C  CE1 . PHE A 1 40  ? -2.423  6.676   -15.935 1.000 16.028 0 79  PHE A CE1 1 ? 
ATOM   340  C  CE2 . PHE A 1 40  ? -0.185  7.024   -15.248 1.000 17.587 0 79  PHE A CE2 1 ? 
ATOM   341  C  CZ  . PHE A 1 40  ? -1.142  7.052   -16.234 1.000 16.649 0 79  PHE A CZ  1 ? 
ATOM   342  N  N   . ALA A 1 41  ? -4.525  5.485   -9.572  1.000 13.442 0 80  ALA A N   1 ? 
ATOM   343  C  CA  . ALA A 1 41  ? -4.665  4.797   -8.286  1.000 13.575 0 80  ALA A CA  1 ? 
ATOM   344  C  C   . ALA A 1 41  ? -5.503  3.527   -8.316  1.000 13.971 0 80  ALA A C   1 ? 
ATOM   345  O  O   . ALA A 1 41  ? -5.316  2.660   -7.454  1.000 13.813 0 80  ALA A O   1 ? 
ATOM   346  C  CB  . ALA A 1 41  ? -5.226  5.736   -7.251  1.000 14.471 0 80  ALA A CB  1 ? 
ATOM   347  N  N   . TRP A 1 42  ? -6.462  3.415   -9.262  1.000 13.058 0 81  TRP A N   1 ? 
ATOM   348  C  CA  . TRP A 1 42  ? -7.492  2.424   -9.114  1.000 12.651 0 81  TRP A CA  1 ? 
ATOM   349  C  C   . TRP A 1 42  ? -6.962  0.996   -8.975  1.000 11.481 0 81  TRP A C   1 ? 
ATOM   350  O  O   . TRP A 1 42  ? -7.554  0.229   -8.186  1.000 12.961 0 81  TRP A O   1 ? 
ATOM   351  C  CB  . TRP A 1 42  ? -8.555  2.540   -10.225 1.000 12.930 0 81  TRP A CB  1 ? 
ATOM   352  C  CG  . TRP A 1 42  ? -8.068  2.338   -11.624 1.000 13.785 0 81  TRP A CG  1 ? 
ATOM   353  C  CD1 . TRP A 1 42  ? -7.639  3.311   -12.493 1.000 14.406 0 81  TRP A CD1 1 ? 
ATOM   354  C  CD2 . TRP A 1 42  ? -7.911  1.083   -12.295 1.000 14.196 0 81  TRP A CD2 1 ? 
ATOM   355  N  NE1 . TRP A 1 42  ? -7.229  2.740   -13.663 1.000 14.923 0 81  TRP A NE1 1 ? 
ATOM   356  C  CE2 . TRP A 1 42  ? -7.386  1.390   -13.576 1.000 14.367 0 81  TRP A CE2 1 ? 
ATOM   357  C  CE3 . TRP A 1 42  ? -8.187  -0.256  -11.984 1.000 14.616 0 81  TRP A CE3 1 ? 
ATOM   358  C  CZ2 . TRP A 1 42  ? -7.085  0.414   -14.514 1.000 16.518 0 81  TRP A CZ2 1 ? 
ATOM   359  C  CZ3 . TRP A 1 42  ? -7.829  -1.221  -12.898 1.000 17.267 0 81  TRP A CZ3 1 ? 
ATOM   360  C  CH2 . TRP A 1 42  ? -7.318  -0.887  -14.152 1.000 16.286 0 81  TRP A CH2 1 ? 
ATOM   361  N  N   . PRO A 1 43  ? -5.896  0.530   -9.654  1.000 10.764 0 82  PRO A N   1 ? 
ATOM   362  C  CA  . PRO A 1 43  ? -5.453  -0.876  -9.470  1.000 11.568 0 82  PRO A CA  1 ? 
ATOM   363  C  C   . PRO A 1 43  ? -4.874  -1.145  -8.066  1.000 10.806 0 82  PRO A C   1 ? 
ATOM   364  O  O   . PRO A 1 43  ? -4.718  -2.322  -7.714  1.000 11.428 0 82  PRO A O   1 ? 
ATOM   365  C  CB  . PRO A 1 43  ? -4.268  -1.022  -10.448 1.000 11.790 0 82  PRO A CB  1 ? 
ATOM   366  C  CG  . PRO A 1 43  ? -4.510  0.102   -11.472 1.000 12.494 0 82  PRO A CG  1 ? 
ATOM   367  C  CD  . PRO A 1 43  ? -5.073  1.243   -10.642 1.000 11.030 0 82  PRO A CD  1 ? 
ATOM   368  N  N   . PHE A 1 44  ? -4.626  -0.091  -7.290  1.000 11.757 0 83  PHE A N   1 ? 
ATOM   369  C  CA  . PHE A 1 44  ? -3.912  -0.136  -6.024  1.000 11.515 0 83  PHE A CA  1 ? 
ATOM   370  C  C   . PHE A 1 44  ? -4.861  0.175   -4.884  1.000 11.790 0 83  PHE A C   1 ? 
ATOM   371  O  O   . PHE A 1 44  ? -4.409  0.191   -3.734  1.000 12.201 0 83  PHE A O   1 ? 
ATOM   372  C  CB  . PHE A 1 44  ? -2.735  0.846   -6.044  1.000 11.537 0 83  PHE A CB  1 ? 
ATOM   373  C  CG  . PHE A 1 44  ? -1.776  0.574   -7.162  1.000 10.900 0 83  PHE A CG  1 ? 
ATOM   374  C  CD1 . PHE A 1 44  ? -0.906  -0.524  -7.139  1.000 11.615 0 83  PHE A CD1 1 ? 
ATOM   375  C  CD2 . PHE A 1 44  ? -1.824  1.357   -8.316  1.000 11.870 0 83  PHE A CD2 1 ? 
ATOM   376  C  CE1 . PHE A 1 44  ? -0.076  -0.815  -8.216  1.000 12.191 0 83  PHE A CE1 1 ? 
ATOM   377  C  CE2 . PHE A 1 44  ? -0.970  1.062   -9.377  1.000 12.561 0 83  PHE A CE2 1 ? 
ATOM   378  C  CZ  . PHE A 1 44  ? -0.113  -0.022  -9.332  1.000 12.352 0 83  PHE A CZ  1 ? 
ATOM   379  N  N   . GLN A 1 45  ? -6.175  0.355   -5.114  1.000 11.510 0 84  GLN A N   1 ? 
ATOM   380  C  CA  . GLN A 1 45  ? -7.093  0.767   -4.064  1.000 11.684 0 84  GLN A CA  1 ? 
ATOM   381  C  C   . GLN A 1 45  ? -7.685  -0.408  -3.276  1.000 10.760 0 84  GLN A C   1 ? 
ATOM   382  O  O   . GLN A 1 45  ? -8.472  -0.182  -2.371  1.000 12.913 0 84  GLN A O   1 ? 
ATOM   383  C  CB  . GLN A 1 45  ? -8.213  1.621   -4.651  1.000 12.536 0 84  GLN A CB  1 ? 
ATOM   384  C  CG  . GLN A 1 45  ? -7.752  3.036   -4.970  1.000 13.862 0 84  GLN A CG  1 ? 
ATOM   385  C  CD  . GLN A 1 45  ? -8.794  3.845   -5.704  1.000 14.282 0 84  GLN A CD  1 ? 
ATOM   386  O  OE1 . GLN A 1 45  ? -9.641  3.264   -6.366  1.000 16.390 0 84  GLN A OE1 1 ? 
ATOM   387  N  NE2 . GLN A 1 45  ? -8.679  5.173   -5.613  1.000 16.683 0 84  GLN A NE2 1 ? 
ATOM   388  N  N   . GLN A 1 46  ? -7.332  -1.634  -3.632  1.000 11.370 0 85  GLN A N   1 ? 
ATOM   389  C  CA  . GLN A 1 46  ? -7.805  -2.812  -2.937  1.000 11.657 0 85  GLN A CA  1 ? 
ATOM   390  C  C   . GLN A 1 46  ? -6.833  -3.947  -3.220  1.000 12.044 0 85  GLN A C   1 ? 
ATOM   391  O  O   . GLN A 1 46  ? -5.999  -3.843  -4.129  1.000 11.312 0 85  GLN A O   1 ? 
ATOM   392  C  CB  . GLN A 1 46  ? -9.218  -3.185  -3.429  1.000 12.884 0 85  GLN A CB  1 ? 
ATOM   393  C  CG  . GLN A 1 46  ? -9.309  -3.495  -4.946  1.000 13.991 0 85  GLN A CG  1 ? 
ATOM   394  C  CD  . GLN A 1 46  ? -9.215  -2.250  -5.805  1.000 13.304 0 85  GLN A CD  1 ? 
ATOM   395  O  OE1 . GLN A 1 46  ? -9.922  -1.284  -5.536  1.000 15.404 0 85  GLN A OE1 1 ? 
ATOM   396  N  NE2 . GLN A 1 46  ? -8.315  -2.233  -6.773  1.000 14.475 0 85  GLN A NE2 1 ? 
ATOM   397  N  N   . PRO A 1 47  ? -6.829  -5.030  -2.406  1.000 11.694 0 86  PRO A N   1 ? 
ATOM   398  C  CA  . PRO A 1 47  ? -5.974  -6.189  -2.689  1.000 11.864 0 86  PRO A CA  1 ? 
ATOM   399  C  C   . PRO A 1 47  ? -6.138  -6.693  -4.114  1.000 11.839 0 86  PRO A C   1 ? 
ATOM   400  O  O   . PRO A 1 47  ? -7.238  -6.627  -4.705  1.000 13.853 0 86  PRO A O   1 ? 
ATOM   401  C  CB  . PRO A 1 47  ? -6.434  -7.271  -1.710  1.000 12.709 0 86  PRO A CB  1 ? 
ATOM   402  C  CG  . PRO A 1 47  ? -6.940  -6.449  -0.551  1.000 13.637 0 86  PRO A CG  1 ? 
ATOM   403  C  CD  . PRO A 1 47  ? -7.659  -5.264  -1.188  1.000 13.667 0 86  PRO A CD  1 ? 
ATOM   404  N  N   . VAL A 1 48  ? -5.049  -7.229  -4.666  1.000 12.002 0 87  VAL A N   1 ? 
ATOM   405  C  CA  . VAL A 1 48  ? -5.092  -7.854  -5.968  1.000 13.000 0 87  VAL A CA  1 ? 
ATOM   406  C  C   . VAL A 1 48  ? -6.020  -9.082  -5.908  1.000 13.326 0 87  VAL A C   1 ? 
ATOM   407  O  O   . VAL A 1 48  ? -5.819  -10.003 -5.122  1.000 13.650 0 87  VAL A O   1 ? 
ATOM   408  C  CB  . VAL A 1 48  ? -3.689  -8.241  -6.467  1.000 12.695 0 87  VAL A CB  1 ? 
ATOM   409  C  CG1 . VAL A 1 48  ? -3.784  -9.088  -7.730  1.000 15.118 0 87  VAL A CG1 1 ? 
ATOM   410  C  CG2 . VAL A 1 48  ? -2.772  -7.052  -6.704  1.000 14.561 0 87  VAL A CG2 1 ? 
ATOM   411  N  N   . ASP A 1 49  ? -7.023  -9.042  -6.775  1.000 14.243 0 88  ASP A N   1 ? 
ATOM   412  C  CA  . ASP A 1 49  ? -7.935  -10.185 -6.869  1.000 15.376 0 88  ASP A CA  1 ? 
ATOM   413  C  C   . ASP A 1 49  ? -7.386  -11.038 -8.005  1.000 13.989 0 88  ASP A C   1 ? 
ATOM   414  O  O   . ASP A 1 49  ? -7.713  -10.786 -9.147  1.000 14.150 0 88  ASP A O   1 ? 
ATOM   415  C  CB  . ASP A 1 49  ? -9.386  -9.734  -7.038  1.000 16.965 0 88  ASP A CB  1 ? 
ATOM   416  C  CG  . ASP A 1 49  ? -10.400 -10.875 -7.098  1.000 18.340 0 88  ASP A CG  1 ? 
ATOM   417  O  OD1 . ASP A 1 49  ? -9.995  -12.004 -7.404  1.000 16.518 0 88  ASP A OD1 1 ? 
ATOM   418  O  OD2 . ASP A 1 49  ? -11.629 -10.584 -6.935  1.000 21.814 0 88  ASP A OD2 1 ? 
ATOM   419  N  N   . ALA A 1 50  ? -6.577  -12.034 -7.637  1.000 14.154 0 89  ALA A N   1 ? 
ATOM   420  C  CA  . ALA A 1 50  ? -5.912  -12.853 -8.640  1.000 14.879 0 89  ALA A CA  1 ? 
ATOM   421  C  C   . ALA A 1 50  ? -6.907  -13.738 -9.407  1.000 14.418 0 89  ALA A C   1 ? 
ATOM   422  O  O   . ALA A 1 50  ? -6.592  -14.176 -10.518 1.000 15.075 0 89  ALA A O   1 ? 
ATOM   423  C  CB  . ALA A 1 50  ? -4.830  -13.640 -7.971  1.000 18.541 0 89  ALA A CB  1 ? 
ATOM   424  N  N   . VAL A 1 51  ? -8.083  -14.012 -8.831  1.000 14.098 0 90  VAL A N   1 ? 
ATOM   425  C  CA  . VAL A 1 51  ? -9.056  -14.822 -9.565  1.000 14.903 0 90  VAL A CA  1 ? 
ATOM   426  C  C   . VAL A 1 51  ? -9.651  -13.969 -10.665 1.000 14.584 0 90  VAL A C   1 ? 
ATOM   427  O  O   . VAL A 1 51  ? -9.691  -14.359 -11.835 1.000 16.175 0 90  VAL A O   1 ? 
ATOM   428  C  CB  . VAL A 1 51  ? -10.136 -15.358 -8.592  1.000 15.259 0 90  VAL A CB  1 ? 
ATOM   429  C  CG1 . VAL A 1 51  ? -11.262 -16.057 -9.355  1.000 17.723 0 90  VAL A CG1 1 ? 
ATOM   430  C  CG2 . VAL A 1 51  ? -9.512  -16.228 -7.503  1.000 17.939 0 90  VAL A CG2 1 ? 
ATOM   431  N  N   . LYS A 1 52  ? -10.153 -12.809 -10.270 1.000 16.214 0 91  LYS A N   1 ? 
ATOM   432  C  CA  . LYS A 1 52  ? -10.771 -11.955 -11.270 1.000 17.021 0 91  LYS A CA  1 ? 
ATOM   433  C  C   . LYS A 1 52  ? -9.774  -11.536 -12.367 1.000 16.983 0 91  LYS A C   1 ? 
ATOM   434  O  O   . LYS A 1 52  ? -10.171 -11.436 -13.524 1.000 16.284 0 91  LYS A O   1 ? 
ATOM   435  C  CB  . LYS A 1 52  ? -11.387 -10.723 -10.607 1.000 18.693 0 91  LYS A CB  1 ? 
ATOM   436  C  CG  . LYS A 1 52  ? -12.410 -10.048 -11.509 1.000 24.616 0 91  LYS A CG  1 ? 
ATOM   437  C  CD  . LYS A 1 52  ? -13.371 -9.129  -10.762 1.000 26.870 0 91  LYS A CD  1 ? 
ATOM   438  C  CE  . LYS A 1 52  ? -14.588 -8.706  -11.582 1.000 27.665 0 91  LYS A CE  1 ? 
ATOM   439  N  NZ  . LYS A 1 52  ? -15.406 -7.666  -10.900 1.000 26.713 0 91  LYS A NZ  1 ? 
ATOM   440  N  N   . LEU A 1 53  ? -8.516  -11.259 -12.039 1.000 14.423 0 92  LEU A N   1 ? 
ATOM   441  C  CA  . LEU A 1 53  ? -7.540  -10.822 -13.034 1.000 15.580 0 92  LEU A CA  1 ? 
ATOM   442  C  C   . LEU A 1 53  ? -6.895  -12.001 -13.767 1.000 16.914 0 92  LEU A C   1 ? 
ATOM   443  O  O   . LEU A 1 53  ? -6.018  -11.802 -14.612 1.000 18.325 0 92  LEU A O   1 ? 
ATOM   444  C  CB  . LEU A 1 53  ? -6.474  -9.985  -12.311 1.000 15.735 0 92  LEU A CB  1 ? 
ATOM   445  C  CG  . LEU A 1 53  ? -6.973  -8.620  -11.841 1.000 16.743 0 92  LEU A CG  1 ? 
ATOM   446  C  CD1 . LEU A 1 53  ? -6.127  -8.005  -10.749 1.000 19.143 0 92  LEU A CD1 1 ? 
ATOM   447  C  CD2 . LEU A 1 53  ? -7.052  -7.633  -13.003 1.000 18.744 0 92  LEU A CD2 1 ? 
ATOM   448  N  N   . ASN A 1 54  ? -7.307  -13.234 -13.440 1.000 15.952 0 93  ASN A N   1 ? 
ATOM   449  C  CA  . ASN A 1 54  ? -6.749  -14.434 -14.070 1.000 16.564 0 93  ASN A CA  1 ? 
ATOM   450  C  C   . ASN A 1 54  ? -5.226  -14.429 -13.951 1.000 16.415 0 93  ASN A C   1 ? 
ATOM   451  O  O   . ASN A 1 54  ? -4.496  -14.558 -14.950 1.000 19.599 0 93  ASN A O   1 ? 
ATOM   452  C  CB  . ASN A 1 54  ? -7.203  -14.637 -15.528 1.000 19.668 0 93  ASN A CB  1 ? 
ATOM   453  C  CG  . ASN A 1 54  ? -6.712  -15.949 -16.113 1.000 23.435 0 93  ASN A CG  1 ? 
ATOM   454  O  OD1 . ASN A 1 54  ? -6.673  -16.963 -15.419 1.000 27.175 0 93  ASN A OD1 1 ? 
ATOM   455  N  ND2 . ASN A 1 54  ? -6.341  -15.945 -17.382 1.000 29.108 0 93  ASN A ND2 1 ? 
ATOM   456  N  N   . LEU A 1 55  ? -4.743  -14.290 -12.708 1.000 14.572 0 94  LEU A N   1 ? 
ATOM   457  C  CA  . LEU A 1 55  ? -3.321  -14.324 -12.393 1.000 13.368 0 94  LEU A CA  1 ? 
ATOM   458  C  C   . LEU A 1 55  ? -3.136  -15.430 -11.368 1.000 13.891 0 94  LEU A C   1 ? 
ATOM   459  O  O   . LEU A 1 55  ? -2.854  -15.148 -10.197 1.000 13.229 0 94  LEU A O   1 ? 
ATOM   460  C  CB  . LEU A 1 55  ? -2.877  -12.972 -11.821 1.000 15.213 0 94  LEU A CB  1 ? 
ATOM   461  C  CG  . LEU A 1 55  ? -3.079  -11.764 -12.735 1.000 17.615 0 94  LEU A CG  1 ? 
ATOM   462  C  CD1 . LEU A 1 55  ? -2.732  -10.463 -11.990 1.000 18.053 0 94  LEU A CD1 1 ? 
ATOM   463  C  CD2 . LEU A 1 55  ? -2.282  -11.869 -14.007 1.000 20.355 0 94  LEU A CD2 1 ? 
ATOM   464  N  N   . PRO A 1 56  ? -3.271  -16.722 -11.743 1.000 14.048 0 95  PRO A N   1 ? 
ATOM   465  C  CA  . PRO A 1 56  ? -3.284  -17.772 -10.738 1.000 13.683 0 95  PRO A CA  1 ? 
ATOM   466  C  C   . PRO A 1 56  ? -1.944  -17.915 -10.028 1.000 13.737 0 95  PRO A C   1 ? 
ATOM   467  O  O   . PRO A 1 56  ? -1.892  -18.464 -8.947  1.000 16.090 0 95  PRO A O   1 ? 
ATOM   468  C  CB  . PRO A 1 56  ? -3.649  -19.061 -11.548 1.000 16.335 0 95  PRO A CB  1 ? 
ATOM   469  C  CG  . PRO A 1 56  ? -3.179  -18.679 -12.915 1.000 16.771 0 95  PRO A CG  1 ? 
ATOM   470  C  CD  . PRO A 1 56  ? -3.623  -17.223 -13.094 1.000 15.389 0 95  PRO A CD  1 ? 
ATOM   471  N  N   . ASP A 1 57  ? -0.851  -17.439 -10.615 1.000 12.642 0 96  ASP A N   1 ? 
ATOM   472  C  CA  . ASP A 1 57  ? 0.448   -17.493 -9.949  1.000 13.212 0 96  ASP A CA  1 ? 
ATOM   473  C  C   . ASP A 1 57  ? 0.755   -16.256 -9.062  1.000 12.745 0 96  ASP A C   1 ? 
ATOM   474  O  O   . ASP A 1 57  ? 1.816   -16.227 -8.460  1.000 13.888 0 96  ASP A O   1 ? 
ATOM   475  C  CB  . ASP A 1 57  ? 1.603   -17.661 -10.955 1.000 14.784 0 96  ASP A CB  1 ? 
ATOM   476  C  CG  . ASP A 1 57  ? 1.800   -16.435 -11.835 1.000 15.412 0 96  ASP A CG  1 ? 
ATOM   477  O  OD1 . ASP A 1 57  ? 0.853   -15.626 -11.989 1.000 15.530 0 96  ASP A OD1 1 ? 
ATOM   478  O  OD2 . ASP A 1 57  ? 2.879   -16.324 -12.442 1.000 20.240 0 96  ASP A OD2 1 ? 
ATOM   479  N  N   . TYR A 1 58  ? -0.171  -15.287 -8.942  1.000 13.407 0 97  TYR A N   1 ? 
ATOM   480  C  CA  . TYR A 1 58  ? 0.225   -14.031 -8.302  1.000 13.058 0 97  TYR A CA  1 ? 
ATOM   481  C  C   . TYR A 1 58  ? 0.674   -14.247 -6.872  1.000 12.389 0 97  TYR A C   1 ? 
ATOM   482  O  O   . TYR A 1 58  ? 1.730   -13.800 -6.480  1.000 13.380 0 97  TYR A O   1 ? 
ATOM   483  C  CB  . TYR A 1 58  ? -0.940  -13.043 -8.368  1.000 13.069 0 97  TYR A CB  1 ? 
ATOM   484  C  CG  . TYR A 1 58  ? -0.562  -11.690 -7.814  1.000 12.928 0 97  TYR A CG  1 ? 
ATOM   485  C  CD1 . TYR A 1 58  ? 0.238   -10.822 -8.561  1.000 12.292 0 97  TYR A CD1 1 ? 
ATOM   486  C  CD2 . TYR A 1 58  ? -0.858  -11.303 -6.517  1.000 12.904 0 97  TYR A CD2 1 ? 
ATOM   487  C  CE1 . TYR A 1 58  ? 0.638   -9.588  -8.050  1.000 12.713 0 97  TYR A CE1 1 ? 
ATOM   488  C  CE2 . TYR A 1 58  ? -0.395  -10.102 -5.961  1.000 13.466 0 97  TYR A CE2 1 ? 
ATOM   489  C  CZ  . TYR A 1 58  ? 0.306   -9.221  -6.760  1.000 14.037 0 97  TYR A CZ  1 ? 
ATOM   490  O  OH  . TYR A 1 58  ? 0.763   -8.011  -6.253  1.000 14.737 0 97  TYR A OH  1 ? 
ATOM   491  N  N   . TYR A 1 59  ? -0.131  -15.007 -6.107  1.000 13.064 0 98  TYR A N   1 ? 
ATOM   492  C  CA  . TYR A 1 59  ? 0.174   -15.192 -4.688  1.000 13.872 0 98  TYR A CA  1 ? 
ATOM   493  C  C   . TYR A 1 59  ? 1.119   -16.373 -4.483  1.000 14.744 0 98  TYR A C   1 ? 
ATOM   494  O  O   . TYR A 1 59  ? 1.496   -16.640 -3.351  1.000 16.038 0 98  TYR A O   1 ? 
ATOM   495  C  CB  . TYR A 1 59  ? -1.098  -15.278 -3.853  1.000 14.274 0 98  TYR A CB  1 ? 
ATOM   496  C  CG  . TYR A 1 59  ? -1.809  -13.954 -3.784  1.000 14.780 0 98  TYR A CG  1 ? 
ATOM   497  C  CD1 . TYR A 1 59  ? -1.268  -12.890 -3.059  1.000 15.184 0 98  TYR A CD1 1 ? 
ATOM   498  C  CD2 . TYR A 1 59  ? -3.027  -13.755 -4.412  1.000 12.937 0 98  TYR A CD2 1 ? 
ATOM   499  C  CE1 . TYR A 1 59  ? -1.929  -11.675 -2.954  1.000 14.039 0 98  TYR A CE1 1 ? 
ATOM   500  C  CE2 . TYR A 1 59  ? -3.691  -12.525 -4.360  1.000 14.525 0 98  TYR A CE2 1 ? 
ATOM   501  C  CZ  . TYR A 1 59  ? -3.119  -11.485 -3.620  1.000 13.090 0 98  TYR A CZ  1 ? 
ATOM   502  O  OH  . TYR A 1 59  ? -3.781  -10.291 -3.500  1.000 15.362 0 98  TYR A OH  1 ? 
ATOM   503  N  N   . LYS A 1 60  ? 1.504   -17.064 -5.551  1.000 15.033 0 99  LYS A N   1 ? 
ATOM   504  C  CA  . LYS A 1 60  ? 2.656   -17.949 -5.541  1.000 15.556 0 99  LYS A CA  1 ? 
ATOM   505  C  C   . LYS A 1 60  ? 3.952   -17.123 -5.505  1.000 16.225 0 99  LYS A C   1 ? 
ATOM   506  O  O   . LYS A 1 60  ? 4.936   -17.531 -4.889  1.000 19.582 0 99  LYS A O   1 ? 
ATOM   507  C  CB  . LYS A 1 60  ? 2.635   -18.824 -6.790  1.000 19.273 0 99  LYS A CB  1 ? 
ATOM   508  C  CG  . LYS A 1 60  ? 3.674   -19.906 -6.810  1.000 19.043 0 99  LYS A CG  1 ? 
ATOM   509  C  CD  . LYS A 1 60  ? 3.472   -20.949 -5.711  1.000 23.567 0 99  LYS A CD  1 ? 
ATOM   510  C  CE  . LYS A 1 60  ? 4.602   -21.948 -5.786  1.000 26.408 0 99  LYS A CE  1 ? 
ATOM   511  N  NZ  . LYS A 1 60  ? 4.935   -22.525 -4.466  1.000 25.651 0 99  LYS A NZ  1 ? 
ATOM   512  N  N   A ILE A 1 61  ? 3.965   -15.980 -6.224  0.500 15.111 0 100 ILE A N   1 ? 
ATOM   513  N  N   B ILE A 1 61  ? 3.950   -15.941 -6.159  0.500 14.941 0 100 ILE A N   1 ? 
ATOM   514  C  CA  A ILE A 1 61  ? 5.145   -15.135 -6.377  0.500 15.749 0 100 ILE A CA  1 ? 
ATOM   515  C  CA  B ILE A 1 61  ? 5.149   -15.142 -6.385  0.500 15.542 0 100 ILE A CA  1 ? 
ATOM   516  C  C   A ILE A 1 61  ? 5.178   -14.112 -5.232  0.500 14.735 0 100 ILE A C   1 ? 
ATOM   517  C  C   B ILE A 1 61  ? 5.212   -13.984 -5.381  0.500 14.852 0 100 ILE A C   1 ? 
ATOM   518  O  O   A ILE A 1 61  ? 6.197   -13.929 -4.553  0.500 16.744 0 100 ILE A O   1 ? 
ATOM   519  O  O   B ILE A 1 61  ? 6.300   -13.565 -4.978  0.500 15.603 0 100 ILE A O   1 ? 
ATOM   520  C  CB  A ILE A 1 61  ? 5.096   -14.415 -7.740  0.500 14.962 0 100 ILE A CB  1 ? 
ATOM   521  C  CB  B ILE A 1 61  ? 5.146   -14.629 -7.836  0.500 14.621 0 100 ILE A CB  1 ? 
ATOM   522  C  CG1 A ILE A 1 61  ? 4.910   -15.377 -8.916  0.500 16.567 0 100 ILE A CG1 1 ? 
ATOM   523  C  CG1 B ILE A 1 61  ? 5.369   -15.784 -8.812  0.500 16.817 0 100 ILE A CG1 1 ? 
ATOM   524  C  CG2 A ILE A 1 61  ? 6.337   -13.553 -7.917  0.500 16.064 0 100 ILE A CG2 1 ? 
ATOM   525  C  CG2 B ILE A 1 61  ? 6.198   -13.546 -8.032  0.500 15.774 0 100 ILE A CG2 1 ? 
ATOM   526  C  CD1 A ILE A 1 61  ? 5.865   -16.550 -8.880  0.500 16.710 0 100 ILE A CD1 1 ? 
ATOM   527  C  CD1 B ILE A 1 61  ? 5.122   -15.398 -10.227 0.500 14.717 0 100 ILE A CD1 1 ? 
ATOM   528  N  N   . ILE A 1 62  ? 4.046   -13.432 -5.017  1.000 13.717 0 101 ILE A N   1 ? 
ATOM   529  C  CA  . ILE A 1 62  ? 3.984   -12.329 -4.072  1.000 13.262 0 101 ILE A CA  1 ? 
ATOM   530  C  C   . ILE A 1 62  ? 3.532   -12.892 -2.728  1.000 12.895 0 101 ILE A C   1 ? 
ATOM   531  O  O   . ILE A 1 62  ? 2.357   -13.152 -2.507  1.000 14.147 0 101 ILE A O   1 ? 
ATOM   532  C  CB  . ILE A 1 62  ? 3.063   -11.220 -4.633  1.000 12.791 0 101 ILE A CB  1 ? 
ATOM   533  C  CG1 . ILE A 1 62  ? 3.618   -10.627 -5.940  1.000 13.304 0 101 ILE A CG1 1 ? 
ATOM   534  C  CG2 . ILE A 1 62  ? 2.867   -10.084 -3.625  1.000 13.052 0 101 ILE A CG2 1 ? 
ATOM   535  C  CD1 . ILE A 1 62  ? 5.071   -10.173 -5.913  1.000 14.994 0 101 ILE A CD1 1 ? 
ATOM   536  N  N   . LYS A 1 63  ? 4.466   -12.926 -1.761  1.000 13.371 0 102 LYS A N   1 ? 
ATOM   537  C  CA  . LYS A 1 63  ? 4.160   -13.455 -0.438  1.000 14.240 0 102 LYS A CA  1 ? 
ATOM   538  C  C   . LYS A 1 63  ? 4.027   -12.353 0.592   1.000 16.210 0 102 LYS A C   1 ? 
ATOM   539  O  O   . LYS A 1 63  ? 3.705   -12.656 1.733   1.000 18.041 0 102 LYS A O   1 ? 
ATOM   540  C  CB  . LYS A 1 63  ? 5.273   -14.391 0.031   1.000 15.700 0 102 LYS A CB  1 ? 
ATOM   541  C  CG  . LYS A 1 63  ? 5.505   -15.589 -0.858  1.000 18.156 0 102 LYS A CG  1 ? 
ATOM   542  C  CD  . LYS A 1 63  ? 4.245   -16.396 -0.929  1.000 20.186 0 102 LYS A CD  1 ? 
ATOM   543  C  CE  . LYS A 1 63  ? 4.429   -17.738 -1.603  1.000 24.185 0 102 LYS A CE  1 ? 
ATOM   544  N  NZ  . LYS A 1 63  ? 3.093   -18.306 -1.890  1.000 20.433 0 102 LYS A NZ  1 ? 
ATOM   545  N  N   A THR A 1 64  ? 4.193   -11.072 0.197   0.500 15.736 0 103 THR A N   1 ? 
ATOM   546  N  N   B THR A 1 64  ? 4.300   -11.104 0.223   0.500 16.204 0 103 THR A N   1 ? 
ATOM   547  C  CA  A THR A 1 64  ? 4.016   -9.923  1.089   0.500 16.786 0 103 THR A CA  1 ? 
ATOM   548  C  CA  B THR A 1 64  ? 4.015   -10.015 1.136   0.500 16.931 0 103 THR A CA  1 ? 
ATOM   549  C  C   A THR A 1 64  ? 3.068   -8.909  0.440   0.500 15.504 0 103 THR A C   1 ? 
ATOM   550  C  C   B THR A 1 64  ? 3.152   -9.034  0.372   0.500 15.805 0 103 THR A C   1 ? 
ATOM   551  O  O   A THR A 1 64  ? 3.345   -7.742  0.130   0.500 13.556 0 103 THR A O   1 ? 
ATOM   552  O  O   B THR A 1 64  ? 3.738   -8.065  -0.112  0.500 15.931 0 103 THR A O   1 ? 
ATOM   553  C  CB  A THR A 1 64  ? 5.338   -9.381  1.665   0.500 21.240 0 103 THR A CB  1 ? 
ATOM   554  C  CB  B THR A 1 64  ? 5.272   -9.222  1.528   0.500 20.425 0 103 THR A CB  1 ? 
ATOM   555  O  OG1 A THR A 1 64  ? 6.115   -8.873  0.583   0.500 25.426 0 103 THR A OG1 1 ? 
ATOM   556  O  OG1 B THR A 1 64  ? 6.349   -10.149 1.629   0.500 20.738 0 103 THR A OG1 1 ? 
ATOM   557  C  CG2 A THR A 1 64  ? 6.102   -10.382 2.510   0.500 17.419 0 103 THR A CG2 1 ? 
ATOM   558  C  CG2 B THR A 1 64  ? 5.085   -8.509  2.851   0.500 18.839 0 103 THR A CG2 1 ? 
ATOM   559  N  N   . PRO A 1 65  ? 1.818   -9.301  0.210   1.000 13.788 0 104 PRO A N   1 ? 
ATOM   560  C  CA  . PRO A 1 65  ? 0.904   -8.418  -0.519  1.000 15.589 0 104 PRO A CA  1 ? 
ATOM   561  C  C   . PRO A 1 65  ? 0.615   -7.157  0.280   1.000 13.720 0 104 PRO A C   1 ? 
ATOM   562  O  O   . PRO A 1 65  ? 0.568   -7.157  1.520   1.000 12.920 0 104 PRO A O   1 ? 
ATOM   563  C  CB  . PRO A 1 65  ? -0.425  -9.174  -0.627  1.000 18.359 0 104 PRO A CB  1 ? 
ATOM   564  C  CG  . PRO A 1 65  ? -0.183  -10.531 0.043   1.000 15.527 0 104 PRO A CG  1 ? 
ATOM   565  C  CD  . PRO A 1 65  ? 1.155   -10.522 0.739   1.000 17.490 0 104 PRO A CD  1 ? 
ATOM   566  N  N   . MET A 1 66  ? 0.444   -6.030  -0.437  1.000 12.743 0 105 MET A N   1 ? 
ATOM   567  C  CA  . MET A 1 66  ? 0.029   -4.778  0.209   1.000 11.456 0 105 MET A CA  1 ? 
ATOM   568  C  C   . MET A 1 66  ? -0.674  -3.926  -0.835  1.000 10.719 0 105 MET A C   1 ? 
ATOM   569  O  O   . MET A 1 66  ? -0.340  -4.036  -2.052  1.000 11.853 0 105 MET A O   1 ? 
ATOM   570  C  CB  . MET A 1 66  ? 1.206   -4.022  0.857   1.000 11.025 0 105 MET A CB  1 ? 
ATOM   571  C  CG  . MET A 1 66  ? 0.818   -2.829  1.716   1.000 10.734 0 105 MET A CG  1 ? 
ATOM   572  S  SD  . MET A 1 66  ? -0.488  -3.163  2.948   1.000 11.350 0 105 MET A SD  1 ? 
ATOM   573  C  CE  . MET A 1 66  ? 0.260   -4.478  3.912   1.000 12.863 0 105 MET A CE  1 ? 
ATOM   574  N  N   . ASP A 1 67  ? -1.602  -3.110  -0.396  1.000 10.749 0 106 ASP A N   1 ? 
ATOM   575  C  CA  . ASP A 1 67  ? -2.395  -2.243  -1.274  1.000 10.173 0 106 ASP A CA  1 ? 
ATOM   576  C  C   . ASP A 1 67  ? -2.854  -1.031  -0.508  1.000 10.412 0 106 ASP A C   1 ? 
ATOM   577  O  O   . ASP A 1 67  ? -2.799  -1.028  0.732   1.000 10.349 0 106 ASP A O   1 ? 
ATOM   578  C  CB  . ASP A 1 67  ? -3.623  -2.991  -1.837  1.000 11.047 0 106 ASP A CB  1 ? 
ATOM   579  C  CG  . ASP A 1 67  ? -4.608  -3.337  -0.730  1.000 10.219 0 106 ASP A CG  1 ? 
ATOM   580  O  OD1 . ASP A 1 67  ? -4.315  -4.356  -0.010  1.000 11.389 0 106 ASP A OD1 1 ? 
ATOM   581  O  OD2 . ASP A 1 67  ? -5.527  -2.562  -0.534  1.000 11.041 0 106 ASP A OD2 1 ? 
ATOM   582  N  N   . MET A 1 68  ? -3.292  0.026   -1.192  1.000 10.790 0 107 MET A N   1 ? 
ATOM   583  C  CA  . MET A 1 68  ? -3.682  1.243   -0.521  1.000 10.094 0 107 MET A CA  1 ? 
ATOM   584  C  C   . MET A 1 68  ? -5.023  1.142   0.166   1.000 11.379 0 107 MET A C   1 ? 
ATOM   585  O  O   . MET A 1 68  ? -5.265  1.950   1.057   1.000 11.797 0 107 MET A O   1 ? 
ATOM   586  C  CB  . MET A 1 68  ? -3.762  2.429   -1.469  1.000 11.126 0 107 MET A CB  1 ? 
ATOM   587  C  CG  . MET A 1 68  ? -2.412  2.835   -2.063  1.000 12.480 0 107 MET A CG  1 ? 
ATOM   588  S  SD  . MET A 1 68  ? -2.350  4.491   -2.751  1.000 13.433 0 107 MET A SD  1 ? 
ATOM   589  C  CE  . MET A 1 68  ? -3.537  4.436   -4.092  1.000 12.601 0 107 MET A CE  1 ? 
ATOM   590  N  N   . GLY A 1 69  ? -5.895  0.189   -0.212  1.000 11.101 0 108 GLY A N   1 ? 
ATOM   591  C  CA  . GLY A 1 69  ? -7.129  -0.064  0.547   1.000 12.147 0 108 GLY A CA  1 ? 
ATOM   592  C  C   . GLY A 1 69  ? -6.795  -0.517  1.970   1.000 12.032 0 108 GLY A C   1 ? 
ATOM   593  O  O   . GLY A 1 69  ? -7.321  0.043   2.967   1.000 12.646 0 108 GLY A O   1 ? 
ATOM   594  N  N   . THR A 1 70  ? -5.839  -1.434  2.055   1.000 11.500 0 109 THR A N   1 ? 
ATOM   595  C  CA  . THR A 1 70  ? -5.366  -1.883  3.357   1.000 11.520 0 109 THR A CA  1 ? 
ATOM   596  C  C   . THR A 1 70  ? -4.672  -0.769  4.104   1.000 10.729 0 109 THR A C   1 ? 
ATOM   597  O  O   . THR A 1 70  ? -4.890  -0.598  5.300   1.000 11.946 0 109 THR A O   1 ? 
ATOM   598  C  CB  . THR A 1 70  ? -4.417  -3.052  3.154   1.000 12.207 0 109 THR A CB  1 ? 
ATOM   599  O  OG1 . THR A 1 70  ? -5.119  -4.144  2.512   1.000 12.874 0 109 THR A OG1 1 ? 
ATOM   600  C  CG2 . THR A 1 70  ? -3.787  -3.512  4.466   1.000 13.243 0 109 THR A CG2 1 ? 
ATOM   601  N  N   . ILE A 1 71  ? -3.808  -0.002  3.436   1.000 10.647 0 110 ILE A N   1 ? 
ATOM   602  C  CA  . ILE A 1 71  ? -3.118  1.099   4.117   1.000 10.088 0 110 ILE A CA  1 ? 
ATOM   603  C  C   . ILE A 1 71  ? -4.132  2.125   4.613   1.000 10.779 0 110 ILE A C   1 ? 
ATOM   604  O  O   . ILE A 1 71  ? -3.989  2.631   5.750   1.000 11.453 0 110 ILE A O   1 ? 
ATOM   605  C  CB  . ILE A 1 71  ? -2.089  1.749   3.177   1.000 10.773 0 110 ILE A CB  1 ? 
ATOM   606  C  CG1 . ILE A 1 71  ? -0.992  0.746   2.845   1.000 10.193 0 110 ILE A CG1 1 ? 
ATOM   607  C  CG2 . ILE A 1 71  ? -1.528  3.054   3.811   1.000 11.970 0 110 ILE A CG2 1 ? 
ATOM   608  C  CD1 . ILE A 1 71  ? -0.075  1.229   1.709   1.000 11.668 0 110 ILE A CD1 1 ? 
ATOM   609  N  N   . LYS A 1 72  ? -5.146  2.478   3.795   1.000 11.958 0 111 LYS A N   1 ? 
ATOM   610  C  CA  . LYS A 1 72  ? -6.171  3.419   4.238   1.000 13.277 0 111 LYS A CA  1 ? 
ATOM   611  C  C   . LYS A 1 72  ? -6.842  2.931   5.522   1.000 14.791 0 111 LYS A C   1 ? 
ATOM   612  O  O   . LYS A 1 72  ? -7.030  3.735   6.439   1.000 15.248 0 111 LYS A O   1 ? 
ATOM   613  C  CB  . LYS A 1 72  ? -7.154  3.627   3.086   1.000 14.785 0 111 LYS A CB  1 ? 
ATOM   614  C  CG  . LYS A 1 72  ? -8.428  4.386   3.437   1.000 17.709 0 111 LYS A CG  1 ? 
ATOM   615  C  CD  . LYS A 1 72  ? -9.257  4.640   2.155   1.000 19.203 0 111 LYS A CD  1 ? 
ATOM   616  C  CE  . LYS A 1 72  ? -10.386 5.647   2.324   1.000 28.425 0 111 LYS A CE  1 ? 
ATOM   617  N  NZ  . LYS A 1 72  ? -11.480 5.044   3.100   1.000 31.582 0 111 LYS A NZ  1 ? 
ATOM   618  N  N   . LYS A 1 73  ? -7.178  1.656   5.596   1.000 14.344 0 112 LYS A N   1 ? 
ATOM   619  C  CA  . LYS A 1 73  ? -7.808  1.074   6.780   1.000 15.638 0 112 LYS A CA  1 ? 
ATOM   620  C  C   . LYS A 1 73  ? -6.858  1.158   7.978   1.000 13.715 0 112 LYS A C   1 ? 
ATOM   621  O  O   . LYS A 1 73  ? -7.258  1.530   9.101   1.000 14.453 0 112 LYS A O   1 ? 
ATOM   622  C  CB  . LYS A 1 73  ? -8.209  -0.381  6.520   1.000 15.948 0 112 LYS A CB  1 ? 
ATOM   623  C  CG  . LYS A 1 73  ? -9.488  -0.572  5.707   1.000 18.655 0 112 LYS A CG  1 ? 
ATOM   624  C  CD  . LYS A 1 73  ? -9.745  -2.087  5.588   1.000 23.313 0 112 LYS A CD  1 ? 
ATOM   625  C  CE  . LYS A 1 73  ? -11.017 -2.457  4.863   1.000 29.222 0 112 LYS A CE  1 ? 
ATOM   626  N  NZ  . LYS A 1 73  ? -10.829 -2.449  3.395   1.000 42.680 0 112 LYS A NZ  1 ? 
ATOM   627  N  N   . ARG A 1 74  ? -5.588  0.825   7.769   1.000 12.675 0 113 ARG A N   1 ? 
ATOM   628  C  CA  . ARG A 1 74  ? -4.596  0.854   8.829   1.000 12.572 0 113 ARG A CA  1 ? 
ATOM   629  C  C   . ARG A 1 74  ? -4.452  2.290   9.327   1.000 12.486 0 113 ARG A C   1 ? 
ATOM   630  O  O   . ARG A 1 74  ? -4.239  2.503   10.528  1.000 13.492 0 113 ARG A O   1 ? 
ATOM   631  C  CB  . ARG A 1 74  ? -3.254  0.329   8.335   1.000 11.370 0 113 ARG A CB  1 ? 
ATOM   632  C  CG  . ARG A 1 74  ? -3.263  -1.193  8.203   1.000 11.798 0 113 ARG A CG  1 ? 
ATOM   633  C  CD  . ARG A 1 74  ? -1.954  -1.747  7.741   1.000 11.337 0 113 ARG A CD  1 ? 
ATOM   634  N  NE  . ARG A 1 74  ? -1.917  -3.197  7.828   1.000 11.161 0 113 ARG A NE  1 ? 
ATOM   635  C  CZ  . ARG A 1 74  ? -0.832  -3.961  7.748   1.000 11.536 0 113 ARG A CZ  1 ? 
ATOM   636  N  NH1 . ARG A 1 74  ? 0.364   -3.483  7.428   1.000 12.139 0 113 ARG A NH1 1 ? 
ATOM   637  N  NH2 . ARG A 1 74  ? -0.938  -5.274  7.980   1.000 12.890 0 113 ARG A NH2 1 ? 
ATOM   638  N  N   . LEU A 1 75  ? -4.456  3.294   8.462   1.000 11.850 0 114 LEU A N   1 ? 
ATOM   639  C  CA  . LEU A 1 75  ? -4.362  4.682   8.905   1.000 12.763 0 114 LEU A CA  1 ? 
ATOM   640  C  C   . LEU A 1 75  ? -5.639  5.160   9.604   1.000 13.489 0 114 LEU A C   1 ? 
ATOM   641  O  O   . LEU A 1 75  ? -5.521  5.836   10.659  1.000 16.054 0 114 LEU A O   1 ? 
ATOM   642  C  CB  . LEU A 1 75  ? -4.003  5.594   7.718   1.000 11.773 0 114 LEU A CB  1 ? 
ATOM   643  C  CG  . LEU A 1 75  ? -2.553  5.498   7.232   1.000 10.801 0 114 LEU A CG  1 ? 
ATOM   644  C  CD1 . LEU A 1 75  ? -2.390  6.219   5.895   1.000 11.429 0 114 LEU A CD1 1 ? 
ATOM   645  C  CD2 . LEU A 1 75  ? -1.578  6.073   8.246   1.000 12.347 0 114 LEU A CD2 1 ? 
ATOM   646  N  N   . GLU A 1 76  ? -6.817  4.886   9.029   1.000 14.691 0 115 GLU A N   1 ? 
ATOM   647  C  CA  . GLU A 1 76  ? -8.102  5.390   9.537   1.000 16.576 0 115 GLU A CA  1 ? 
ATOM   648  C  C   . GLU A 1 76  ? -8.477  4.706   10.853  1.000 16.961 0 115 GLU A C   1 ? 
ATOM   649  O  O   . GLU A 1 76  ? -9.086  5.367   11.711  1.000 20.665 0 115 GLU A O   1 ? 
ATOM   650  C  CB  . GLU A 1 76  ? -9.204  5.294   8.485   1.000 16.509 0 115 GLU A CB  1 ? 
ATOM   651  C  CG  . GLU A 1 76  ? -8.966  6.257   7.323   1.000 17.710 0 115 GLU A CG  1 ? 
ATOM   652  C  CD  . GLU A 1 76  ? -10.020 6.150   6.228   1.000 21.519 0 115 GLU A CD  1 ? 
ATOM   653  O  OE1 . GLU A 1 76  ? -10.826 5.231   6.275   1.000 23.509 0 115 GLU A OE1 1 ? 
ATOM   654  O  OE2 . GLU A 1 76  ? -10.003 6.985   5.338   1.000 28.147 0 115 GLU A OE2 1 ? 
ATOM   655  N  N   . ASN A 1 77  ? -8.072  3.442   11.040  1.000 17.093 0 116 ASN A N   1 ? 
ATOM   656  C  CA  . ASN A 1 77  ? -8.383  2.721   12.264  1.000 20.637 0 116 ASN A CA  1 ? 
ATOM   657  C  C   . ASN A 1 77  ? -7.116  2.465   13.067  1.000 20.741 0 116 ASN A C   1 ? 
ATOM   658  O  O   . ASN A 1 77  ? -7.050  1.417   13.709  1.000 33.248 0 116 ASN A O   1 ? 
ATOM   659  C  CB  . ASN A 1 77  ? -9.105  1.398   11.985  1.000 27.789 0 116 ASN A CB  1 ? 
ATOM   660  C  CG  . ASN A 1 77  ? -10.247 1.554   11.004  1.000 36.161 0 116 ASN A CG  1 ? 
ATOM   661  O  OD1 . ASN A 1 77  ? -11.369 1.843   11.409  1.000 47.744 0 116 ASN A OD1 1 ? 
ATOM   662  N  ND2 . ASN A 1 77  ? -9.984  1.397   9.712   1.000 44.488 0 116 ASN A ND2 1 ? 
ATOM   663  N  N   . ASN A 1 78  ? -6.285  3.492   13.250  1.000 18.809 0 117 ASN A N   1 ? 
ATOM   664  C  CA  . ASN A 1 78  ? -4.916  3.587   13.745  1.000 18.870 0 117 ASN A CA  1 ? 
ATOM   665  C  C   . ASN A 1 78  ? -4.359  2.219   14.137  1.000 17.748 0 117 ASN A C   1 ? 
ATOM   666  O  O   . ASN A 1 78  ? -4.466  1.698   15.257  1.000 18.166 0 117 ASN A O   1 ? 
ATOM   667  C  CB  . ASN A 1 78  ? -4.823  4.634   14.858  1.000 29.096 0 117 ASN A CB  1 ? 
ATOM   668  C  CG  . ASN A 1 78  ? -5.786  5.804   14.704  1.000 34.514 0 117 ASN A CG  1 ? 
ATOM   669  O  OD1 . ASN A 1 78  ? -5.372  6.865   14.231  1.000 39.750 0 117 ASN A OD1 1 ? 
ATOM   670  N  ND2 . ASN A 1 78  ? -7.058  5.647   15.090  1.000 34.276 0 117 ASN A ND2 1 ? 
ATOM   671  N  N   . TYR A 1 79  ? -3.708  1.598   13.183  1.000 14.413 0 118 TYR A N   1 ? 
ATOM   672  C  CA  . TYR A 1 79  ? -3.079  0.293   13.332  1.000 12.221 0 118 TYR A CA  1 ? 
ATOM   673  C  C   . TYR A 1 79  ? -1.602  0.429   13.703  1.000 10.825 0 118 TYR A C   1 ? 
ATOM   674  O  O   . TYR A 1 79  ? -0.984  -0.525  14.171  1.000 11.329 0 118 TYR A O   1 ? 
ATOM   675  C  CB  . TYR A 1 79  ? -3.218  -0.470  12.021  1.000 12.836 0 118 TYR A CB  1 ? 
ATOM   676  C  CG  . TYR A 1 79  ? -2.608  -1.837  11.984  1.000 11.694 0 118 TYR A CG  1 ? 
ATOM   677  C  CD1 . TYR A 1 79  ? -3.224  -2.920  12.583  1.000 13.136 0 118 TYR A CD1 1 ? 
ATOM   678  C  CD2 . TYR A 1 79  ? -1.396  -2.058  11.320  1.000 12.895 0 118 TYR A CD2 1 ? 
ATOM   679  C  CE1 . TYR A 1 79  ? -2.640  -4.173  12.531  1.000 13.374 0 118 TYR A CE1 1 ? 
ATOM   680  C  CE2 . TYR A 1 79  ? -0.813  -3.291  11.240  1.000 13.390 0 118 TYR A CE2 1 ? 
ATOM   681  C  CZ  . TYR A 1 79  ? -1.436  -4.378  11.835  1.000 12.538 0 118 TYR A CZ  1 ? 
ATOM   682  O  OH  . TYR A 1 79  ? -0.835  -5.612  11.793  1.000 15.723 0 118 TYR A OH  1 ? 
ATOM   683  N  N   . TYR A 1 80  ? -1.024  1.577   13.347  1.000 11.858 0 119 TYR A N   1 ? 
ATOM   684  C  CA  . TYR A 1 80  ? 0.426   1.724   13.377  1.000 12.687 0 119 TYR A CA  1 ? 
ATOM   685  C  C   . TYR A 1 80  ? 0.887   2.270   14.715  1.000 13.122 0 119 TYR A C   1 ? 
ATOM   686  O  O   . TYR A 1 80  ? 0.137   2.964   15.436  1.000 14.434 0 119 TYR A O   1 ? 
ATOM   687  C  CB  . TYR A 1 80  ? 0.844   2.679   12.262  1.000 12.859 0 119 TYR A CB  1 ? 
ATOM   688  C  CG  . TYR A 1 80  ? 0.573   2.172   10.861  1.000 11.846 0 119 TYR A CG  1 ? 
ATOM   689  C  CD1 . TYR A 1 80  ? 1.208   1.057   10.319  1.000 11.604 0 119 TYR A CD1 1 ? 
ATOM   690  C  CD2 . TYR A 1 80  ? -0.328  2.858   10.065  1.000 11.710 0 119 TYR A CD2 1 ? 
ATOM   691  C  CE1 . TYR A 1 80  ? 0.975   0.665   8.996   1.000 11.288 0 119 TYR A CE1 1 ? 
ATOM   692  C  CE2 . TYR A 1 80  ? -0.534  2.510   8.756   1.000 11.313 0 119 TYR A CE2 1 ? 
ATOM   693  C  CZ  . TYR A 1 80  ? 0.126   1.443   8.198   1.000 10.890 0 119 TYR A CZ  1 ? 
ATOM   694  O  OH  . TYR A 1 80  ? -0.090  1.086   6.897   1.000 12.859 0 119 TYR A OH  1 ? 
ATOM   695  N  N   . TRP A 1 81  ? 2.164   1.993   15.005  1.000 13.266 0 120 TRP A N   1 ? 
ATOM   696  C  CA  . TRP A 1 81  ? 2.906   2.680   16.067  1.000 12.689 0 120 TRP A CA  1 ? 
ATOM   697  C  C   . TRP A 1 81  ? 3.732   3.831   15.489  1.000 13.129 0 120 TRP A C   1 ? 
ATOM   698  O  O   . TRP A 1 81  ? 3.920   4.831   16.168  1.000 13.562 0 120 TRP A O   1 ? 
ATOM   699  C  CB  . TRP A 1 81  ? 3.847   1.703   16.789  1.000 13.566 0 120 TRP A CB  1 ? 
ATOM   700  C  CG  . TRP A 1 81  ? 4.518   2.267   18.016  1.000 12.923 0 120 TRP A CG  1 ? 
ATOM   701  C  CD1 . TRP A 1 81  ? 5.812   2.747   18.096  1.000 13.734 0 120 TRP A CD1 1 ? 
ATOM   702  C  CD2 . TRP A 1 81  ? 3.933   2.469   19.307  1.000 13.777 0 120 TRP A CD2 1 ? 
ATOM   703  N  NE1 . TRP A 1 81  ? 6.026   3.268   19.354  1.000 14.380 0 120 TRP A NE1 1 ? 
ATOM   704  C  CE2 . TRP A 1 81  ? 4.916   3.080   20.133  1.000 13.903 0 120 TRP A CE2 1 ? 
ATOM   705  C  CE3 . TRP A 1 81  ? 2.682   2.178   19.868  1.000 12.778 0 120 TRP A CE3 1 ? 
ATOM   706  C  CZ2 . TRP A 1 81  ? 4.692   3.408   21.475  1.000 14.961 0 120 TRP A CZ2 1 ? 
ATOM   707  C  CZ3 . TRP A 1 81  ? 2.460   2.519   21.194  1.000 13.915 0 120 TRP A CZ3 1 ? 
ATOM   708  C  CH2 . TRP A 1 81  ? 3.450   3.132   21.993  1.000 14.915 0 120 TRP A CH2 1 ? 
ATOM   709  N  N   . ASN A 1 82  ? 4.254   3.697   14.266  1.000 13.240 0 121 ASN A N   1 ? 
ATOM   710  C  CA  . ASN A 1 82  ? 5.113   4.742   13.730  1.000 13.337 0 121 ASN A CA  1 ? 
ATOM   711  C  C   . ASN A 1 82  ? 4.944   4.866   12.227  1.000 13.031 0 121 ASN A C   1 ? 
ATOM   712  O  O   . ASN A 1 82  ? 4.363   4.030   11.545  1.000 13.679 0 121 ASN A O   1 ? 
ATOM   713  C  CB  . ASN A 1 82  ? 6.579   4.567   14.156  1.000 13.604 0 121 ASN A CB  1 ? 
ATOM   714  C  CG  . ASN A 1 82  ? 7.213   3.326   13.597  1.000 12.376 0 121 ASN A CG  1 ? 
ATOM   715  O  OD1 . ASN A 1 82  ? 6.957   2.939   12.436  1.000 13.986 0 121 ASN A OD1 1 ? 
ATOM   716  N  ND2 . ASN A 1 82  ? 8.050   2.632   14.322  1.000 14.931 0 121 ASN A ND2 1 ? 
ATOM   717  N  N   . ALA A 1 83  ? 5.484   5.961   11.687  1.000 13.438 0 122 ALA A N   1 ? 
ATOM   718  C  CA  . ALA A 1 83  ? 5.347   6.226   10.260  1.000 13.296 0 122 ALA A CA  1 ? 
ATOM   719  C  C   . ALA A 1 83  ? 6.171   5.248   9.458   1.000 12.009 0 122 ALA A C   1 ? 
ATOM   720  O  O   . ALA A 1 83  ? 5.779   4.949   8.319   1.000 13.294 0 122 ALA A O   1 ? 
ATOM   721  C  CB  . ALA A 1 83  ? 5.775   7.659   9.971   1.000 16.745 0 122 ALA A CB  1 ? 
ATOM   722  N  N   . GLN A 1 84  ? 7.302   4.756   9.935   1.000 12.009 0 123 GLN A N   1 ? 
ATOM   723  C  CA  . GLN A 1 84  ? 8.119   3.815   9.199   1.000 13.718 0 123 GLN A CA  1 ? 
ATOM   724  C  C   . GLN A 1 84  ? 7.307   2.574   8.819   1.000 11.170 0 123 GLN A C   1 ? 
ATOM   725  O  O   . GLN A 1 84  ? 7.466   2.038   7.721   1.000 12.242 0 123 GLN A O   1 ? 
ATOM   726  C  CB  . GLN A 1 84  ? 9.394   3.396   9.932   1.000 15.840 0 123 GLN A CB  1 ? 
ATOM   727  C  CG  . GLN A 1 84  ? 10.281  2.479   9.067   1.000 21.532 0 123 GLN A CG  1 ? 
ATOM   728  C  CD  . GLN A 1 84  ? 10.489  2.945   7.632   0.500 22.132 0 123 GLN A CD  1 ? 
ATOM   729  O  OE1 . GLN A 1 84  ? 10.032  2.330   6.640   0.500 21.738 0 123 GLN A OE1 1 ? 
ATOM   730  N  NE2 . GLN A 1 84  ? 11.147  4.080   7.494   0.500 26.954 0 123 GLN A NE2 1 ? 
ATOM   731  N  N   . GLU A 1 85  ? 6.429   2.073   9.689   1.000 11.515 0 124 GLU A N   1 ? 
ATOM   732  C  CA  . GLU A 1 85  ? 5.618   0.896   9.358   1.000 12.418 0 124 GLU A CA  1 ? 
ATOM   733  C  C   . GLU A 1 85  ? 4.748   1.194   8.134   1.000 10.269 0 124 GLU A C   1 ? 
ATOM   734  O  O   . GLU A 1 85  ? 4.597   0.363   7.259   1.000 11.045 0 124 GLU A O   1 ? 
ATOM   735  C  CB  . GLU A 1 85  ? 4.681   0.542   10.533  1.000 11.285 0 124 GLU A CB  1 ? 
ATOM   736  C  CG  . GLU A 1 85  ? 5.362   -0.044  11.790  1.000 13.165 0 124 GLU A CG  1 ? 
ATOM   737  C  CD  . GLU A 1 85  ? 4.256   -0.193  12.822  1.000 13.768 0 124 GLU A CD  1 ? 
ATOM   738  O  OE1 . GLU A 1 85  ? 3.656   -1.281  12.913  1.000 17.398 0 124 GLU A OE1 1 ? 
ATOM   739  O  OE2 . GLU A 1 85  ? 3.942   0.775   13.423  1.000 16.419 0 124 GLU A OE2 1 ? 
ATOM   740  N  N   . CYS A 1 86  ? 4.165   2.379   8.081   1.000 10.123 0 125 CYS A N   1 ? 
ATOM   741  C  CA  . CYS A 1 86  ? 3.253   2.742   6.989   1.000 11.146 0 125 CYS A CA  1 ? 
ATOM   742  C  C   . CYS A 1 86  ? 4.035   3.019   5.711   1.000 10.799 0 125 CYS A C   1 ? 
ATOM   743  O  O   . CYS A 1 86  ? 3.632   2.531   4.649   1.000 10.264 0 125 CYS A O   1 ? 
ATOM   744  C  CB  . CYS A 1 86  ? 2.470   3.984   7.417   1.000 11.842 0 125 CYS A CB  1 ? 
ATOM   745  S  SG  . CYS A 1 86  ? 1.371   4.576   6.122   1.000 13.169 0 125 CYS A SG  1 ? 
ATOM   746  N  N   . ILE A 1 87  ? 5.184   3.688   5.782   1.000 11.185 0 126 ILE A N   1 ? 
ATOM   747  C  CA  . ILE A 1 87  ? 6.033   3.899   4.630   1.000 12.113 0 126 ILE A CA  1 ? 
ATOM   748  C  C   . ILE A 1 87  ? 6.473   2.558   4.070   1.000 11.654 0 126 ILE A C   1 ? 
ATOM   749  O  O   . ILE A 1 87  ? 6.469   2.353   2.839   1.000 12.310 0 126 ILE A O   1 ? 
ATOM   750  C  CB  . ILE A 1 87  ? 7.238   4.768   5.037   1.000 11.789 0 126 ILE A CB  1 ? 
ATOM   751  C  CG1 . ILE A 1 87  ? 6.741   6.193   5.257   1.000 12.879 0 126 ILE A CG1 1 ? 
ATOM   752  C  CG2 . ILE A 1 87  ? 8.368   4.730   3.987   1.000 12.991 0 126 ILE A CG2 1 ? 
ATOM   753  C  CD1 . ILE A 1 87  ? 7.732   7.103   6.049   1.000 15.615 0 126 ILE A CD1 1 ? 
ATOM   754  N  N   . GLN A 1 88  ? 6.773   1.567   4.937   1.000 11.194 0 127 GLN A N   1 ? 
ATOM   755  C  CA  . GLN A 1 88  ? 7.164   0.253   4.474   1.000 11.899 0 127 GLN A CA  1 ? 
ATOM   756  C  C   . GLN A 1 88  ? 6.001   -0.379  3.695   1.000 10.684 0 127 GLN A C   1 ? 
ATOM   757  O  O   . GLN A 1 88  ? 6.207   -1.076  2.700   1.000 11.659 0 127 GLN A O   1 ? 
ATOM   758  C  CB  . GLN A 1 88  ? 7.536   -0.645  5.667   1.000 13.620 0 127 GLN A CB  1 ? 
ATOM   759  C  CG  . GLN A 1 88  ? 7.916   -2.065  5.228   1.000 19.919 0 127 GLN A CG  1 ? 
ATOM   760  C  CD  . GLN A 1 88  ? 8.985   -2.033  4.160   1.000 26.078 0 127 GLN A CD  1 ? 
ATOM   761  O  OE1 . GLN A 1 88  ? 8.770   -2.321  2.961   1.000 29.248 0 127 GLN A OE1 1 ? 
ATOM   762  N  NE2 . GLN A 1 88  ? 10.179  -1.655  4.595   1.000 29.638 0 127 GLN A NE2 1 ? 
ATOM   763  N  N   . ASP A 1 89  ? 4.760   -0.215  4.178   1.000 11.354 0 128 ASP A N   1 ? 
ATOM   764  C  CA  . ASP A 1 89  ? 3.616   -0.746  3.450   1.000 10.463 0 128 ASP A CA  1 ? 
ATOM   765  C  C   . ASP A 1 89  ? 3.559   -0.174  2.031   1.000 9.764  0 128 ASP A C   1 ? 
ATOM   766  O  O   . ASP A 1 89  ? 3.300   -0.931  1.078   1.000 10.451 0 128 ASP A O   1 ? 
ATOM   767  C  CB  . ASP A 1 89  ? 2.299   -0.514  4.212   1.000 10.636 0 128 ASP A CB  1 ? 
ATOM   768  C  CG  . ASP A 1 89  ? 2.154   -1.405  5.457   1.000 11.232 0 128 ASP A CG  1 ? 
ATOM   769  O  OD1 . ASP A 1 89  ? 2.850   -2.430  5.560   1.000 12.102 0 128 ASP A OD1 1 ? 
ATOM   770  O  OD2 . ASP A 1 89  ? 1.271   -1.034  6.272   1.000 12.980 0 128 ASP A OD2 1 ? 
ATOM   771  N  N   . PHE A 1 90  ? 3.672   1.134   1.877   1.000 10.237 0 129 PHE A N   1 ? 
ATOM   772  C  CA  . PHE A 1 90  ? 3.705   1.711   0.542   1.000 10.606 0 129 PHE A CA  1 ? 
ATOM   773  C  C   . PHE A 1 90  ? 4.829   1.119   -0.300  1.000 9.670  0 129 PHE A C   1 ? 
ATOM   774  O  O   . PHE A 1 90  ? 4.575   0.713   -1.455  1.000 11.211 0 129 PHE A O   1 ? 
ATOM   775  C  CB  . PHE A 1 90  ? 3.798   3.229   0.561   1.000 11.830 0 129 PHE A CB  1 ? 
ATOM   776  C  CG  . PHE A 1 90  ? 2.533   3.962   0.847   1.000 10.703 0 129 PHE A CG  1 ? 
ATOM   777  C  CD1 . PHE A 1 90  ? 1.663   4.257   -0.204  1.000 11.486 0 129 PHE A CD1 1 ? 
ATOM   778  C  CD2 . PHE A 1 90  ? 2.293   4.481   2.121   1.000 11.892 0 129 PHE A CD2 1 ? 
ATOM   779  C  CE1 . PHE A 1 90  ? 0.505   4.948   0.067   1.000 11.425 0 129 PHE A CE1 1 ? 
ATOM   780  C  CE2 . PHE A 1 90  ? 1.116   5.176   2.365   1.000 12.468 0 129 PHE A CE2 1 ? 
ATOM   781  C  CZ  . PHE A 1 90  ? 0.225   5.426   1.330   1.000 13.727 0 129 PHE A CZ  1 ? 
ATOM   782  N  N   . ASN A 1 91  ? 6.022   0.994   0.263   1.000 11.035 0 130 ASN A N   1 ? 
ATOM   783  C  CA  . ASN A 1 91  ? 7.166   0.484   -0.478  1.000 12.900 0 130 ASN A CA  1 ? 
ATOM   784  C  C   . ASN A 1 91  ? 6.933   -0.971  -0.852  1.000 12.236 0 130 ASN A C   1 ? 
ATOM   785  O  O   . ASN A 1 91  ? 7.267   -1.388  -1.970  1.000 13.031 0 130 ASN A O   1 ? 
ATOM   786  C  CB  . ASN A 1 91  ? 8.478   0.698   0.273   1.000 13.883 0 130 ASN A CB  1 ? 
ATOM   787  C  CG  . ASN A 1 91  ? 8.875   2.166   0.103   1.000 16.686 0 130 ASN A CG  1 ? 
ATOM   788  O  OD1 . ASN A 1 91  ? 8.644   2.776   -0.947  1.000 24.685 0 130 ASN A OD1 1 ? 
ATOM   789  N  ND2 . ASN A 1 91  ? 9.374   2.805   1.131   1.000 19.829 0 130 ASN A ND2 1 ? 
ATOM   790  N  N   . THR A 1 92  ? 6.288   -1.750  -0.002  1.000 11.076 0 131 THR A N   1 ? 
ATOM   791  C  CA  . THR A 1 92  ? 5.950   -3.135  -0.318  1.000 11.676 0 131 THR A CA  1 ? 
ATOM   792  C  C   . THR A 1 92  ? 4.999   -3.185  -1.519  1.000 10.461 0 131 THR A C   1 ? 
ATOM   793  O  O   . THR A 1 92  ? 5.191   -4.003  -2.437  1.000 10.861 0 131 THR A O   1 ? 
ATOM   794  C  CB  . THR A 1 92  ? 5.326   -3.858  0.889   1.000 12.016 0 131 THR A CB  1 ? 
ATOM   795  O  OG1 . THR A 1 92  ? 6.327   -3.851  1.926   1.000 14.215 0 131 THR A OG1 1 ? 
ATOM   796  C  CG2 . THR A 1 92  ? 4.823   -5.258  0.568   1.000 12.984 0 131 THR A CG2 1 ? 
ATOM   797  N  N   . MET A 1 93  ? 3.943   -2.365  -1.477  1.000 9.629  0 132 MET A N   1 ? 
ATOM   798  C  CA  . MET A 1 93  ? 2.998   -2.314  -2.595  1.000 9.966  0 132 MET A CA  1 ? 
ATOM   799  C  C   . MET A 1 93  ? 3.733   -2.029  -3.907  1.000 10.508 0 132 MET A C   1 ? 
ATOM   800  O  O   . MET A 1 93  ? 3.491   -2.714  -4.921  1.000 10.392 0 132 MET A O   1 ? 
ATOM   801  C  CB  . MET A 1 93  ? 1.970   -1.229  -2.306  1.000 9.869  0 132 MET A CB  1 ? 
ATOM   802  C  CG  . MET A 1 93  ? 0.933   -1.059  -3.424  1.000 11.575 0 132 MET A CG  1 ? 
ATOM   803  S  SD  . MET A 1 93  ? -0.206  0.271   -3.062  1.000 11.192 0 132 MET A SD  1 ? 
ATOM   804  C  CE  . MET A 1 93  ? 0.805   1.669   -3.569  1.000 14.392 0 132 MET A CE  1 ? 
ATOM   805  N  N   . PHE A 1 94  ? 4.602   -1.019  -3.937  1.000 10.608 0 133 PHE A N   1 ? 
ATOM   806  C  CA  . PHE A 1 94  ? 5.280   -0.725  -5.194  1.000 11.193 0 133 PHE A CA  1 ? 
ATOM   807  C  C   . PHE A 1 94  ? 6.172   -1.894  -5.614  1.000 10.699 0 133 PHE A C   1 ? 
ATOM   808  O  O   . PHE A 1 94  ? 6.150   -2.331  -6.783  1.000 11.531 0 133 PHE A O   1 ? 
ATOM   809  C  CB  . PHE A 1 94  ? 6.157   0.532   -5.038  1.000 12.179 0 133 PHE A CB  1 ? 
ATOM   810  C  CG  . PHE A 1 94  ? 5.380   1.802   -4.765  1.000 11.481 0 133 PHE A CG  1 ? 
ATOM   811  C  CD1 . PHE A 1 94  ? 4.227   2.112   -5.487  1.000 13.179 0 133 PHE A CD1 1 ? 
ATOM   812  C  CD2 . PHE A 1 94  ? 5.718   2.644   -3.720  1.000 12.440 0 133 PHE A CD2 1 ? 
ATOM   813  C  CE1 . PHE A 1 94  ? 3.488   3.254   -5.203  1.000 16.561 0 133 PHE A CE1 1 ? 
ATOM   814  C  CE2 . PHE A 1 94  ? 4.959   3.778   -3.441  1.000 14.403 0 133 PHE A CE2 1 ? 
ATOM   815  C  CZ  . PHE A 1 94  ? 3.867   4.081   -4.200  1.000 15.337 0 133 PHE A CZ  1 ? 
ATOM   816  N  N   . THR A 1 95  ? 6.965   -2.454  -4.688  1.000 11.882 0 134 THR A N   1 ? 
ATOM   817  C  CA  A THR A 1 95  ? 7.890   -3.515  -5.031  0.500 13.605 0 134 THR A CA  1 ? 
ATOM   818  C  CA  B THR A 1 95  ? 7.884   -3.564  -4.947  0.500 11.767 0 134 THR A CA  1 ? 
ATOM   819  C  C   . THR A 1 95  ? 7.130   -4.757  -5.505  1.000 12.029 0 134 THR A C   1 ? 
ATOM   820  O  O   . THR A 1 95  ? 7.581   -5.436  -6.428  1.000 12.792 0 134 THR A O   1 ? 
ATOM   821  C  CB  A THR A 1 95  ? 8.905   -3.678  -3.893  0.500 16.071 0 134 THR A CB  1 ? 
ATOM   822  C  CB  B THR A 1 95  ? 8.625   -4.058  -3.685  0.500 11.290 0 134 THR A CB  1 ? 
ATOM   823  O  OG1 A THR A 1 95  ? 8.104   -3.865  -2.734  0.500 23.136 0 134 THR A OG1 1 ? 
ATOM   824  O  OG1 B THR A 1 95  ? 9.379   -2.942  -3.221  0.500 12.306 0 134 THR A OG1 1 ? 
ATOM   825  C  CG2 A THR A 1 95  ? 9.767   -2.451  -3.686  0.500 15.888 0 134 THR A CG2 1 ? 
ATOM   826  C  CG2 B THR A 1 95  ? 9.581   -5.201  -3.966  0.500 11.166 0 134 THR A CG2 1 ? 
ATOM   827  N  N   . ASN A 1 96  ? 5.960   -5.051  -4.937  1.000 11.969 0 135 ASN A N   1 ? 
ATOM   828  C  CA  . ASN A 1 96  ? 5.203   -6.200  -5.458  1.000 12.254 0 135 ASN A CA  1 ? 
ATOM   829  C  C   . ASN A 1 96  ? 4.912   -6.093  -6.964  1.000 10.921 0 135 ASN A C   1 ? 
ATOM   830  O  O   . ASN A 1 96  ? 5.078   -7.020  -7.735  1.000 12.113 0 135 ASN A O   1 ? 
ATOM   831  C  CB  . ASN A 1 96  ? 3.818   -6.324  -4.825  1.000 12.578 0 135 ASN A CB  1 ? 
ATOM   832  C  CG  . ASN A 1 96  ? 3.789   -6.697  -3.353  1.000 14.133 0 135 ASN A CG  1 ? 
ATOM   833  O  OD1 . ASN A 1 96  ? 4.832   -7.145  -2.831  1.000 16.135 0 135 ASN A OD1 1 ? 
ATOM   834  N  ND2 . ASN A 1 96  ? 2.588   -6.490  -2.829  1.000 14.931 0 135 ASN A ND2 1 ? 
ATOM   835  N  N   . CYS A 1 97  ? 4.585   -4.864  -7.358  1.000 10.126 0 136 CYS A N   1 ? 
ATOM   836  C  CA  . CYS A 1 97  ? 4.229   -4.615  -8.746  1.000 11.286 0 136 CYS A CA  1 ? 
ATOM   837  C  C   . CYS A 1 97  ? 5.489   -4.751  -9.636  1.000 11.012 0 136 CYS A C   1 ? 
ATOM   838  O  O   . CYS A 1 97  ? 5.446   -5.371  -10.711 1.000 11.689 0 136 CYS A O   1 ? 
ATOM   839  C  CB  . CYS A 1 97  ? 3.702   -3.185  -8.830  1.000 12.315 0 136 CYS A CB  1 ? 
ATOM   840  S  SG  . CYS A 1 97  ? 3.065   -2.761  -10.470 1.000 14.425 0 136 CYS A SG  1 ? 
ATOM   841  N  N   . TYR A 1 98  ? 6.625   -4.235  -9.167  1.000 10.858 0 137 TYR A N   1 ? 
ATOM   842  C  CA  . TYR A 1 98  ? 7.861   -4.263  -9.931  1.000 12.697 0 137 TYR A CA  1 ? 
ATOM   843  C  C   . TYR A 1 98  ? 8.430   -5.676  -9.998  1.000 13.531 0 137 TYR A C   1 ? 
ATOM   844  O  O   . TYR A 1 98  ? 9.063   -6.032  -11.001 1.000 14.805 0 137 TYR A O   1 ? 
ATOM   845  C  CB  . TYR A 1 98  ? 8.924   -3.319  -9.334  1.000 11.636 0 137 TYR A CB  1 ? 
ATOM   846  C  CG  . TYR A 1 98  ? 8.430   -1.904  -9.183  1.000 12.119 0 137 TYR A CG  1 ? 
ATOM   847  C  CD1 . TYR A 1 98  ? 7.473   -1.349  -10.032 1.000 11.469 0 137 TYR A CD1 1 ? 
ATOM   848  C  CD2 . TYR A 1 98  ? 8.938   -1.100  -8.191  1.000 12.406 0 137 TYR A CD2 1 ? 
ATOM   849  C  CE1 . TYR A 1 98  ? 7.038   -0.032  -9.908  1.000 12.425 0 137 TYR A CE1 1 ? 
ATOM   850  C  CE2 . TYR A 1 98  ? 8.520   0.205   -8.053  1.000 12.444 0 137 TYR A CE2 1 ? 
ATOM   851  C  CZ  . TYR A 1 98  ? 7.546   0.744   -8.884  1.000 11.234 0 137 TYR A CZ  1 ? 
ATOM   852  O  OH  . TYR A 1 98  ? 7.143   2.054   -8.743  1.000 14.958 0 137 TYR A OH  1 ? 
ATOM   853  N  N   . ILE A 1 99  ? 8.170   -6.532  -8.995  1.000 12.742 0 138 ILE A N   1 ? 
ATOM   854  C  CA  . ILE A 1 99  ? 8.666   -7.900  -9.043  1.000 14.026 0 138 ILE A CA  1 ? 
ATOM   855  C  C   . ILE A 1 99  ? 7.765   -8.721  -9.967  1.000 13.627 0 138 ILE A C   1 ? 
ATOM   856  O  O   . ILE A 1 99  ? 8.292   -9.551  -10.737 1.000 15.954 0 138 ILE A O   1 ? 
ATOM   857  C  CB  . ILE A 1 99  ? 8.685   -8.494  -7.614  1.000 16.544 0 138 ILE A CB  1 ? 
ATOM   858  C  CG1 . ILE A 1 99  ? 9.801   -7.904  -6.747  1.000 17.652 0 138 ILE A CG1 1 ? 
ATOM   859  C  CG2 . ILE A 1 99  ? 8.734   -10.017 -7.642  1.000 17.955 0 138 ILE A CG2 1 ? 
ATOM   860  C  CD1 . ILE A 1 99  ? 11.181  -8.385  -7.124  1.000 23.069 0 138 ILE A CD1 1 ? 
ATOM   861  N  N   . TYR A 1 100 ? 6.436   -8.572  -9.893  1.000 13.386 0 139 TYR A N   1 ? 
ATOM   862  C  CA  . TYR A 1 100 ? 5.536   -9.464  -10.607 1.000 13.385 0 139 TYR A CA  1 ? 
ATOM   863  C  C   . TYR A 1 100 ? 5.507   -9.162  -12.110 1.000 14.107 0 139 TYR A C   1 ? 
ATOM   864  O  O   . TYR A 1 100 ? 5.408   -10.074 -12.933 1.000 15.213 0 139 TYR A O   1 ? 
ATOM   865  C  CB  . TYR A 1 100 ? 4.139   -9.430  -9.993  1.000 13.923 0 139 TYR A CB  1 ? 
ATOM   866  C  CG  . TYR A 1 100 ? 3.218   -10.400 -10.689 1.000 12.501 0 139 TYR A CG  1 ? 
ATOM   867  C  CD1 . TYR A 1 100 ? 3.325   -11.755 -10.390 1.000 12.708 0 139 TYR A CD1 1 ? 
ATOM   868  C  CD2 . TYR A 1 100 ? 2.257   -10.006 -11.605 1.000 13.718 0 139 TYR A CD2 1 ? 
ATOM   869  C  CE1 . TYR A 1 100 ? 2.541   -12.675 -11.067 1.000 13.378 0 139 TYR A CE1 1 ? 
ATOM   870  C  CE2 . TYR A 1 100 ? 1.446   -10.912 -12.262 1.000 13.162 0 139 TYR A CE2 1 ? 
ATOM   871  C  CZ  . TYR A 1 100 ? 1.580   -12.264 -11.974 1.000 13.442 0 139 TYR A CZ  1 ? 
ATOM   872  O  OH  . TYR A 1 100 ? 0.788   -13.146 -12.677 1.000 15.355 0 139 TYR A OH  1 ? 
ATOM   873  N  N   . ASN A 1 101 ? 5.611   -7.884  -12.507 1.000 14.028 0 140 ASN A N   1 ? 
ATOM   874  C  CA  . ASN A 1 101 ? 5.370   -7.440  -13.878 1.000 14.018 0 140 ASN A CA  1 ? 
ATOM   875  C  C   . ASN A 1 101 ? 6.660   -7.086  -14.606 1.000 15.062 0 140 ASN A C   1 ? 
ATOM   876  O  O   . ASN A 1 101 ? 7.687   -6.744  -14.020 1.000 18.611 0 140 ASN A O   1 ? 
ATOM   877  C  CB  . ASN A 1 101 ? 4.432   -6.234  -13.845 1.000 13.403 0 140 ASN A CB  1 ? 
ATOM   878  C  CG  . ASN A 1 101 ? 3.101   -6.612  -13.248 1.000 12.866 0 140 ASN A CG  1 ? 
ATOM   879  O  OD1 . ASN A 1 101 ? 2.262   -7.165  -13.945 1.000 14.514 0 140 ASN A OD1 1 ? 
ATOM   880  N  ND2 . ASN A 1 101 ? 2.878   -6.197  -12.022 1.000 13.705 0 140 ASN A ND2 1 ? 
ATOM   881  N  N   . LYS A 1 102 ? 6.577   -7.069  -15.934 1.000 17.411 0 141 LYS A N   1 ? 
ATOM   882  C  CA  . LYS A 1 102 ? 7.688   -6.672  -16.793 1.000 16.809 0 141 LYS A CA  1 ? 
ATOM   883  C  C   . LYS A 1 102 ? 7.898   -5.161  -16.707 1.000 16.981 0 141 LYS A C   1 ? 
ATOM   884  O  O   . LYS A 1 102 ? 6.947   -4.354  -16.688 1.000 17.178 0 141 LYS A O   1 ? 
ATOM   885  C  CB  . LYS A 1 102 ? 7.336   -7.031  -18.242 1.000 19.058 0 141 LYS A CB  1 ? 
ATOM   886  C  CG  . LYS A 1 102 ? 8.452   -6.943  -19.278 1.000 27.839 0 141 LYS A CG  1 ? 
ATOM   887  C  CD  . LYS A 1 102 ? 8.149   -7.770  -20.513 0.500 27.494 0 141 LYS A CD  1 ? 
ATOM   888  C  CE  . LYS A 1 102 ? 9.410   -8.237  -21.208 0.500 31.351 0 141 LYS A CE  1 ? 
ATOM   889  N  NZ  . LYS A 1 102 ? 9.498   -7.691  -22.583 1.000 42.063 0 141 LYS A NZ  1 ? 
ATOM   890  N  N   . PRO A 1 103 ? 9.156   -4.679  -16.721 1.000 16.758 0 142 PRO A N   1 ? 
ATOM   891  C  CA  . PRO A 1 103 ? 9.379   -3.242  -16.700 1.000 17.113 0 142 PRO A CA  1 ? 
ATOM   892  C  C   . PRO A 1 103 ? 8.683   -2.611  -17.913 1.000 16.854 0 142 PRO A C   1 ? 
ATOM   893  O  O   . PRO A 1 103 ? 8.652   -3.178  -18.998 1.000 19.565 0 142 PRO A O   1 ? 
ATOM   894  C  CB  . PRO A 1 103 ? 10.908  -3.129  -16.859 1.000 20.012 0 142 PRO A CB  1 ? 
ATOM   895  C  CG  . PRO A 1 103 ? 11.427  -4.390  -16.255 1.000 21.866 0 142 PRO A CG  1 ? 
ATOM   896  C  CD  . PRO A 1 103 ? 10.414  -5.461  -16.634 1.000 17.134 0 142 PRO A CD  1 ? 
ATOM   897  N  N   . GLY A 1 104 ? 8.142   -1.420  -17.711 1.000 20.227 0 143 GLY A N   1 ? 
ATOM   898  C  CA  . GLY A 1 104 ? 7.477   -0.780  -18.833 1.000 20.119 0 143 GLY A CA  1 ? 
ATOM   899  C  C   . GLY A 1 104 ? 6.035   -1.235  -19.097 1.000 18.674 0 143 GLY A C   1 ? 
ATOM   900  O  O   . GLY A 1 104 ? 5.340   -0.584  -19.894 1.000 21.265 0 143 GLY A O   1 ? 
ATOM   901  N  N   . ASP A 1 105 ? 5.562   -2.322  -18.459 1.000 16.911 0 144 ASP A N   1 ? 
ATOM   902  C  CA  . ASP A 1 105 ? 4.154   -2.661  -18.551 1.000 16.247 0 144 ASP A CA  1 ? 
ATOM   903  C  C   . ASP A 1 105 ? 3.307   -1.534  -17.968 1.000 15.213 0 144 ASP A C   1 ? 
ATOM   904  O  O   . ASP A 1 105 ? 3.699   -0.841  -17.048 1.000 13.733 0 144 ASP A O   1 ? 
ATOM   905  C  CB  . ASP A 1 105 ? 3.774   -3.907  -17.736 1.000 18.618 0 144 ASP A CB  1 ? 
ATOM   906  C  CG  . ASP A 1 105 ? 4.091   -5.243  -18.384 1.000 23.817 0 144 ASP A CG  1 ? 
ATOM   907  O  OD1 . ASP A 1 105 ? 4.572   -5.241  -19.540 1.000 25.322 0 144 ASP A OD1 1 ? 
ATOM   908  O  OD2 . ASP A 1 105 ? 3.903   -6.277  -17.668 1.000 26.226 0 144 ASP A OD2 1 ? 
ATOM   909  N  N   . ASP A 1 106 ? 2.066   -1.381  -18.451 1.000 14.231 0 145 ASP A N   1 ? 
ATOM   910  C  CA  . ASP A 1 106 ? 1.168   -0.365  -17.948 1.000 13.723 0 145 ASP A CA  1 ? 
ATOM   911  C  C   . ASP A 1 106 ? 1.101   -0.334  -16.425 1.000 13.701 0 145 ASP A C   1 ? 
ATOM   912  O  O   . ASP A 1 106 ? 1.131   0.751   -15.851 1.000 13.165 0 145 ASP A O   1 ? 
ATOM   913  C  CB  . ASP A 1 106 ? -0.216  -0.551  -18.569 1.000 13.425 0 145 ASP A CB  1 ? 
ATOM   914  C  CG  . ASP A 1 106 ? -0.350  -0.085  -20.009 1.000 13.981 0 145 ASP A CG  1 ? 
ATOM   915  O  OD1 . ASP A 1 106 ? 0.577   0.541   -20.538 1.000 15.333 0 145 ASP A OD1 1 ? 
ATOM   916  O  OD2 . ASP A 1 106 ? -1.396  -0.461  -20.626 1.000 16.656 0 145 ASP A OD2 1 ? 
ATOM   917  N  N   . ILE A 1 107 ? 0.891   -1.499  -15.789 1.000 12.859 0 146 ILE A N   1 ? 
ATOM   918  C  CA  . ILE A 1 107 ? 0.701   -1.440  -14.339 1.000 12.445 0 146 ILE A CA  1 ? 
ATOM   919  C  C   . ILE A 1 107 ? 1.967   -0.902  -13.634 1.000 11.115 0 146 ILE A C   1 ? 
ATOM   920  O  O   . ILE A 1 107 ? 1.886   -0.205  -12.635 1.000 11.389 0 146 ILE A O   1 ? 
ATOM   921  C  CB  . ILE A 1 107 ? 0.237   -2.814  -13.826 1.000 13.102 0 146 ILE A CB  1 ? 
ATOM   922  C  CG1 . ILE A 1 107 ? -0.239  -2.694  -12.377 1.000 14.835 0 146 ILE A CG1 1 ? 
ATOM   923  C  CG2 . ILE A 1 107 ? 1.298   -3.902  -13.995 1.000 13.816 0 146 ILE A CG2 1 ? 
ATOM   924  C  CD1 . ILE A 1 107 ? -1.519  -1.921  -12.234 1.000 15.299 0 146 ILE A CD1 1 ? 
ATOM   925  N  N   . VAL A 1 108 ? 3.138   -1.238  -14.176 1.000 11.039 0 147 VAL A N   1 ? 
ATOM   926  C  CA  . VAL A 1 108 ? 4.404   -0.725  -13.649 1.000 11.470 0 147 VAL A CA  1 ? 
ATOM   927  C  C   . VAL A 1 108 ? 4.509   0.788   -13.850 1.000 11.328 0 147 VAL A C   1 ? 
ATOM   928  O  O   . VAL A 1 108 ? 4.901   1.495   -12.923 1.000 11.975 0 147 VAL A O   1 ? 
ATOM   929  C  CB  . VAL A 1 108 ? 5.591   -1.460  -14.295 1.000 12.215 0 147 VAL A CB  1 ? 
ATOM   930  C  CG1 . VAL A 1 108 ? 6.924   -0.831  -13.962 1.000 12.928 0 147 VAL A CG1 1 ? 
ATOM   931  C  CG2 . VAL A 1 108 ? 5.599   -2.915  -13.921 1.000 12.549 0 147 VAL A CG2 1 ? 
ATOM   932  N  N   . LEU A 1 109 ? 4.100   1.314   -15.031 1.000 11.079 0 148 LEU A N   1 ? 
ATOM   933  C  CA  . LEU A 1 109 ? 4.189   2.754   -15.256 1.000 12.135 0 148 LEU A CA  1 ? 
ATOM   934  C  C   . LEU A 1 109 ? 3.239   3.426   -14.274 1.000 12.066 0 148 LEU A C   1 ? 
ATOM   935  O  O   . LEU A 1 109 ? 3.503   4.521   -13.776 1.000 12.435 0 148 LEU A O   1 ? 
ATOM   936  C  CB  . LEU A 1 109 ? 3.737   3.066   -16.686 1.000 14.081 0 148 LEU A CB  1 ? 
ATOM   937  C  CG  . LEU A 1 109 ? 4.699   2.526   -17.759 1.000 16.948 0 148 LEU A CG  1 ? 
ATOM   938  C  CD1 . LEU A 1 109 ? 4.091   2.760   -19.118 1.000 18.212 0 148 LEU A CD1 1 ? 
ATOM   939  C  CD2 . LEU A 1 109 ? 6.080   3.159   -17.633 1.000 20.130 0 148 LEU A CD2 1 ? 
ATOM   940  N  N   . MET A 1 110 ? 2.087   2.768   -13.959 1.000 11.154 0 149 MET A N   1 ? 
ATOM   941  C  CA  . MET A 1 110 ? 1.140   3.376   -13.037 1.000 11.260 0 149 MET A CA  1 ? 
ATOM   942  C  C   . MET A 1 110 ? 1.730   3.455   -11.625 1.000 10.047 0 149 MET A C   1 ? 
ATOM   943  O  O   . MET A 1 110 ? 1.663   4.492   -10.937 1.000 11.451 0 149 MET A O   1 ? 
ATOM   944  C  CB  . MET A 1 110 ? -0.190  2.614   -13.041 1.000 11.773 0 149 MET A CB  1 ? 
ATOM   945  C  CG  . MET A 1 110 ? -0.889  2.777   -14.384 1.000 11.922 0 149 MET A CG  1 ? 
ATOM   946  S  SD  . MET A 1 110 ? -2.270  1.546   -14.616 1.000 13.271 0 149 MET A SD  1 ? 
ATOM   947  C  CE  . MET A 1 110 ? -3.543  2.555   -13.907 1.000 15.129 0 149 MET A CE  1 ? 
ATOM   948  N  N   . ALA A 1 111 ? 2.298   2.327   -11.187 1.000 10.364 0 150 ALA A N   1 ? 
ATOM   949  C  CA  . ALA A 1 111 ? 2.957   2.285   -9.882  1.000 10.701 0 150 ALA A CA  1 ? 
ATOM   950  C  C   . ALA A 1 111 ? 4.080   3.332   -9.821  1.000 11.485 0 150 ALA A C   1 ? 
ATOM   951  O  O   . ALA A 1 111 ? 4.229   3.995   -8.788  1.000 11.245 0 150 ALA A O   1 ? 
ATOM   952  C  CB  . ALA A 1 111 ? 3.490   0.903   -9.584  1.000 11.431 0 150 ALA A CB  1 ? 
ATOM   953  N  N   . GLU A 1 112 ? 4.888   3.452   -10.882 1.000 11.491 0 151 GLU A N   1 ? 
ATOM   954  C  CA  . GLU A 1 112 ? 5.997   4.382   -10.888 1.000 12.082 0 151 GLU A CA  1 ? 
ATOM   955  C  C   . GLU A 1 112 ? 5.503   5.811   -10.754 1.000 11.909 0 151 GLU A C   1 ? 
ATOM   956  O  O   . GLU A 1 112 ? 6.167   6.594   -10.073 1.000 12.875 0 151 GLU A O   1 ? 
ATOM   957  C  CB  . GLU A 1 112 ? 6.836   4.244   -12.155 1.000 13.834 0 151 GLU A CB  1 ? 
ATOM   958  C  CG  . GLU A 1 112 ? 7.719   3.018   -12.118 1.000 16.216 0 151 GLU A CG  1 ? 
ATOM   959  C  CD  . GLU A 1 112 ? 8.475   2.698   -13.386 1.000 19.359 0 151 GLU A CD  1 ? 
ATOM   960  O  OE1 . GLU A 1 112 ? 8.038   3.106   -14.446 1.000 23.272 0 151 GLU A OE1 1 ? 
ATOM   961  O  OE2 . GLU A 1 112 ? 9.458   1.992   -13.270 1.000 26.392 0 151 GLU A OE2 1 ? 
ATOM   962  N  N   . ALA A 1 113 ? 4.369   6.176   -11.365 1.000 12.013 0 152 ALA A N   1 ? 
ATOM   963  C  CA  . ALA A 1 113 ? 3.805   7.516   -11.206 1.000 12.475 0 152 ALA A CA  1 ? 
ATOM   964  C  C   . ALA A 1 113 ? 3.399   7.763   -9.751  1.000 12.532 0 152 ALA A C   1 ? 
ATOM   965  O  O   . ALA A 1 113 ? 3.639   8.848   -9.197  1.000 12.579 0 152 ALA A O   1 ? 
ATOM   966  C  CB  . ALA A 1 113 ? 2.662   7.758   -12.178 1.000 13.972 0 152 ALA A CB  1 ? 
ATOM   967  N  N   . LEU A 1 114 ? 2.725   6.773   -9.127  1.000 11.319 0 153 LEU A N   1 ? 
ATOM   968  C  CA  . LEU A 1 114 ? 2.389   6.939   -7.714  1.000 12.405 0 153 LEU A CA  1 ? 
ATOM   969  C  C   . LEU A 1 114 ? 3.621   7.022   -6.821  1.000 10.626 0 153 LEU A C   1 ? 
ATOM   970  O  O   . LEU A 1 114 ? 3.632   7.816   -5.867  1.000 12.071 0 153 LEU A O   1 ? 
ATOM   971  C  CB  . LEU A 1 114 ? 1.493   5.784   -7.244  1.000 13.145 0 153 LEU A CB  1 ? 
ATOM   972  C  CG  . LEU A 1 114 ? 0.146   5.688   -7.954  1.000 15.917 0 153 LEU A CG  1 ? 
ATOM   973  C  CD1 . LEU A 1 114 ? -0.568  4.408   -7.635  1.000 19.029 0 153 LEU A CD1 1 ? 
ATOM   974  C  CD2 . LEU A 1 114 ? -0.727  6.892   -7.749  1.000 18.294 0 153 LEU A CD2 1 ? 
ATOM   975  N  N   . GLU A 1 115 ? 4.626   6.222   -7.130  1.000 10.540 0 154 GLU A N   1 ? 
ATOM   976  C  CA  . GLU A 1 115 ? 5.839   6.225   -6.297  1.000 11.847 0 154 GLU A CA  1 ? 
ATOM   977  C  C   . GLU A 1 115 ? 6.569   7.572   -6.413  1.000 12.400 0 154 GLU A C   1 ? 
ATOM   978  O  O   . GLU A 1 115 ? 7.109   8.044   -5.410  1.000 12.517 0 154 GLU A O   1 ? 
ATOM   979  C  CB  . GLU A 1 115 ? 6.759   5.101   -6.733  1.000 12.302 0 154 GLU A CB  1 ? 
ATOM   980  C  CG  . GLU A 1 115 ? 7.982   4.984   -5.819  1.000 14.159 0 154 GLU A CG  1 ? 
ATOM   981  C  CD  . GLU A 1 115 ? 8.935   3.877   -6.183  1.000 15.740 0 154 GLU A CD  1 ? 
ATOM   982  O  OE1 . GLU A 1 115 ? 8.944   3.424   -7.303  1.000 18.023 0 154 GLU A OE1 1 ? 
ATOM   983  O  OE2 . GLU A 1 115 ? 9.789   3.605   -5.326  1.000 23.880 0 154 GLU A OE2 1 ? 
ATOM   984  N  N   . LYS A 1 116 ? 6.573   8.191   -7.598  1.000 12.456 0 155 LYS A N   1 ? 
ATOM   985  C  CA  . LYS A 1 116 ? 7.218   9.486   -7.762  1.000 13.415 0 155 LYS A CA  1 ? 
ATOM   986  C  C   . LYS A 1 116 ? 6.531   10.499  -6.861  1.000 12.871 0 155 LYS A C   1 ? 
ATOM   987  O  O   . LYS A 1 116 ? 7.185   11.318  -6.193  1.000 13.663 0 155 LYS A O   1 ? 
ATOM   988  C  CB  . LYS A 1 116 ? 7.129   9.926   -9.224  1.000 14.665 0 155 LYS A CB  1 ? 
ATOM   989  C  CG  . LYS A 1 116 ? 7.731   11.296  -9.495  1.000 17.613 0 155 LYS A CG  1 ? 
ATOM   990  C  CD  . LYS A 1 116 ? 7.853   11.573  -10.960 1.000 21.208 0 155 LYS A CD  1 ? 
ATOM   991  C  CE  . LYS A 1 116 ? 8.431   12.955  -11.174 1.000 23.153 0 155 LYS A CE  1 ? 
ATOM   992  N  NZ  . LYS A 1 116 ? 8.528   13.226  -12.619 1.000 33.017 0 155 LYS A NZ  1 ? 
ATOM   993  N  N   . LEU A 1 117 ? 5.191   10.487  -6.844  1.000 12.717 0 156 LEU A N   1 ? 
ATOM   994  C  CA  . LEU A 1 117 ? 4.451   11.406  -6.007  1.000 14.333 0 156 LEU A CA  1 ? 
ATOM   995  C  C   . LEU A 1 117 ? 4.744   11.101  -4.530  1.000 12.680 0 156 LEU A C   1 ? 
ATOM   996  O  O   . LEU A 1 117 ? 4.895   11.968  -3.664  1.000 13.889 0 156 LEU A O   1 ? 
ATOM   997  C  CB  . LEU A 1 117 ? 2.951   11.304  -6.344  1.000 17.694 0 156 LEU A CB  1 ? 
ATOM   998  C  CG  . LEU A 1 117 ? 2.450   12.343  -7.338  1.000 27.923 0 156 LEU A CG  1 ? 
ATOM   999  C  CD1 . LEU A 1 117 ? 1.071   11.944  -7.865  1.000 28.637 0 156 LEU A CD1 1 ? 
ATOM   1000 C  CD2 . LEU A 1 117 ? 2.370   13.680  -6.598  1.000 28.675 0 156 LEU A CD2 1 ? 
ATOM   1001 N  N   . PHE A 1 118 ? 4.696   9.804   -4.187  1.000 12.377 0 157 PHE A N   1 ? 
ATOM   1002 C  CA  . PHE A 1 118 ? 4.966   9.350   -2.822  1.000 12.259 0 157 PHE A CA  1 ? 
ATOM   1003 C  C   . PHE A 1 118 ? 6.315   9.896   -2.333  1.000 12.689 0 157 PHE A C   1 ? 
ATOM   1004 O  O   . PHE A 1 118 ? 6.403   10.455  -1.225  1.000 12.215 0 157 PHE A O   1 ? 
ATOM   1005 C  CB  . PHE A 1 118 ? 4.959   7.813   -2.796  1.000 12.758 0 157 PHE A CB  1 ? 
ATOM   1006 C  CG  . PHE A 1 118 ? 5.287   7.219   -1.450  1.000 12.772 0 157 PHE A CG  1 ? 
ATOM   1007 C  CD1 . PHE A 1 118 ? 4.352   7.247   -0.436  1.000 13.472 0 157 PHE A CD1 1 ? 
ATOM   1008 C  CD2 . PHE A 1 118 ? 6.523   6.650   -1.226  1.000 15.291 0 157 PHE A CD2 1 ? 
ATOM   1009 C  CE1 . PHE A 1 118 ? 4.637   6.697   0.815   1.000 14.702 0 157 PHE A CE1 1 ? 
ATOM   1010 C  CE2 . PHE A 1 118 ? 6.813   6.079   0.011   1.000 18.791 0 157 PHE A CE2 1 ? 
ATOM   1011 C  CZ  . PHE A 1 118 ? 5.867   6.152   1.017   1.000 16.360 0 157 PHE A CZ  1 ? 
ATOM   1012 N  N   . LEU A 1 119 ? 7.375   9.756   -3.127  1.000 12.507 0 158 LEU A N   1 ? 
ATOM   1013 C  CA  . LEU A 1 119 ? 8.705   10.176  -2.707  1.000 14.538 0 158 LEU A CA  1 ? 
ATOM   1014 C  C   . LEU A 1 119 ? 8.727   11.691  -2.458  1.000 14.626 0 158 LEU A C   1 ? 
ATOM   1015 O  O   . LEU A 1 119 ? 9.321   12.183  -1.478  1.000 14.843 0 158 LEU A O   1 ? 
ATOM   1016 C  CB  . LEU A 1 119 ? 9.717   9.731   -3.759  1.000 18.154 0 158 LEU A CB  1 ? 
ATOM   1017 C  CG  . LEU A 1 119 ? 11.185  10.131  -3.524  1.000 22.480 0 158 LEU A CG  1 ? 
ATOM   1018 C  CD1 . LEU A 1 119 ? 11.665  9.706   -2.138  1.000 26.791 0 158 LEU A CD1 1 ? 
ATOM   1019 C  CD2 . LEU A 1 119 ? 12.075  9.496   -4.585  1.000 24.719 0 158 LEU A CD2 1 ? 
ATOM   1020 N  N   . GLN A 1 120 ? 8.058   12.459  -3.328  1.000 14.880 0 159 GLN A N   1 ? 
ATOM   1021 C  CA  . GLN A 1 120 ? 8.028   13.919  -3.149  1.000 17.249 0 159 GLN A CA  1 ? 
ATOM   1022 C  C   . GLN A 1 120 ? 7.382   14.216  -1.786  1.000 17.540 0 159 GLN A C   1 ? 
ATOM   1023 O  O   . GLN A 1 120 ? 7.899   15.022  -0.997  1.000 18.209 0 159 GLN A O   1 ? 
ATOM   1024 C  CB  . GLN A 1 120 ? 7.098   14.534  -4.211  1.000 17.426 0 159 GLN A CB  1 ? 
ATOM   1025 C  CG  . GLN A 1 120 ? 7.649   14.820  -5.618  1.000 26.257 0 159 GLN A CG  1 ? 
ATOM   1026 C  CD  . GLN A 1 120 ? 6.574   15.235  -6.610  0.500 23.550 0 159 GLN A CD  1 ? 
ATOM   1027 O  OE1 . GLN A 1 120 ? 5.471   15.639  -6.240  0.500 26.746 0 159 GLN A OE1 1 ? 
ATOM   1028 N  NE2 . GLN A 1 120 ? 6.881   15.180  -7.900  0.500 21.487 0 159 GLN A NE2 1 ? 
ATOM   1029 N  N   . LYS A 1 121 ? 6.266   13.535  -1.448  1.000 14.522 0 160 LYS A N   1 ? 
ATOM   1030 C  CA  . LYS A 1 121 ? 5.619   13.816  -0.179  1.000 15.600 0 160 LYS A CA  1 ? 
ATOM   1031 C  C   . LYS A 1 121 ? 6.439   13.334  1.007   1.000 16.033 0 160 LYS A C   1 ? 
ATOM   1032 O  O   . LYS A 1 121 ? 6.442   14.002  2.064   1.000 16.717 0 160 LYS A O   1 ? 
ATOM   1033 C  CB  . LYS A 1 121 ? 4.232   13.147  -0.128  1.000 16.861 0 160 LYS A CB  1 ? 
ATOM   1034 C  CG  . LYS A 1 121 ? 3.263   13.606  -1.194  1.000 20.426 0 160 LYS A CG  1 ? 
ATOM   1035 C  CD  . LYS A 1 121 ? 3.115   15.097  -1.165  1.000 26.527 0 160 LYS A CD  1 ? 
ATOM   1036 C  CE  . LYS A 1 121 ? 1.998   15.556  -2.053  1.000 29.242 0 160 LYS A CE  1 ? 
ATOM   1037 N  NZ  . LYS A 1 121 ? 2.052   17.033  -2.195  1.000 29.639 0 160 LYS A NZ  1 ? 
ATOM   1038 N  N   . ILE A 1 122 ? 7.136   12.195  0.889   1.000 15.962 0 161 ILE A N   1 ? 
ATOM   1039 C  CA  . ILE A 1 122 ? 7.866   11.651  2.030   1.000 16.132 0 161 ILE A CA  1 ? 
ATOM   1040 C  C   . ILE A 1 122 ? 9.111   12.497  2.312   1.000 16.039 0 161 ILE A C   1 ? 
ATOM   1041 O  O   . ILE A 1 122 ? 9.549   12.614  3.449   1.000 16.880 0 161 ILE A O   1 ? 
ATOM   1042 C  CB  . ILE A 1 122 ? 8.229   10.175  1.813   1.000 19.154 0 161 ILE A CB  1 ? 
ATOM   1043 C  CG1 . ILE A 1 122 ? 6.963   9.317   1.903   1.000 23.268 0 161 ILE A CG1 1 ? 
ATOM   1044 C  CG2 . ILE A 1 122 ? 9.283   9.738   2.825   1.000 26.231 0 161 ILE A CG2 1 ? 
ATOM   1045 C  CD1 . ILE A 1 122 ? 6.230   9.431   3.225   1.000 21.584 0 161 ILE A CD1 1 ? 
ATOM   1046 N  N   . ASN A 1 123 ? 9.616   13.197  1.296   1.000 17.335 0 162 ASN A N   1 ? 
ATOM   1047 C  CA  . ASN A 1 123 ? 10.747  14.094  1.490   1.000 18.607 0 162 ASN A CA  1 ? 
ATOM   1048 C  C   . ASN A 1 123 ? 10.358  15.253  2.402   1.000 19.379 0 162 ASN A C   1 ? 
ATOM   1049 O  O   . ASN A 1 123 ? 11.265  15.793  3.068   1.000 19.221 0 162 ASN A O   1 ? 
ATOM   1050 C  CB  . ASN A 1 123 ? 11.255  14.603  0.139   1.000 21.724 0 162 ASN A CB  1 ? 
ATOM   1051 C  CG  . ASN A 1 123 ? 12.026  13.523  -0.602  1.000 20.815 0 162 ASN A CG  1 ? 
ATOM   1052 O  OD1 . ASN A 1 123 ? 12.533  12.566  -0.028  1.000 23.063 0 162 ASN A OD1 1 ? 
ATOM   1053 N  ND2 . ASN A 1 123 ? 12.213  13.728  -1.899  1.000 26.547 0 162 ASN A ND2 1 ? 
ATOM   1054 N  N   . GLU A 1 124 ? 9.050   15.574  2.477   1.000 17.743 0 163 GLU A N   1 ? 
ATOM   1055 C  CA  . GLU A 1 124 ? 8.546   16.630  3.353   1.000 18.159 0 163 GLU A CA  1 ? 
ATOM   1056 C  C   . GLU A 1 124 ? 7.836   16.086  4.601   1.000 18.329 0 163 GLU A C   1 ? 
ATOM   1057 O  O   . GLU A 1 124 ? 7.218   16.837  5.371   1.000 20.876 0 163 GLU A O   1 ? 
ATOM   1058 C  CB  . GLU A 1 124 ? 7.582   17.526  2.568   1.000 20.274 0 163 GLU A CB  1 ? 
ATOM   1059 C  CG  . GLU A 1 124 ? 8.298   18.328  1.473   1.000 23.938 0 163 GLU A CG  1 ? 
ATOM   1060 C  CD  . GLU A 1 124 ? 9.054   19.565  1.932   1.000 24.965 0 163 GLU A CD  1 ? 
ATOM   1061 O  OE1 . GLU A 1 124 ? 9.242   19.741  3.147   1.000 24.385 0 163 GLU A OE1 1 ? 
ATOM   1062 O  OE2 . GLU A 1 124 ? 9.452   20.381  1.056   1.000 28.954 0 163 GLU A OE2 1 ? 
ATOM   1063 N  N   . LEU A 1 125 ? 7.978   14.785  4.852   1.000 16.291 0 164 LEU A N   1 ? 
ATOM   1064 C  CA  . LEU A 1 125 ? 7.429   14.212  6.072   1.000 15.535 0 164 LEU A CA  1 ? 
ATOM   1065 C  C   . LEU A 1 125 ? 7.941   15.063  7.222   1.000 17.524 0 164 LEU A C   1 ? 
ATOM   1066 O  O   . LEU A 1 125 ? 9.160   15.236  7.375   1.000 16.611 0 164 LEU A O   1 ? 
ATOM   1067 C  CB  . LEU A 1 125 ? 7.921   12.781  6.221   1.000 17.721 0 164 LEU A CB  1 ? 
ATOM   1068 C  CG  . LEU A 1 125 ? 7.341   12.029  7.417   1.000 16.197 0 164 LEU A CG  1 ? 
ATOM   1069 C  CD1 . LEU A 1 125 ? 5.872   11.684  7.168   1.000 19.081 0 164 LEU A CD1 1 ? 
ATOM   1070 C  CD2 . LEU A 1 125 ? 8.148   10.804  7.722   1.000 17.580 0 164 LEU A CD2 1 ? 
ATOM   1071 N  N   . PRO A 1 126 ? 7.034   15.620  8.057   1.000 18.692 0 165 PRO A N   1 ? 
ATOM   1072 C  CA  . PRO A 1 126 ? 7.465   16.491  9.117   1.000 20.494 0 165 PRO A CA  1 ? 
ATOM   1073 C  C   . PRO A 1 126 ? 8.276   15.775  10.163  1.000 18.529 0 165 PRO A C   1 ? 
ATOM   1074 O  O   . PRO A 1 126 ? 8.171   14.581  10.480  1.000 17.952 0 165 PRO A O   1 ? 
ATOM   1075 C  CB  . PRO A 1 126 ? 6.168   16.995  9.755   1.000 21.343 0 165 PRO A CB  1 ? 
ATOM   1076 C  CG  . PRO A 1 126 ? 5.210   15.866  9.496   1.000 24.328 0 165 PRO A CG  1 ? 
ATOM   1077 C  CD  . PRO A 1 126 ? 5.560   15.473  8.064   1.000 20.624 0 165 PRO A CD  1 ? 
ATOM   1078 N  N   . THR A 1 127 ? 9.139   16.603  10.739  1.000 21.445 0 166 THR A N   1 ? 
ATOM   1079 C  CA  . THR A 1 127 ? 9.848   16.218  11.926  1.000 22.458 0 166 THR A CA  1 ? 
ATOM   1080 C  C   . THR A 1 127 ? 8.842   15.696  12.972  1.000 23.202 0 166 THR A C   1 ? 
ATOM   1081 O  O   . THR A 1 127 ? 7.806   16.326  13.209  1.000 22.306 0 166 THR A O   1 ? 
ATOM   1082 C  CB  . THR A 1 127 ? 10.558  17.493  12.419  1.000 24.184 0 166 THR A CB  1 ? 
ATOM   1083 O  OG1 . THR A 1 127 ? 11.346  18.052  11.353  1.000 24.537 0 166 THR A OG1 1 ? 
ATOM   1084 C  CG2 . THR A 1 127 ? 11.367  17.296  13.685  1.000 28.711 0 166 THR A CG2 1 ? 
ATOM   1085 N  N   . GLU A 1 128 ? 9.128   14.533  13.565  1.000 20.142 0 167 GLU A N   1 ? 
ATOM   1086 C  CA  . GLU A 1 128 ? 8.221   13.970  14.564  1.000 24.282 0 167 GLU A CA  1 ? 
ATOM   1087 C  C   . GLU A 1 128 ? 8.227   14.821  15.831  1.000 28.522 0 167 GLU A C   1 ? 
ATOM   1088 O  O   . GLU A 1 128 ? 9.271   15.288  16.279  1.000 30.475 0 167 GLU A O   1 ? 
ATOM   1089 C  CB  . GLU A 1 128 ? 8.593   12.543  14.962  1.000 25.609 0 167 GLU A CB  1 ? 
ATOM   1090 C  CG  . GLU A 1 128 ? 7.760   11.927  16.081  1.000 32.207 0 167 GLU A CG  1 ? 
ATOM   1091 C  CD  . GLU A 1 128 ? 8.249   10.526  16.417  1.000 35.794 0 167 GLU A CD  1 ? 
ATOM   1092 O  OE1 . GLU A 1 128 ? 9.427   10.228  16.076  1.000 34.638 0 167 GLU A OE1 1 ? 
ATOM   1093 O  OE2 . GLU A 1 128 ? 7.496   9.741   17.036  1.000 34.781 0 167 GLU A OE2 1 ? 
ATOM   1094 N  N   . GLU A 1 129 ? 7.046   14.992  16.424  1.000 27.141 0 168 GLU A N   1 ? 
ATOM   1095 C  CA  . GLU A 1 129 ? 6.987   15.880  17.571  1.000 32.021 0 168 GLU A CA  1 ? 
ATOM   1096 C  C   . GLU A 1 129 ? 5.658   15.645  18.263  1.000 37.571 0 168 GLU A C   1 ? 
ATOM   1097 O  O   . GLU A 1 129 ? 5.653   15.722  19.484  1.000 41.871 0 168 GLU A O   1 ? 
ATOM   1098 C  CB  . GLU A 1 129 ? 7.164   17.326  17.118  1.000 35.435 0 168 GLU A CB  1 ? 
ATOM   1099 C  CG  . GLU A 1 129 ? 5.865   18.108  17.024  1.000 42.781 0 168 GLU A CG  1 ? 
ATOM   1100 C  CD  . GLU A 1 129 ? 5.834   19.156  15.927  1.000 50.970 0 168 GLU A CD  1 ? 
ATOM   1101 O  OE1 . GLU A 1 129 ? 6.593   20.153  16.025  1.000 55.891 0 168 GLU A OE1 1 ? 
ATOM   1102 O  OE2 . GLU A 1 129 ? 5.035   18.983  14.984  1.000 52.001 0 168 GLU A OE2 1 ? 
ATOM   1103 O  OXT . GLU A 1 129 ? 4.670   15.405  17.567  1.000 35.316 0 168 GLU A OXT 1 ? 
HETATM 1104 C  C4  . UUG B 2 .   ? -1.664  -6.520  -11.160 1.000 14.774 0 201 UUG A C4  1 ? 
HETATM 1105 C  C5  . UUG B 2 .   ? -0.501  -7.349  -10.692 1.000 15.506 0 201 UUG A C5  1 ? 
HETATM 1106 C  C6  . UUG B 2 .   ? -2.272  -6.754  -12.401 1.000 16.062 0 201 UUG A C6  1 ? 
HETATM 1107 C  C7  . UUG B 2 .   ? -3.357  -5.996  -12.831 1.000 18.161 0 201 UUG A C7  1 ? 
HETATM 1108 C  C   . UUG B 2 .   ? -3.877  -5.045  -11.974 1.000 16.859 0 201 UUG A C   1 ? 
HETATM 1109 O  O   . UUG B 2 .   ? -1.551  -5.245  -9.184  1.000 14.484 0 201 UUG A O   1 ? 
HETATM 1110 C  C1  . UUG B 2 .   ? -3.291  -4.780  -10.750 1.000 15.451 0 201 UUG A C1  1 ? 
HETATM 1111 C  C2  . UUG B 2 .   ? -2.190  -5.516  -10.357 1.000 14.290 0 201 UUG A C2  1 ? 
HETATM 1112 C  C3  . UUG B 2 .   ? -1.896  -4.092  -8.426  1.000 14.359 0 201 UUG A C3  1 ? 
HETATM 1113 O  O1  . UUG B 2 .   ? 0.657   -6.547  -10.470 1.000 15.359 0 201 UUG A O1  1 ? 
HETATM 1114 BR BR  . UUG B 2 .   ? -5.403  -4.045  -12.480 1.000 21.206 0 201 UUG A BR  1 ? 
HETATM 1115 C  C1  . GOL C 3 .   ? 7.694   -8.862  -3.117  1.000 24.524 0 202 GOL A C1  1 ? 
HETATM 1116 O  O1  . GOL C 3 .   ? 7.222   -7.574  -2.738  1.000 26.937 0 202 GOL A O1  1 ? 
HETATM 1117 C  C2  . GOL C 3 .   ? 7.239   -9.967  -2.190  1.000 23.186 0 202 GOL A C2  1 ? 
HETATM 1118 O  O2  . GOL C 3 .   ? 5.820   -9.904  -1.950  1.000 20.599 0 202 GOL A O2  1 ? 
HETATM 1119 C  C3  . GOL C 3 .   ? 7.658   -11.310 -2.746  1.000 24.968 0 202 GOL A C3  1 ? 
HETATM 1120 O  O3  . GOL C 3 .   ? 7.346   -12.374 -1.853  1.000 23.506 0 202 GOL A O3  1 ? 
HETATM 1121 O  O   . HOH D 4 .   ? -3.222  16.192  -6.467  1.000 33.718 0 301 HOH A O   1 ? 
HETATM 1122 O  O   . HOH D 4 .   ? 3.862   -14.636 -13.955 1.000 30.502 0 302 HOH A O   1 ? 
HETATM 1123 O  O   . HOH D 4 .   ? 7.278   18.748  13.129  1.000 38.291 0 303 HOH A O   1 ? 
HETATM 1124 O  O   . HOH D 4 .   ? -5.450  -16.133 -5.975  1.000 27.555 0 304 HOH A O   1 ? 
HETATM 1125 O  O   . HOH D 4 .   ? 4.341   -21.017 -2.534  1.000 34.443 0 305 HOH A O   1 ? 
HETATM 1126 O  O   . HOH D 4 .   ? 7.703   7.780   15.433  1.000 24.572 0 306 HOH A O   1 ? 
HETATM 1127 O  O   . HOH D 4 .   ? 9.830   8.617   12.352  1.000 39.608 0 307 HOH A O   1 ? 
HETATM 1128 O  O   . HOH D 4 .   ? 4.312   -8.801  -17.248 1.000 29.048 0 308 HOH A O   1 ? 
HETATM 1129 O  O   . HOH D 4 .   ? 7.708   5.517   -15.339 1.000 28.108 0 309 HOH A O   1 ? 
HETATM 1130 O  O   . HOH D 4 .   ? 6.171   12.846  -13.639 1.000 35.688 0 310 HOH A O   1 ? 
HETATM 1131 O  O   . HOH D 4 .   ? -10.956 0.465   -1.926  1.000 37.067 0 311 HOH A O   1 ? 
HETATM 1132 O  O   . HOH D 4 .   ? -9.380  -12.522 0.709   1.000 35.970 0 312 HOH A O   1 ? 
HETATM 1133 O  O   . HOH D 4 .   ? 7.975   -12.004 0.727   1.000 33.880 0 313 HOH A O   1 ? 
HETATM 1134 O  O   . HOH D 4 .   ? 3.469   13.067  17.333  1.000 24.293 0 314 HOH A O   1 ? 
HETATM 1135 O  O   . HOH D 4 .   ? 9.663   -8.244  -13.124 1.000 28.425 0 315 HOH A O   1 ? 
HETATM 1136 O  O   . HOH D 4 .   ? 1.497   -6.343  -16.574 1.000 24.361 0 316 HOH A O   1 ? 
HETATM 1137 O  O   . HOH D 4 .   ? 1.562   11.820  -11.860 1.000 32.912 0 317 HOH A O   1 ? 
HETATM 1138 O  O   . HOH D 4 .   ? -4.916  -9.783  -15.951 1.000 31.091 0 318 HOH A O   1 ? 
HETATM 1139 O  O   . HOH D 4 .   ? -0.495  -16.990 -13.834 1.000 26.748 0 319 HOH A O   1 ? 
HETATM 1140 O  O   . HOH D 4 .   ? -0.112  -6.784  -4.051  1.000 14.830 0 320 HOH A O   1 ? 
HETATM 1141 O  O   . HOH D 4 .   ? 10.043  0.391   -11.207 1.000 31.110 0 321 HOH A O   1 ? 
HETATM 1142 O  O   . HOH D 4 .   ? 4.277   18.065  1.772   1.000 27.851 0 322 HOH A O   1 ? 
HETATM 1143 O  O   . HOH D 4 .   ? 2.752   -1.594  17.340  1.000 17.282 0 323 HOH A O   1 ? 
HETATM 1144 O  O   . HOH D 4 .   ? -2.921  -10.820 1.845   1.000 15.404 0 324 HOH A O   1 ? 
HETATM 1145 O  O   . HOH D 4 .   ? -9.741  -7.081  -3.836  1.000 22.570 0 325 HOH A O   1 ? 
HETATM 1146 O  O   . HOH D 4 .   ? 0.477   1.538   -23.048 1.000 15.984 0 326 HOH A O   1 ? 
HETATM 1147 O  O   . HOH D 4 .   ? -1.008  -4.185  -4.673  1.000 12.706 0 327 HOH A O   1 ? 
HETATM 1148 O  O   . HOH D 4 .   ? -5.762  2.997   17.256  1.000 29.621 0 328 HOH A O   1 ? 
HETATM 1149 O  O   . HOH D 4 .   ? -7.791  -6.821  7.053   1.000 20.838 0 329 HOH A O   1 ? 
HETATM 1150 O  O   . HOH D 4 .   ? -10.741 0.701   -7.210  1.000 20.715 0 330 HOH A O   1 ? 
HETATM 1151 O  O   . HOH D 4 .   ? -6.109  -1.140  13.707  1.000 17.987 0 331 HOH A O   1 ? 
HETATM 1152 O  O   . HOH D 4 .   ? 1.366   -5.860  -7.928  1.000 14.914 0 332 HOH A O   1 ? 
HETATM 1153 O  O   . HOH D 4 .   ? -0.022  18.759  -1.787  1.000 27.941 0 333 HOH A O   1 ? 
HETATM 1154 O  O   . HOH D 4 .   ? -3.609  -3.631  -5.435  1.000 13.563 0 334 HOH A O   1 ? 
HETATM 1155 O  O   . HOH D 4 .   ? -3.151  6.543   11.825  1.000 27.227 0 335 HOH A O   1 ? 
HETATM 1156 O  O   . HOH D 4 .   ? 9.787   11.945  -6.759  1.000 20.417 0 336 HOH A O   1 ? 
HETATM 1157 O  O   . HOH D 4 .   ? -8.201  7.762   -8.276  1.000 25.660 0 337 HOH A O   1 ? 
HETATM 1158 O  O   . HOH D 4 .   ? -6.905  -10.966 7.375   1.000 28.300 0 338 HOH A O   1 ? 
HETATM 1159 O  O   . HOH D 4 .   ? 4.742   -4.025  4.376   1.000 18.552 0 339 HOH A O   1 ? 
HETATM 1160 O  O   . HOH D 4 .   ? -12.452 -12.703 -14.396 1.000 26.211 0 340 HOH A O   1 ? 
HETATM 1161 O  O   . HOH D 4 .   ? 0.826   16.205  10.742  1.000 28.840 0 341 HOH A O   1 ? 
HETATM 1162 O  O   . HOH D 4 .   ? 3.345   0.581   -21.403 1.000 25.877 0 342 HOH A O   1 ? 
HETATM 1163 O  O   . HOH D 4 .   ? -7.860  -4.302  2.818   1.000 27.278 0 343 HOH A O   1 ? 
HETATM 1164 O  O   . HOH D 4 .   ? 8.900   0.819   -16.273 1.000 27.002 0 344 HOH A O   1 ? 
HETATM 1165 O  O   . HOH D 4 .   ? 14.096  18.326  11.552  1.000 27.717 0 345 HOH A O   1 ? 
HETATM 1166 O  O   . HOH D 4 .   ? 9.287   -4.436  -13.255 1.000 17.848 0 346 HOH A O   1 ? 
HETATM 1167 O  O   . HOH D 4 .   ? -2.933  -6.733  -0.401  1.000 13.193 0 347 HOH A O   1 ? 
HETATM 1168 O  O   . HOH D 4 .   ? -6.518  -16.926 -10.903 1.000 34.096 0 348 HOH A O   1 ? 
HETATM 1169 O  O   . HOH D 4 .   ? 5.517   -3.863  -21.762 1.000 34.000 0 349 HOH A O   1 ? 
HETATM 1170 O  O   . HOH D 4 .   ? -6.768  8.015   12.110  1.000 31.745 0 350 HOH A O   1 ? 
HETATM 1171 O  O   . HOH D 4 .   ? -12.555 -13.054 -6.032  1.000 33.692 0 351 HOH A O   1 ? 
HETATM 1172 O  O   . HOH D 4 .   ? -3.376  -1.993  -19.379 1.000 27.473 0 352 HOH A O   1 ? 
HETATM 1173 O  O   . HOH D 4 .   ? 5.929   8.428   13.432  1.000 15.734 0 353 HOH A O   1 ? 
HETATM 1174 O  O   . HOH D 4 .   ? -7.332  -10.824 -2.912  1.000 16.281 0 354 HOH A O   1 ? 
HETATM 1175 O  O   . HOH D 4 .   ? 8.949   6.281   -9.893  1.000 18.119 0 355 HOH A O   1 ? 
HETATM 1176 O  O   . HOH D 4 .   ? 5.329   6.386   -14.829 1.000 24.125 0 356 HOH A O   1 ? 
HETATM 1177 O  O   . HOH D 4 .   ? -12.196 -1.246  -3.876  1.000 37.165 0 357 HOH A O   1 ? 
HETATM 1178 O  O   . HOH D 4 .   ? 1.190   -3.590  -6.292  1.000 13.160 0 358 HOH A O   1 ? 
HETATM 1179 O  O   . HOH D 4 .   ? 1.953   -5.820  7.297   1.000 28.368 0 359 HOH A O   1 ? 
HETATM 1180 O  O   . HOH D 4 .   ? -0.257  -8.304  -14.545 1.000 28.837 0 360 HOH A O   1 ? 
HETATM 1181 O  O   . HOH D 4 .   ? 11.508  13.182  12.840  1.000 31.977 0 361 HOH A O   1 ? 
HETATM 1182 O  O   . HOH D 4 .   ? -3.079  8.654   10.385  1.000 31.283 0 362 HOH A O   1 ? 
HETATM 1183 O  O   . HOH D 4 .   ? -11.265 -13.595 -0.829  1.000 28.775 0 363 HOH A O   1 ? 
HETATM 1184 O  O   . HOH D 4 .   ? 3.888   -2.309  8.198   1.000 17.305 0 364 HOH A O   1 ? 
HETATM 1185 O  O   . HOH D 4 .   ? -6.464  -10.610 -0.257  1.000 16.054 0 365 HOH A O   1 ? 
HETATM 1186 O  O   . HOH D 4 .   ? -9.957  0.899   2.344   1.000 24.474 0 366 HOH A O   1 ? 
HETATM 1187 O  O   . HOH D 4 .   ? -7.954  -6.533  -7.744  1.000 25.020 0 367 HOH A O   1 ? 
HETATM 1188 O  O   . HOH D 4 .   ? 10.620  5.360   0.919   1.000 31.876 0 368 HOH A O   1 ? 
HETATM 1189 O  O   . HOH D 4 .   ? -7.356  6.800   -15.165 1.000 31.057 0 369 HOH A O   1 ? 
HETATM 1190 O  O   . HOH D 4 .   ? -4.165  -19.891 -7.980  1.000 29.594 0 370 HOH A O   1 ? 
HETATM 1191 O  O   . HOH D 4 .   ? 6.634   1.158   -21.748 1.000 27.255 0 371 HOH A O   1 ? 
HETATM 1192 O  O   . HOH D 4 .   ? -10.405 7.148   -6.742  1.000 34.869 0 372 HOH A O   1 ? 
HETATM 1193 O  O   . HOH D 4 .   ? 2.765   -2.831  10.684  1.000 20.725 0 373 HOH A O   1 ? 
HETATM 1194 O  O   . HOH D 4 .   ? 0.109   -3.884  -17.166 1.000 19.341 0 374 HOH A O   1 ? 
HETATM 1195 O  O   . HOH D 4 .   ? -7.521  -7.613  10.553  1.000 19.691 0 375 HOH A O   1 ? 
HETATM 1196 O  O   . HOH D 4 .   ? 3.121   17.011  -7.147  1.000 33.768 0 376 HOH A O   1 ? 
HETATM 1197 O  O   . HOH D 4 .   ? 10.072  -3.049  -0.437  1.000 36.490 0 377 HOH A O   1 ? 
HETATM 1198 O  O   . HOH D 4 .   ? 3.814   11.252  -10.759 1.000 21.588 0 378 HOH A O   1 ? 
HETATM 1199 O  O   . HOH D 4 .   ? -2.648  -7.364  -3.079  1.000 16.874 0 379 HOH A O   1 ? 
HETATM 1200 O  O   . HOH D 4 .   ? 3.577   18.067  12.147  1.000 28.139 0 380 HOH A O   1 ? 
HETATM 1201 O  O   . HOH D 4 .   ? -6.988  10.851  3.252   1.000 31.557 0 381 HOH A O   1 ? 
HETATM 1202 O  O   . HOH D 4 .   ? -9.507  -2.921  0.859   1.000 27.930 0 382 HOH A O   1 ? 
HETATM 1203 O  O   . HOH D 4 .   ? -9.795  11.064  -8.434  1.000 32.633 0 383 HOH A O   1 ? 
HETATM 1204 O  O   . HOH D 4 .   ? -7.720  5.998   -10.307 1.000 22.005 0 384 HOH A O   1 ? 
HETATM 1205 O  O   . HOH D 4 .   ? -6.796  -4.276  -8.258  1.000 22.485 0 385 HOH A O   1 ? 
HETATM 1206 O  O   . HOH D 4 .   ? -2.868  -11.898 5.912   1.000 16.535 0 386 HOH A O   1 ? 
HETATM 1207 O  O   . HOH D 4 .   ? -0.066  -8.028  15.069  1.000 25.198 0 387 HOH A O   1 ? 
HETATM 1208 O  O   . HOH D 4 .   ? 11.266  10.499  10.656  1.000 34.653 0 388 HOH A O   1 ? 
HETATM 1209 O  O   . HOH D 4 .   ? 9.409   0.450   12.907  1.000 28.667 0 389 HOH A O   1 ? 
HETATM 1210 O  O   . HOH D 4 .   ? 2.079   -5.281  11.613  1.000 27.498 0 390 HOH A O   1 ? 
HETATM 1211 O  O   . HOH D 4 .   ? -6.226  -10.332 18.376  1.000 28.717 0 391 HOH A O   1 ? 
HETATM 1212 O  O   . HOH D 4 .   ? -3.732  12.250  -11.560 1.000 24.894 0 392 HOH A O   1 ? 
HETATM 1213 O  O   . HOH D 4 .   ? 8.939   5.901   12.126  1.000 19.130 0 393 HOH A O   1 ? 
HETATM 1214 O  O   . HOH D 4 .   ? 10.204  1.559   3.692   1.000 28.007 0 394 HOH A O   1 ? 
HETATM 1215 O  O   . HOH D 4 .   ? 8.698   4.577   19.564  1.000 17.546 0 395 HOH A O   1 ? 
HETATM 1216 O  O   . HOH D 4 .   ? -9.882  -7.705  15.465  1.000 33.396 0 396 HOH A O   1 ? 
HETATM 1217 O  O   . HOH D 4 .   ? 10.269  -0.440  7.731   1.000 47.095 0 397 HOH A O   1 ? 
HETATM 1218 O  O   . HOH D 4 .   ? -2.736  -16.283 -6.950  1.000 21.445 0 398 HOH A O   1 ? 
HETATM 1219 O  O   . HOH D 4 .   ? -0.586  -8.780  8.059   1.000 23.270 0 399 HOH A O   1 ? 
HETATM 1220 O  O   . HOH D 4 .   ? -5.504  13.758  -9.157  1.000 27.412 0 400 HOH A O   1 ? 
HETATM 1221 O  O   . HOH D 4 .   ? 11.460  13.328  -4.940  1.000 31.929 0 401 HOH A O   1 ? 
HETATM 1222 O  O   . HOH D 4 .   ? 9.653   0.424   -3.137  1.000 36.500 0 402 HOH A O   1 ? 
HETATM 1223 O  O   . HOH D 4 .   ? -1.599  8.108   20.836  1.000 26.659 0 403 HOH A O   1 ? 
HETATM 1224 O  O   . HOH D 4 .   ? 4.783   13.731  -9.895  1.000 33.554 0 404 HOH A O   1 ? 
HETATM 1225 O  O   . HOH D 4 .   ? -4.041  -9.358  -0.172  1.000 16.719 0 405 HOH A O   1 ? 
HETATM 1226 O  O   . HOH D 4 .   ? 9.507   7.278   18.918  1.000 28.489 0 406 HOH A O   1 ? 
HETATM 1227 O  O   . HOH D 4 .   ? -8.453  -3.250  -10.216 1.000 22.838 0 407 HOH A O   1 ? 
HETATM 1228 O  O   . HOH D 4 .   ? -10.547 -1.408  -9.498  1.000 25.941 0 408 HOH A O   1 ? 
HETATM 1229 O  O   . HOH D 4 .   ? -1.845  -11.171 8.355   1.000 30.672 0 409 HOH A O   1 ? 
HETATM 1230 O  O   . HOH D 4 .   ? -11.801 -3.686  -7.598  1.000 32.902 0 410 HOH A O   1 ? 
HETATM 1231 O  O   . HOH D 4 .   ? 10.203  7.586   -7.763  1.000 20.473 0 411 HOH A O   1 ? 
HETATM 1232 O  O   . HOH D 4 .   ? 6.644   8.460   -13.238 1.000 22.960 0 412 HOH A O   1 ? 
HETATM 1233 O  O   . HOH D 4 .   ? -5.081  10.410  11.730  1.000 35.073 0 413 HOH A O   1 ? 
HETATM 1234 O  O   . HOH D 4 .   ? 11.105  4.480   13.068  1.000 30.192 0 414 HOH A O   1 ? 
HETATM 1235 O  O   . HOH D 4 .   ? 9.159   7.968   -12.068 1.000 24.773 0 415 HOH A O   1 ? 
HETATM 1236 O  O   . HOH D 4 .   ? -4.108  5.073   17.834  1.000 23.500 0 416 HOH A O   1 ? 
HETATM 1237 O  O   . HOH D 4 .   ? -9.037  -5.722  4.788   1.000 29.811 0 417 HOH A O   1 ? 
HETATM 1238 O  O   . HOH D 4 .   ? 4.488   19.736  4.512   1.000 33.150 0 418 HOH A O   1 ? 
HETATM 1239 O  O   . HOH D 4 .   ? -6.199  -17.665 -8.418  1.000 28.101 0 419 HOH A O   1 ? 
HETATM 1240 O  O   . HOH D 4 .   ? -9.196  -19.005 2.739   1.000 27.333 0 420 HOH A O   1 ? 
HETATM 1241 O  O   . HOH D 4 .   ? -10.049 13.730  -8.593  1.000 26.559 0 421 HOH A O   1 ? 
HETATM 1242 O  O   . HOH D 4 .   ? -9.719  -9.628  -2.952  1.000 28.484 0 422 HOH A O   1 ? 
HETATM 1243 O  O   . HOH D 4 .   ? -8.935  -9.529  0.142   1.000 23.352 0 423 HOH A O   1 ? 
HETATM 1244 O  O   . HOH D 4 .   ? 3.610   -6.544  5.060   1.000 26.880 0 424 HOH A O   1 ? 
HETATM 1245 O  O   . HOH D 4 .   ? -10.133 5.858   -11.691 1.000 32.249 0 425 HOH A O   1 ? 
HETATM 1246 O  O   . HOH D 4 .   ? 2.708   -6.219  14.164  1.000 29.179 0 426 HOH A O   1 ? 
HETATM 1247 O  O   . HOH D 4 .   ? 4.866   10.612  -13.208 1.000 25.744 0 427 HOH A O   1 ? 
HETATM 1248 O  O   . HOH D 4 .   ? 2.606   6.719   -18.164 1.000 25.983 0 428 HOH A O   1 ? 
HETATM 1249 O  O   . HOH D 4 .   ? 3.008   9.676   -15.178 1.000 30.012 0 429 HOH A O   1 ? 
# 
